data_3AEL
#
_entry.id   3AEL
#
_cell.length_a   98.965
_cell.length_b   85.220
_cell.length_c   114.253
_cell.angle_alpha   90.000
_cell.angle_beta   101.980
_cell.angle_gamma   90.000
#
_symmetry.space_group_name_H-M   'P 1 21 1'
#
loop_
_entity.id
_entity.type
_entity.pdbx_description
1 polymer 'Methionine gamma-lyase'
2 non-polymer '(2E)-2-{[(1E)-{3-hydroxy-2-methyl-5-[(phosphonooxy)methyl]pyridin-4-yl}methylidene]amino}but-2-enoic acid'
3 non-polymer METHANETHIOL
4 non-polymer 'SULFATE ION'
5 non-polymer GLYCEROL
6 non-polymer '(2E)-2-[({3-hydroxy-2-methyl-5-[(phosphonooxy)methyl]pyridin-4-yl}methyl)imino]-4-(methylsulfanyl)butanoic acid'
7 water water
#
_entity_poly.entity_id   1
_entity_poly.type   'polypeptide(L)'
_entity_poly.pdbx_seq_one_letter_code
;MTAQDITTTLLHPKGDHVLHSHAYPIFQTSTFCFDSTQQGADLFMGKGEGHIYSRLGNPTVEQFEEMVCSIEGAAGSAAF
GSGMGAISSSTLAFLQKGDHLIAGDTLYGCTVSLFTHWLPRFGIEVDLIDTSDVEKVKAAWKPNTKMVYLESPANPTCKV
SDIKGIAVVCHERGARLVVDATFTSPCFLKPLELGADIALHSVSKYINGHGDVIGGVSSAKTAEDIATIKFYRKDAGSLM
APMDAFLCARGMKTLPIRMQIHMENGLKVAKFLEQHEKIVKVNHPGLESFPGHDIAKKQMTGYGSTFLFEMKSFEAAKKL
MEHLKVCTLAVSLGCVDTLIEHPASMTHAAVPENIMRKQGITPELVRISVGIENVDDIIADLKQALELW
;
_entity_poly.pdbx_strand_id   A,B,C,D
#
loop_
_chem_comp.id
_chem_comp.type
_chem_comp.name
_chem_comp.formula
2LM non-polymer '(2E)-2-[({3-hydroxy-2-methyl-5-[(phosphonooxy)methyl]pyridin-4-yl}methyl)imino]-4-(methylsulfanyl)butanoic acid' 'C13 H19 N2 O7 P S'
4LM non-polymer '(2E)-2-{[(1E)-{3-hydroxy-2-methyl-5-[(phosphonooxy)methyl]pyridin-4-yl}methylidene]amino}but-2-enoic acid' 'C12 H15 N2 O7 P'
GOL non-polymer GLYCEROL 'C3 H8 O3'
MEE non-polymer METHANETHIOL 'C H4 S'
SO4 non-polymer 'SULFATE ION' 'O4 S -2'
#
# COMPACT_ATOMS: atom_id res chain seq x y z
N ALA A 3 0.59 37.06 -4.82
CA ALA A 3 1.15 35.78 -4.23
C ALA A 3 0.20 34.57 -4.43
N GLN A 4 0.79 33.47 -4.86
CA GLN A 4 0.04 32.26 -5.17
C GLN A 4 -0.67 31.72 -3.92
N ASP A 5 -1.89 31.20 -4.09
CA ASP A 5 -2.64 30.66 -2.95
C ASP A 5 -2.05 29.37 -2.40
N ILE A 6 -2.23 29.16 -1.09
CA ILE A 6 -1.76 27.90 -0.47
C ILE A 6 -2.38 26.64 -1.10
N THR A 7 -3.63 26.74 -1.58
CA THR A 7 -4.22 25.59 -2.26
C THR A 7 -3.35 25.23 -3.46
N THR A 8 -2.94 26.25 -4.23
CA THR A 8 -2.17 26.02 -5.43
C THR A 8 -0.78 25.47 -5.09
N THR A 9 -0.13 26.06 -4.10
CA THR A 9 1.19 25.58 -3.63
C THR A 9 1.23 24.10 -3.24
N LEU A 10 0.23 23.66 -2.49
CA LEU A 10 0.19 22.27 -2.02
C LEU A 10 -0.05 21.29 -3.17
N LEU A 11 -0.73 21.78 -4.19
CA LEU A 11 -1.04 20.97 -5.37
C LEU A 11 0.09 20.92 -6.39
N HIS A 12 1.06 21.85 -6.23
CA HIS A 12 2.20 22.01 -7.15
C HIS A 12 3.53 22.15 -6.41
N PRO A 13 3.92 21.08 -5.69
CA PRO A 13 5.10 21.21 -4.82
C PRO A 13 6.38 21.20 -5.68
N LYS A 14 7.40 21.93 -5.25
CA LYS A 14 8.63 21.96 -6.04
C LYS A 14 9.24 20.54 -6.12
N GLY A 15 10.02 20.28 -7.14
CA GLY A 15 10.68 18.98 -7.29
C GLY A 15 10.48 18.48 -8.70
N ASP A 16 11.39 17.64 -9.18
CA ASP A 16 11.22 17.03 -10.50
C ASP A 16 10.25 15.86 -10.34
N HIS A 17 9.52 15.56 -11.41
CA HIS A 17 8.75 14.34 -11.48
C HIS A 17 9.73 13.18 -11.62
N VAL A 18 9.30 11.99 -11.21
CA VAL A 18 10.12 10.82 -11.30
C VAL A 18 9.58 9.96 -12.44
N LEU A 19 10.42 9.71 -13.45
CA LEU A 19 10.02 8.98 -14.66
C LEU A 19 8.72 9.52 -15.29
N HIS A 20 8.58 10.85 -15.28
CA HIS A 20 7.43 11.59 -15.77
C HIS A 20 6.09 11.27 -15.06
N SER A 21 6.15 10.53 -13.96
CA SER A 21 4.94 10.22 -13.20
C SER A 21 4.26 11.49 -12.73
N HIS A 22 2.94 11.56 -12.93
CA HIS A 22 2.15 12.68 -12.41
C HIS A 22 2.06 12.60 -10.88
N ALA A 23 1.60 11.50 -10.33
CA ALA A 23 1.67 11.34 -8.87
C ALA A 23 3.09 10.93 -8.48
N TYR A 24 3.54 11.40 -7.32
CA TYR A 24 4.88 11.09 -6.88
C TYR A 24 4.94 9.61 -6.44
N PRO A 25 5.90 8.82 -6.97
CA PRO A 25 5.91 7.39 -6.63
C PRO A 25 6.15 7.06 -5.15
N ILE A 26 5.84 5.83 -4.78
CA ILE A 26 6.06 5.38 -3.42
C ILE A 26 7.37 4.62 -3.43
N PHE A 27 8.38 5.23 -2.78
CA PHE A 27 9.70 4.59 -2.71
C PHE A 27 9.76 3.60 -1.56
N GLN A 28 9.05 2.48 -1.74
CA GLN A 28 9.04 1.39 -0.77
C GLN A 28 10.35 0.61 -0.88
N THR A 29 11.40 1.23 -0.32
CA THR A 29 12.76 0.70 -0.40
C THR A 29 13.45 0.95 0.93
N SER A 30 14.39 0.09 1.29
CA SER A 30 15.22 0.43 2.44
C SER A 30 16.46 1.15 1.90
N THR A 31 17.12 0.58 0.89
CA THR A 31 18.40 1.15 0.42
C THR A 31 18.42 1.74 -1.02
N PHE A 32 19.52 2.44 -1.34
CA PHE A 32 19.74 3.06 -2.66
C PHE A 32 21.10 2.64 -3.19
N CYS A 33 21.25 2.60 -4.52
CA CYS A 33 22.49 2.15 -5.16
C CYS A 33 23.46 3.30 -5.39
N PHE A 34 24.75 2.97 -5.30
CA PHE A 34 25.80 3.94 -5.58
C PHE A 34 26.38 3.68 -6.96
N ASP A 35 26.71 4.75 -7.68
CA ASP A 35 27.42 4.62 -8.97
C ASP A 35 28.87 4.16 -8.81
N SER A 36 29.47 4.49 -7.67
CA SER A 36 30.91 4.33 -7.47
C SER A 36 31.17 4.46 -5.99
N THR A 37 32.37 4.07 -5.54
CA THR A 37 32.63 4.22 -4.11
C THR A 37 32.71 5.71 -3.71
N GLN A 38 33.27 6.54 -4.61
CA GLN A 38 33.38 7.98 -4.40
C GLN A 38 32.01 8.68 -4.30
N GLN A 39 31.12 8.33 -5.23
CA GLN A 39 29.78 8.90 -5.20
C GLN A 39 29.07 8.58 -3.88
N GLY A 40 29.23 7.34 -3.40
CA GLY A 40 28.67 6.93 -2.09
C GLY A 40 29.35 7.63 -0.92
N ALA A 41 30.67 7.67 -0.97
CA ALA A 41 31.46 8.28 0.09
C ALA A 41 31.05 9.74 0.27
N ASP A 42 30.93 10.44 -0.86
CA ASP A 42 30.52 11.84 -0.92
C ASP A 42 29.12 12.07 -0.32
N LEU A 43 28.17 11.21 -0.66
CA LEU A 43 26.81 11.36 -0.13
C LEU A 43 26.86 11.27 1.39
N PHE A 44 27.70 10.37 1.92
CA PHE A 44 27.85 10.26 3.37
C PHE A 44 28.47 11.50 4.02
N MET A 45 29.25 12.24 3.24
CA MET A 45 29.83 13.53 3.67
C MET A 45 28.90 14.70 3.42
N GLY A 46 27.71 14.43 2.88
CA GLY A 46 26.77 15.48 2.54
C GLY A 46 27.15 16.19 1.25
N LYS A 47 27.94 15.54 0.41
CA LYS A 47 28.40 16.16 -0.81
C LYS A 47 27.67 15.52 -2.02
N GLY A 48 27.11 16.37 -2.87
CA GLY A 48 26.36 15.93 -4.05
C GLY A 48 24.89 15.66 -3.76
N GLU A 49 24.16 15.25 -4.80
CA GLU A 49 22.71 15.03 -4.70
C GLU A 49 22.40 13.54 -4.83
N GLY A 50 21.44 13.07 -4.06
CA GLY A 50 21.10 11.66 -4.09
C GLY A 50 20.74 11.11 -2.73
N HIS A 51 20.49 9.81 -2.72
CA HIS A 51 20.00 9.13 -1.53
C HIS A 51 20.91 7.95 -1.18
N ILE A 52 20.80 7.50 0.08
CA ILE A 52 21.65 6.47 0.65
C ILE A 52 20.78 5.32 1.21
N TYR A 53 19.80 5.66 2.05
CA TYR A 53 19.12 4.71 2.92
C TYR A 53 17.94 5.45 3.52
N SER A 54 16.77 4.83 3.53
CA SER A 54 15.53 5.57 3.84
C SER A 54 15.46 6.23 5.23
N ARG A 55 16.08 5.60 6.24
CA ARG A 55 16.19 6.26 7.55
C ARG A 55 16.88 7.62 7.42
N LEU A 56 17.86 7.75 6.51
CA LEU A 56 18.55 9.06 6.31
C LEU A 56 17.74 10.00 5.42
N GLY A 57 17.02 9.44 4.46
CA GLY A 57 16.24 10.24 3.51
C GLY A 57 15.53 9.33 2.51
N ASN A 58 14.22 9.48 2.43
CA ASN A 58 13.43 8.72 1.45
C ASN A 58 12.73 9.73 0.53
N PRO A 59 12.78 9.52 -0.81
CA PRO A 59 12.21 10.55 -1.68
C PRO A 59 10.71 10.84 -1.42
N THR A 60 9.92 9.80 -1.11
CA THR A 60 8.49 10.04 -0.93
C THR A 60 8.26 10.84 0.35
N VAL A 61 9.01 10.49 1.38
CA VAL A 61 8.91 11.21 2.66
C VAL A 61 9.37 12.67 2.49
N GLU A 62 10.49 12.87 1.79
CA GLU A 62 10.98 14.23 1.53
C GLU A 62 9.99 15.12 0.76
N GLN A 63 9.21 14.52 -0.14
CA GLN A 63 8.14 15.24 -0.85
C GLN A 63 7.12 15.80 0.13
N PHE A 64 6.71 14.97 1.07
CA PHE A 64 5.75 15.39 2.10
C PHE A 64 6.39 16.47 3.00
N GLU A 65 7.67 16.27 3.37
CA GLU A 65 8.36 17.27 4.20
C GLU A 65 8.39 18.64 3.49
N GLU A 66 8.63 18.61 2.17
CA GLU A 66 8.67 19.90 1.39
C GLU A 66 7.32 20.60 1.40
N MET A 67 6.25 19.83 1.30
CA MET A 67 4.90 20.41 1.36
C MET A 67 4.65 21.13 2.69
N VAL A 68 4.97 20.47 3.78
CA VAL A 68 4.81 21.12 5.11
C VAL A 68 5.70 22.35 5.25
N CYS A 69 6.96 22.19 4.86
CA CYS A 69 7.92 23.28 4.93
C CYS A 69 7.39 24.51 4.17
N SER A 70 6.79 24.28 2.99
CA SER A 70 6.24 25.35 2.17
C SER A 70 5.10 26.06 2.90
N ILE A 71 4.27 25.36 3.65
CA ILE A 71 3.15 26.08 4.28
C ILE A 71 3.61 26.72 5.61
N GLU A 72 4.59 26.11 6.27
CA GLU A 72 5.08 26.66 7.55
C GLU A 72 5.96 27.89 7.36
N GLY A 73 6.56 28.01 6.18
CA GLY A 73 7.53 29.08 5.92
C GLY A 73 8.82 28.76 6.65
N ALA A 74 9.19 27.48 6.71
CA ALA A 74 10.35 27.04 7.48
C ALA A 74 11.65 26.93 6.66
N ALA A 75 12.78 26.71 7.34
CA ALA A 75 14.05 26.38 6.65
C ALA A 75 14.02 24.91 6.21
N GLY A 76 13.27 24.08 6.94
CA GLY A 76 13.13 22.66 6.57
C GLY A 76 12.16 21.94 7.48
N SER A 77 11.68 20.77 7.05
CA SER A 77 10.76 19.95 7.84
C SER A 77 11.25 18.51 7.92
N ALA A 78 10.89 17.84 9.02
CA ALA A 78 11.23 16.42 9.24
C ALA A 78 9.94 15.68 9.56
N ALA A 79 9.68 14.59 8.84
CA ALA A 79 8.49 13.79 9.11
C ALA A 79 8.85 12.63 10.05
N PHE A 80 7.90 12.15 10.84
CA PHE A 80 8.12 11.09 11.87
C PHE A 80 7.00 10.05 11.84
N GLY A 81 7.21 8.92 12.53
CA GLY A 81 6.24 7.87 12.70
C GLY A 81 4.99 8.29 13.46
N SER A 82 5.04 9.39 14.21
CA SER A 82 3.87 9.85 15.00
C SER A 82 4.13 11.30 15.45
N GLY A 83 3.08 12.02 15.85
CA GLY A 83 3.22 13.30 16.55
C GLY A 83 4.16 13.16 17.75
N MET A 84 4.02 12.09 18.52
CA MET A 84 4.93 11.88 19.65
C MET A 84 6.38 11.74 19.21
N GLY A 85 6.66 11.08 18.06
CA GLY A 85 8.03 11.09 17.49
C GLY A 85 8.52 12.51 17.18
N ALA A 86 7.62 13.34 16.64
CA ALA A 86 7.97 14.73 16.32
C ALA A 86 8.26 15.52 17.62
N ILE A 87 7.43 15.35 18.64
CA ILE A 87 7.58 16.07 19.91
C ILE A 87 8.86 15.65 20.65
N SER A 88 9.07 14.34 20.74
CA SER A 88 10.30 13.80 21.29
C SER A 88 11.56 14.34 20.61
N SER A 89 11.54 14.29 19.28
CA SER A 89 12.71 14.71 18.49
C SER A 89 12.89 16.23 18.45
N SER A 90 11.86 17.00 18.81
CA SER A 90 11.95 18.47 18.77
C SER A 90 12.35 19.01 20.16
N THR A 91 12.36 18.14 21.15
CA THR A 91 12.69 18.57 22.49
C THR A 91 14.01 17.90 22.89
N LEU A 92 14.05 16.58 22.86
CA LEU A 92 15.26 15.87 23.27
C LEU A 92 16.43 16.04 22.28
N ALA A 93 16.19 16.57 21.09
CA ALA A 93 17.32 16.87 20.21
C ALA A 93 18.13 18.05 20.72
N PHE A 94 17.52 18.86 21.60
CA PHE A 94 18.18 20.08 22.09
C PHE A 94 18.46 20.06 23.57
N LEU A 95 17.53 19.50 24.35
CA LEU A 95 17.64 19.60 25.81
C LEU A 95 18.60 18.52 26.31
N GLN A 96 19.47 18.89 27.26
CA GLN A 96 20.32 17.89 27.89
C GLN A 96 20.32 18.08 29.41
N LYS A 97 20.97 17.15 30.09
CA LYS A 97 21.02 17.14 31.54
C LYS A 97 21.45 18.54 32.02
N GLY A 98 20.75 19.08 33.01
CA GLY A 98 21.12 20.42 33.51
C GLY A 98 20.29 21.54 32.89
N ASP A 99 19.66 21.26 31.73
CA ASP A 99 18.77 22.25 31.09
C ASP A 99 17.39 22.29 31.79
N HIS A 100 16.66 23.37 31.55
CA HIS A 100 15.32 23.53 32.10
C HIS A 100 14.33 23.82 30.97
N LEU A 101 13.17 23.19 31.05
CA LEU A 101 12.07 23.36 30.12
C LEU A 101 10.88 23.94 30.88
N ILE A 102 10.28 25.00 30.34
CA ILE A 102 8.94 25.47 30.74
C ILE A 102 7.94 24.97 29.69
N ALA A 103 6.91 24.26 30.12
CA ALA A 103 5.90 23.76 29.16
C ALA A 103 4.52 24.16 29.67
N GLY A 104 3.54 24.29 28.78
CA GLY A 104 2.16 24.62 29.20
C GLY A 104 1.62 23.55 30.15
N ASP A 105 0.71 23.95 31.06
CA ASP A 105 0.19 22.98 32.00
C ASP A 105 -0.97 22.18 31.40
N THR A 106 -1.45 22.56 30.22
CA THR A 106 -2.54 21.83 29.56
C THR A 106 -2.00 21.31 28.27
N LEU A 107 -1.72 20.03 28.24
CA LEU A 107 -1.09 19.45 27.06
C LEU A 107 -1.74 18.14 26.83
N TYR A 108 -1.66 17.69 25.58
CA TYR A 108 -2.01 16.35 25.23
C TYR A 108 -1.41 15.34 26.27
N GLY A 109 -2.19 14.32 26.63
CA GLY A 109 -1.79 13.39 27.72
C GLY A 109 -0.41 12.78 27.62
N CYS A 110 -0.05 12.24 26.44
CA CYS A 110 1.26 11.58 26.25
C CYS A 110 2.41 12.60 26.24
N THR A 111 2.11 13.84 25.88
CA THR A 111 3.12 14.90 26.02
C THR A 111 3.38 15.11 27.52
N VAL A 112 2.31 15.12 28.32
CA VAL A 112 2.51 15.21 29.77
C VAL A 112 3.36 14.02 30.27
N SER A 113 3.08 12.83 29.74
CA SER A 113 3.84 11.62 30.13
C SER A 113 5.33 11.78 29.76
N LEU A 114 5.61 12.23 28.54
CA LEU A 114 6.98 12.42 28.09
C LEU A 114 7.75 13.40 28.98
N PHE A 115 7.13 14.55 29.29
CA PHE A 115 7.83 15.65 29.96
C PHE A 115 7.94 15.38 31.44
N THR A 116 7.01 14.60 31.93
CA THR A 116 6.87 14.41 33.36
C THR A 116 7.52 13.08 33.80
N HIS A 117 7.55 12.11 32.91
CA HIS A 117 8.18 10.84 33.31
C HIS A 117 9.58 10.67 32.70
N TRP A 118 9.72 10.90 31.40
CA TRP A 118 10.99 10.61 30.75
C TRP A 118 12.02 11.74 30.86
N LEU A 119 11.63 12.98 30.59
CA LEU A 119 12.62 14.07 30.67
C LEU A 119 13.41 14.18 31.99
N PRO A 120 12.73 14.10 33.16
CA PRO A 120 13.44 14.13 34.43
C PRO A 120 14.41 12.96 34.62
N ARG A 121 14.14 11.82 33.98
CA ARG A 121 15.06 10.67 34.09
C ARG A 121 16.37 10.96 33.34
N PHE A 122 16.30 11.90 32.40
CA PHE A 122 17.46 12.32 31.60
C PHE A 122 18.10 13.62 32.15
N GLY A 123 17.69 14.01 33.38
CA GLY A 123 18.35 15.05 34.15
C GLY A 123 17.94 16.41 33.66
N ILE A 124 16.81 16.46 32.95
CA ILE A 124 16.24 17.71 32.45
C ILE A 124 15.16 18.15 33.43
N GLU A 125 15.23 19.41 33.87
CA GLU A 125 14.29 20.00 34.78
C GLU A 125 13.09 20.53 34.02
N VAL A 126 11.90 20.23 34.51
CA VAL A 126 10.69 20.56 33.78
C VAL A 126 9.69 21.25 34.72
N ASP A 127 9.16 22.40 34.33
CA ASP A 127 7.99 22.93 35.02
C ASP A 127 6.79 23.07 34.07
N LEU A 128 5.62 22.64 34.50
CA LEU A 128 4.40 22.91 33.73
C LEU A 128 3.74 24.16 34.30
N ILE A 129 3.49 25.14 33.44
CA ILE A 129 3.15 26.50 33.87
C ILE A 129 1.90 26.94 33.13
N ASP A 130 1.11 27.81 33.74
CA ASP A 130 0.01 28.38 32.99
C ASP A 130 0.54 29.40 31.97
N THR A 131 0.69 28.97 30.70
CA THR A 131 1.33 29.81 29.68
C THR A 131 0.37 30.83 29.06
N SER A 132 -0.88 30.85 29.53
CA SER A 132 -1.83 31.87 29.12
C SER A 132 -1.51 33.17 29.83
N ASP A 133 -0.56 33.14 30.78
CA ASP A 133 -0.13 34.36 31.48
C ASP A 133 1.39 34.50 31.33
N VAL A 134 1.82 35.47 30.51
CA VAL A 134 3.25 35.67 30.24
C VAL A 134 4.04 35.95 31.53
N GLU A 135 3.39 36.61 32.49
CA GLU A 135 4.05 36.92 33.76
C GLU A 135 4.40 35.67 34.55
N LYS A 136 3.55 34.66 34.49
CA LYS A 136 3.85 33.37 35.11
C LYS A 136 4.99 32.64 34.39
N VAL A 137 5.05 32.79 33.07
CA VAL A 137 6.19 32.24 32.33
C VAL A 137 7.51 32.92 32.78
N LYS A 138 7.50 34.24 32.84
CA LYS A 138 8.69 34.97 33.31
C LYS A 138 9.05 34.58 34.75
N ALA A 139 8.04 34.46 35.61
CA ALA A 139 8.33 34.14 37.02
C ALA A 139 8.95 32.74 37.14
N ALA A 140 8.66 31.84 36.19
CA ALA A 140 9.20 30.46 36.19
C ALA A 140 10.58 30.34 35.55
N TRP A 141 11.07 31.43 34.99
CA TRP A 141 12.32 31.43 34.24
C TRP A 141 13.53 31.26 35.16
N LYS A 142 14.54 30.50 34.74
CA LYS A 142 15.76 30.27 35.52
C LYS A 142 16.97 30.54 34.63
N PRO A 143 18.18 30.65 35.22
CA PRO A 143 19.36 30.90 34.39
C PRO A 143 19.59 29.80 33.36
N ASN A 144 19.13 28.57 33.65
CA ASN A 144 19.36 27.43 32.75
C ASN A 144 18.14 27.07 31.86
N THR A 145 17.12 27.93 31.84
CA THR A 145 15.97 27.71 30.94
C THR A 145 16.45 27.78 29.48
N LYS A 146 16.19 26.72 28.72
CA LYS A 146 16.62 26.57 27.32
C LYS A 146 15.48 26.44 26.31
N MET A 147 14.27 26.18 26.83
CA MET A 147 13.14 25.94 25.92
C MET A 147 11.82 26.26 26.60
N VAL A 148 10.88 26.75 25.81
CA VAL A 148 9.47 26.86 26.21
C VAL A 148 8.72 26.05 25.16
N TYR A 149 7.80 25.21 25.61
CA TYR A 149 6.99 24.39 24.73
C TYR A 149 5.53 24.69 25.03
N LEU A 150 4.77 25.04 23.96
CA LEU A 150 3.35 25.46 24.07
C LEU A 150 2.50 24.64 23.12
N GLU A 151 1.26 24.36 23.52
CA GLU A 151 0.20 23.92 22.63
C GLU A 151 -0.82 24.99 22.77
N SER A 152 -1.27 25.58 21.69
CA SER A 152 -2.32 26.60 21.78
C SER A 152 -3.09 26.58 20.47
N PRO A 153 -4.43 26.43 20.53
CA PRO A 153 -5.28 26.15 21.70
C PRO A 153 -4.93 24.75 22.21
N ALA A 154 -4.94 24.58 23.52
CA ALA A 154 -4.49 23.35 24.18
C ALA A 154 -5.50 22.21 24.02
N ASN A 155 -4.99 20.97 24.02
CA ASN A 155 -5.81 19.76 23.92
C ASN A 155 -6.02 19.26 25.36
N PRO A 156 -7.28 19.25 25.85
CA PRO A 156 -8.51 19.42 25.09
C PRO A 156 -9.30 20.70 25.42
N THR A 157 -8.82 21.54 26.34
CA THR A 157 -9.63 22.66 26.87
C THR A 157 -9.62 23.92 25.98
N CYS A 158 -8.80 23.89 24.94
CA CYS A 158 -8.64 25.02 24.02
C CYS A 158 -8.00 26.27 24.66
N LYS A 159 -7.40 26.08 25.83
CA LYS A 159 -6.77 27.21 26.50
C LYS A 159 -5.76 27.86 25.56
N VAL A 160 -5.81 29.20 25.48
CA VAL A 160 -4.98 29.95 24.53
C VAL A 160 -3.76 30.57 25.24
N SER A 161 -2.58 30.36 24.68
CA SER A 161 -1.37 31.08 25.13
C SER A 161 -0.98 32.18 24.16
N ASP A 162 -0.34 33.21 24.72
CA ASP A 162 0.12 34.34 23.93
C ASP A 162 1.48 33.96 23.35
N ILE A 163 1.47 33.40 22.15
CA ILE A 163 2.66 32.84 21.54
C ILE A 163 3.65 33.98 21.23
N LYS A 164 3.13 35.05 20.65
CA LYS A 164 3.97 36.18 20.31
C LYS A 164 4.67 36.77 21.53
N GLY A 165 3.91 37.01 22.60
CA GLY A 165 4.44 37.64 23.81
C GLY A 165 5.48 36.73 24.45
N ILE A 166 5.19 35.45 24.50
CA ILE A 166 6.16 34.51 25.06
C ILE A 166 7.43 34.44 24.18
N ALA A 167 7.26 34.45 22.85
CA ALA A 167 8.42 34.40 21.93
C ALA A 167 9.42 35.55 22.19
N VAL A 168 8.91 36.74 22.48
CA VAL A 168 9.76 37.87 22.85
C VAL A 168 10.70 37.49 24.01
N VAL A 169 10.12 36.91 25.08
CA VAL A 169 10.92 36.52 26.24
C VAL A 169 11.96 35.45 25.86
N CYS A 170 11.55 34.42 25.12
CA CYS A 170 12.50 33.41 24.63
C CYS A 170 13.67 34.03 23.83
N HIS A 171 13.34 34.95 22.92
CA HIS A 171 14.35 35.55 22.07
C HIS A 171 15.30 36.41 22.89
N GLU A 172 14.81 37.11 23.92
CA GLU A 172 15.69 37.96 24.74
C GLU A 172 16.60 37.11 25.61
N ARG A 173 16.20 35.87 25.91
CA ARG A 173 16.93 35.11 26.92
C ARG A 173 17.60 33.85 26.39
N GLY A 174 17.59 33.64 25.08
CA GLY A 174 18.33 32.50 24.53
C GLY A 174 17.62 31.14 24.68
N ALA A 175 16.29 31.14 24.71
CA ALA A 175 15.52 29.89 24.76
C ALA A 175 14.82 29.64 23.42
N ARG A 176 14.74 28.38 23.02
CA ARG A 176 13.95 28.01 21.85
C ARG A 176 12.48 27.97 22.22
N LEU A 177 11.63 28.48 21.34
CA LEU A 177 10.18 28.32 21.47
C LEU A 177 9.68 27.26 20.50
N VAL A 178 9.06 26.22 21.08
CA VAL A 178 8.48 25.13 20.31
C VAL A 178 6.96 25.16 20.48
N VAL A 179 6.21 25.07 19.36
CA VAL A 179 4.75 25.16 19.39
C VAL A 179 4.17 23.96 18.65
N ASP A 180 3.29 23.24 19.34
CA ASP A 180 2.48 22.17 18.77
C ASP A 180 1.17 22.79 18.30
N ALA A 181 1.06 22.89 16.98
CA ALA A 181 -0.06 23.55 16.32
C ALA A 181 -1.07 22.53 15.76
N THR A 182 -1.00 21.29 16.25
CA THR A 182 -1.86 20.19 15.79
C THR A 182 -3.36 20.59 15.72
N PHE A 183 -3.86 21.24 16.77
CA PHE A 183 -5.30 21.53 16.90
C PHE A 183 -5.85 22.50 15.85
N THR A 184 -4.96 23.28 15.25
CA THR A 184 -5.36 24.37 14.39
C THR A 184 -5.01 24.16 12.92
N SER A 185 -3.92 23.42 12.67
CA SER A 185 -3.35 23.16 11.35
C SER A 185 -2.54 24.34 10.88
N PRO A 186 -1.60 24.09 9.95
CA PRO A 186 -0.78 25.14 9.40
C PRO A 186 -1.54 26.09 8.46
N CYS A 187 -2.79 25.78 8.10
CA CYS A 187 -3.59 26.76 7.37
C CYS A 187 -3.91 27.99 8.20
N PHE A 188 -4.09 27.81 9.51
CA PHE A 188 -4.62 28.88 10.38
C PHE A 188 -3.65 29.34 11.46
N LEU A 189 -2.65 28.52 11.77
CA LEU A 189 -1.66 28.85 12.79
C LEU A 189 -0.29 28.58 12.21
N LYS A 190 0.53 29.63 12.15
CA LYS A 190 1.89 29.50 11.61
C LYS A 190 2.84 29.99 12.67
N PRO A 191 3.25 29.10 13.58
CA PRO A 191 4.00 29.60 14.74
C PRO A 191 5.32 30.30 14.39
N LEU A 192 5.96 29.84 13.31
CA LEU A 192 7.20 30.50 12.86
C LEU A 192 6.97 31.95 12.47
N GLU A 193 5.78 32.31 12.02
CA GLU A 193 5.50 33.75 11.80
C GLU A 193 5.22 34.49 13.09
N LEU A 194 5.00 33.77 14.20
CA LEU A 194 4.70 34.48 15.46
C LEU A 194 5.93 34.57 16.36
N GLY A 195 7.07 34.06 15.87
CA GLY A 195 8.29 34.05 16.69
C GLY A 195 8.77 32.69 17.21
N ALA A 196 8.03 31.61 16.96
CA ALA A 196 8.50 30.28 17.37
C ALA A 196 9.74 29.88 16.58
N ASP A 197 10.57 29.04 17.17
CA ASP A 197 11.70 28.44 16.47
C ASP A 197 11.35 27.14 15.77
N ILE A 198 10.37 26.43 16.34
CA ILE A 198 9.96 25.12 15.85
C ILE A 198 8.43 25.03 15.92
N ALA A 199 7.82 24.54 14.84
CA ALA A 199 6.39 24.32 14.77
C ALA A 199 6.18 22.88 14.44
N LEU A 200 5.31 22.19 15.17
CA LEU A 200 5.15 20.76 14.92
C LEU A 200 3.68 20.35 14.96
N HIS A 201 3.40 19.19 14.40
CA HIS A 201 2.05 18.65 14.33
C HIS A 201 2.04 17.16 14.48
N SER A 202 0.98 16.67 15.10
CA SER A 202 0.56 15.31 14.82
C SER A 202 -0.13 15.37 13.45
N VAL A 203 0.54 14.83 12.44
CA VAL A 203 -0.04 14.72 11.08
C VAL A 203 -1.22 13.75 11.07
N SER A 204 -1.27 12.82 12.04
CA SER A 204 -2.42 11.94 12.31
C SER A 204 -3.80 12.61 12.33
N LYS A 205 -3.81 13.90 12.62
CA LYS A 205 -5.06 14.64 12.80
C LYS A 205 -5.37 15.36 11.50
N TYR A 206 -5.42 16.69 11.51
CA TYR A 206 -5.88 17.44 10.31
C TYR A 206 -5.02 17.28 9.06
N ILE A 207 -3.69 17.30 9.21
CA ILE A 207 -2.90 17.38 7.98
C ILE A 207 -3.21 16.21 7.04
N ASN A 208 -3.13 14.99 7.56
CA ASN A 208 -3.54 13.84 6.81
C ASN A 208 -5.07 13.88 6.64
N GLY A 209 -5.80 14.08 7.74
CA GLY A 209 -7.23 14.35 7.65
C GLY A 209 -8.14 13.13 7.48
N HIS A 210 -7.59 11.95 7.18
CA HIS A 210 -8.42 10.85 6.71
C HIS A 210 -8.49 9.69 7.70
N GLY A 211 -7.92 9.92 8.87
CA GLY A 211 -7.99 8.92 9.98
C GLY A 211 -7.37 7.57 9.68
N ASP A 212 -6.38 7.54 8.79
CA ASP A 212 -5.84 6.26 8.36
C ASP A 212 -4.32 6.22 8.42
N VAL A 213 -3.71 7.25 9.03
CA VAL A 213 -2.26 7.25 9.23
C VAL A 213 -1.94 7.84 10.59
N ILE A 214 -0.92 7.31 11.24
CA ILE A 214 -0.30 8.02 12.37
C ILE A 214 1.04 8.60 11.90
N GLY A 215 1.26 9.89 12.12
CA GLY A 215 2.51 10.48 11.72
C GLY A 215 2.73 11.82 12.38
N GLY A 216 3.95 12.34 12.26
CA GLY A 216 4.28 13.60 12.87
C GLY A 216 5.16 14.40 11.94
N VAL A 217 5.24 15.70 12.18
CA VAL A 217 6.13 16.52 11.41
C VAL A 217 6.60 17.66 12.30
N SER A 218 7.85 18.07 12.11
CA SER A 218 8.39 19.25 12.81
C SER A 218 9.17 20.09 11.82
N SER A 219 8.98 21.42 11.90
CA SER A 219 9.61 22.36 10.99
C SER A 219 10.38 23.43 11.78
N ALA A 220 11.59 23.78 11.35
CA ALA A 220 12.44 24.69 12.10
C ALA A 220 12.68 25.94 11.29
N LYS A 221 12.80 27.06 12.00
CA LYS A 221 13.10 28.35 11.40
C LYS A 221 14.54 28.37 10.79
N THR A 222 15.49 27.58 11.32
CA THR A 222 16.89 27.59 10.84
C THR A 222 17.35 26.24 10.31
N ALA A 223 18.27 26.30 9.36
CA ALA A 223 18.79 25.11 8.73
C ALA A 223 19.51 24.27 9.80
N GLU A 224 20.26 24.95 10.66
CA GLU A 224 20.94 24.26 11.75
C GLU A 224 19.99 23.44 12.66
N ASP A 225 18.87 24.03 13.03
CA ASP A 225 17.94 23.33 13.93
C ASP A 225 17.26 22.15 13.24
N ILE A 226 16.85 22.31 11.97
CA ILE A 226 16.27 21.14 11.29
C ILE A 226 17.33 20.03 11.07
N ALA A 227 18.59 20.40 10.83
CA ALA A 227 19.63 19.41 10.70
C ALA A 227 19.84 18.60 12.01
N THR A 228 19.77 19.30 13.15
CA THR A 228 19.90 18.69 14.47
C THR A 228 18.74 17.75 14.74
N ILE A 229 17.52 18.20 14.44
CA ILE A 229 16.32 17.35 14.55
C ILE A 229 16.47 16.06 13.74
N LYS A 230 16.88 16.16 12.48
CA LYS A 230 17.10 14.96 11.64
C LYS A 230 18.26 14.06 12.10
N PHE A 231 19.28 14.67 12.68
CA PHE A 231 20.36 13.94 13.31
C PHE A 231 19.84 13.12 14.48
N TYR A 232 19.04 13.72 15.34
CA TYR A 232 18.37 12.97 16.39
C TYR A 232 17.48 11.83 15.85
N ARG A 233 16.64 12.14 14.86
CA ARG A 233 15.75 11.16 14.20
C ARG A 233 16.53 9.95 13.70
N LYS A 234 17.71 10.24 13.15
CA LYS A 234 18.54 9.19 12.57
C LYS A 234 18.93 8.15 13.65
N ASP A 235 19.11 8.62 14.88
CA ASP A 235 19.49 7.71 15.96
C ASP A 235 18.34 7.24 16.82
N ALA A 236 17.28 8.06 16.95
CA ALA A 236 16.11 7.67 17.74
C ALA A 236 15.12 6.87 16.92
N GLY A 237 15.08 7.12 15.60
CA GLY A 237 14.46 6.16 14.67
C GLY A 237 12.95 6.21 14.47
N SER A 238 12.31 7.34 14.82
CA SER A 238 10.88 7.52 14.53
C SER A 238 10.69 8.00 13.12
N LEU A 239 10.39 7.08 12.20
CA LEU A 239 10.32 7.45 10.79
C LEU A 239 8.89 7.38 10.25
N MET A 240 8.60 8.21 9.28
CA MET A 240 7.37 8.06 8.52
C MET A 240 7.66 7.05 7.40
N ALA A 241 6.83 6.00 7.31
CA ALA A 241 6.94 4.99 6.25
C ALA A 241 6.61 5.61 4.89
N PRO A 242 7.23 5.09 3.80
CA PRO A 242 6.95 5.61 2.46
C PRO A 242 5.46 5.56 2.11
N MET A 243 4.75 4.46 2.42
CA MET A 243 3.32 4.42 2.13
C MET A 243 2.57 5.52 2.92
N ASP A 244 2.92 5.67 4.19
CA ASP A 244 2.24 6.68 5.01
C ASP A 244 2.52 8.07 4.50
N ALA A 245 3.74 8.30 4.03
CA ALA A 245 4.05 9.64 3.47
C ALA A 245 3.27 9.91 2.18
N PHE A 246 3.14 8.89 1.35
CA PHE A 246 2.29 8.98 0.15
C PHE A 246 0.86 9.35 0.59
N LEU A 247 0.32 8.66 1.59
CA LEU A 247 -1.05 9.00 2.09
C LEU A 247 -1.14 10.37 2.72
N CYS A 248 -0.12 10.77 3.50
CA CYS A 248 -0.17 12.11 4.13
C CYS A 248 -0.08 13.19 3.08
N ALA A 249 0.74 12.99 2.04
CA ALA A 249 0.83 14.01 0.98
C ALA A 249 -0.49 14.09 0.25
N ARG A 250 -1.10 12.94 0.03
CA ARG A 250 -2.38 12.87 -0.66
C ARG A 250 -3.49 13.57 0.18
N GLY A 251 -3.53 13.28 1.47
CA GLY A 251 -4.55 13.95 2.35
C GLY A 251 -4.33 15.46 2.34
N MET A 252 -3.06 15.85 2.37
CA MET A 252 -2.75 17.28 2.44
C MET A 252 -3.14 18.07 1.16
N LYS A 253 -3.28 17.40 0.01
CA LYS A 253 -3.78 18.10 -1.20
C LYS A 253 -5.14 18.77 -0.99
N THR A 254 -5.95 18.26 -0.08
CA THR A 254 -7.26 18.88 0.25
C THR A 254 -7.28 19.60 1.59
N LEU A 255 -6.10 19.83 2.16
CA LEU A 255 -6.09 20.42 3.52
C LEU A 255 -6.77 21.81 3.54
N PRO A 256 -6.43 22.72 2.59
CA PRO A 256 -7.05 24.05 2.72
C PRO A 256 -8.57 23.99 2.66
N ILE A 257 -9.14 23.26 1.69
CA ILE A 257 -10.62 23.21 1.61
C ILE A 257 -11.22 22.47 2.79
N ARG A 258 -10.60 21.37 3.24
CA ARG A 258 -11.11 20.70 4.46
C ARG A 258 -11.12 21.65 5.67
N MET A 259 -10.03 22.39 5.86
CA MET A 259 -9.97 23.26 7.05
C MET A 259 -11.01 24.34 6.97
N GLN A 260 -11.35 24.79 5.75
CA GLN A 260 -12.33 25.87 5.59
C GLN A 260 -13.67 25.34 6.12
N ILE A 261 -13.99 24.13 5.72
CA ILE A 261 -15.25 23.51 6.13
C ILE A 261 -15.22 23.14 7.63
N HIS A 262 -14.12 22.55 8.10
CA HIS A 262 -13.98 22.26 9.53
C HIS A 262 -14.22 23.55 10.33
N MET A 263 -13.54 24.63 9.93
CA MET A 263 -13.65 25.86 10.71
C MET A 263 -15.09 26.32 10.79
N GLU A 264 -15.76 26.41 9.65
CA GLU A 264 -17.15 26.92 9.56
C GLU A 264 -18.08 25.97 10.34
N ASN A 265 -17.93 24.65 10.14
CA ASN A 265 -18.81 23.72 10.82
C ASN A 265 -18.60 23.80 12.34
N GLY A 266 -17.35 23.85 12.76
CA GLY A 266 -17.06 23.86 14.20
C GLY A 266 -17.64 25.08 14.88
N LEU A 267 -17.63 26.22 14.22
CA LEU A 267 -18.15 27.43 14.87
C LEU A 267 -19.67 27.39 14.98
N LYS A 268 -20.32 26.89 13.94
CA LYS A 268 -21.77 26.74 13.96
C LYS A 268 -22.24 25.71 15.01
N VAL A 269 -21.52 24.62 15.12
CA VAL A 269 -21.83 23.63 16.18
C VAL A 269 -21.59 24.22 17.56
N ALA A 270 -20.47 24.92 17.75
CA ALA A 270 -20.24 25.56 19.04
C ALA A 270 -21.37 26.52 19.41
N LYS A 271 -21.84 27.33 18.45
CA LYS A 271 -22.90 28.30 18.73
C LYS A 271 -24.23 27.65 19.05
N PHE A 272 -24.54 26.60 18.31
CA PHE A 272 -25.69 25.74 18.62
C PHE A 272 -25.60 25.19 20.05
N LEU A 273 -24.46 24.60 20.40
CA LEU A 273 -24.30 24.07 21.76
C LEU A 273 -24.38 25.19 22.81
N GLU A 274 -23.73 26.33 22.54
CA GLU A 274 -23.70 27.42 23.49
C GLU A 274 -25.09 27.93 23.85
N GLN A 275 -26.02 27.90 22.88
CA GLN A 275 -27.38 28.37 23.17
C GLN A 275 -28.32 27.23 23.69
N HIS A 276 -27.82 26.00 23.77
CA HIS A 276 -28.71 24.90 24.18
C HIS A 276 -28.80 24.77 25.71
N GLU A 277 -30.03 24.57 26.20
CA GLU A 277 -30.34 24.48 27.65
C GLU A 277 -29.51 23.41 28.37
N LYS A 278 -29.20 22.32 27.70
CA LYS A 278 -28.46 21.23 28.34
C LYS A 278 -26.97 21.52 28.54
N ILE A 279 -26.45 22.53 27.85
CA ILE A 279 -25.00 22.75 27.80
C ILE A 279 -24.61 23.87 28.75
N VAL A 280 -23.63 23.61 29.62
CA VAL A 280 -23.28 24.62 30.64
C VAL A 280 -22.32 25.69 30.09
N LYS A 281 -21.34 25.26 29.30
CA LYS A 281 -20.29 26.15 28.80
C LYS A 281 -19.71 25.50 27.55
N VAL A 282 -19.21 26.32 26.62
CA VAL A 282 -18.56 25.79 25.42
C VAL A 282 -17.16 26.43 25.29
N ASN A 283 -16.10 25.61 25.23
CA ASN A 283 -14.73 26.11 25.13
C ASN A 283 -14.26 26.06 23.67
N HIS A 284 -14.71 27.02 22.87
CA HIS A 284 -14.24 27.12 21.49
C HIS A 284 -13.60 28.49 21.40
N PRO A 285 -12.32 28.55 20.99
CA PRO A 285 -11.55 29.82 20.99
C PRO A 285 -12.10 30.89 20.03
N GLY A 286 -13.00 30.50 19.14
CA GLY A 286 -13.63 31.43 18.20
C GLY A 286 -14.89 32.09 18.73
N LEU A 287 -15.34 31.65 19.92
CA LEU A 287 -16.50 32.29 20.59
C LEU A 287 -16.11 33.54 21.34
N GLU A 288 -16.90 34.60 21.20
CA GLU A 288 -16.61 35.79 21.99
C GLU A 288 -16.65 35.59 23.50
N SER A 289 -17.38 34.58 23.95
CA SER A 289 -17.44 34.30 25.38
C SER A 289 -16.14 33.65 25.88
N PHE A 290 -15.28 33.14 24.99
CA PHE A 290 -14.14 32.36 25.47
C PHE A 290 -12.98 33.26 25.92
N PRO A 291 -12.40 33.03 27.12
CA PRO A 291 -11.24 33.83 27.55
C PRO A 291 -10.08 33.53 26.62
N GLY A 292 -9.37 34.55 26.18
CA GLY A 292 -8.32 34.25 25.18
C GLY A 292 -8.82 34.25 23.74
N HIS A 293 -10.11 34.42 23.52
CA HIS A 293 -10.59 34.68 22.17
C HIS A 293 -9.85 35.85 21.48
N ASP A 294 -9.61 36.94 22.22
CA ASP A 294 -8.95 38.10 21.63
C ASP A 294 -7.51 37.75 21.15
N ILE A 295 -6.77 36.95 21.92
CA ILE A 295 -5.41 36.51 21.48
C ILE A 295 -5.48 35.55 20.28
N ALA A 296 -6.36 34.55 20.35
CA ALA A 296 -6.51 33.57 19.26
C ALA A 296 -6.87 34.29 17.94
N LYS A 297 -7.77 35.26 18.02
CA LYS A 297 -8.20 35.93 16.79
C LYS A 297 -7.11 36.80 16.16
N LYS A 298 -6.18 37.32 16.94
CA LYS A 298 -5.12 38.17 16.41
C LYS A 298 -3.99 37.33 15.87
N GLN A 299 -3.73 36.21 16.55
CA GLN A 299 -2.56 35.40 16.26
C GLN A 299 -2.78 34.20 15.31
N MET A 300 -4.04 33.86 15.04
CA MET A 300 -4.39 32.80 14.07
C MET A 300 -5.26 33.39 12.96
N THR A 301 -5.34 32.73 11.81
CA THR A 301 -6.14 33.23 10.70
C THR A 301 -7.40 32.39 10.57
N GLY A 302 -7.68 31.58 11.59
CA GLY A 302 -8.86 30.72 11.62
C GLY A 302 -8.80 29.79 12.81
N TYR A 303 -9.71 28.81 12.87
CA TYR A 303 -9.79 27.92 14.03
C TYR A 303 -9.99 26.49 13.55
N GLY A 304 -9.43 25.56 14.30
CA GLY A 304 -9.71 24.13 14.10
C GLY A 304 -11.13 23.89 14.59
N SER A 305 -11.60 22.64 14.51
CA SER A 305 -12.97 22.37 14.87
C SER A 305 -13.07 21.31 15.96
N THR A 306 -12.00 21.17 16.74
CA THR A 306 -12.01 20.33 17.92
C THR A 306 -12.10 21.19 19.15
N PHE A 307 -13.10 20.92 19.97
CA PHE A 307 -13.28 21.73 21.17
C PHE A 307 -14.06 20.95 22.21
N LEU A 308 -14.18 21.53 23.39
CA LEU A 308 -14.79 20.84 24.45
C LEU A 308 -16.03 21.62 24.96
N PHE A 309 -16.98 20.90 25.51
CA PHE A 309 -18.12 21.56 26.17
C PHE A 309 -18.48 20.83 27.46
N GLU A 310 -19.21 21.52 28.33
CA GLU A 310 -19.54 21.01 29.66
C GLU A 310 -21.03 20.68 29.72
N MET A 311 -21.34 19.43 30.06
CA MET A 311 -22.71 19.01 30.35
C MET A 311 -23.04 19.23 31.85
N LYS A 312 -24.29 19.00 32.25
CA LYS A 312 -24.66 19.21 33.65
C LYS A 312 -24.19 18.10 34.58
N SER A 313 -23.80 16.96 34.00
CA SER A 313 -23.38 15.83 34.82
C SER A 313 -22.65 14.81 33.97
N PHE A 314 -21.91 13.94 34.64
CA PHE A 314 -21.31 12.79 33.97
C PHE A 314 -22.36 11.93 33.24
N GLU A 315 -23.49 11.67 33.90
CA GLU A 315 -24.55 10.85 33.32
C GLU A 315 -25.14 11.48 32.06
N ALA A 316 -25.32 12.81 32.08
CA ALA A 316 -25.75 13.55 30.88
C ALA A 316 -24.72 13.48 29.74
N ALA A 317 -23.42 13.54 30.06
CA ALA A 317 -22.38 13.41 29.04
C ALA A 317 -22.46 12.02 28.40
N LYS A 318 -22.56 11.00 29.23
CA LYS A 318 -22.62 9.62 28.72
C LYS A 318 -23.86 9.40 27.82
N LYS A 319 -25.00 9.92 28.26
CA LYS A 319 -26.26 9.80 27.51
C LYS A 319 -26.14 10.46 26.14
N LEU A 320 -25.56 11.65 26.11
CA LEU A 320 -25.26 12.31 24.84
C LEU A 320 -24.33 11.47 23.95
N MET A 321 -23.16 11.13 24.49
CA MET A 321 -22.10 10.48 23.72
C MET A 321 -22.53 9.11 23.16
N GLU A 322 -23.44 8.44 23.85
CA GLU A 322 -23.84 7.08 23.47
C GLU A 322 -25.06 7.00 22.57
N HIS A 323 -25.61 8.15 22.17
CA HIS A 323 -26.87 8.16 21.42
C HIS A 323 -26.74 8.99 20.14
N LEU A 324 -25.53 9.04 19.59
CA LEU A 324 -25.31 9.76 18.34
C LEU A 324 -25.24 8.79 17.19
N LYS A 325 -25.74 9.24 16.05
CA LYS A 325 -25.78 8.41 14.85
C LYS A 325 -24.77 8.82 13.80
N VAL A 326 -24.35 10.07 13.83
CA VAL A 326 -23.41 10.57 12.87
C VAL A 326 -22.04 10.62 13.56
N CYS A 327 -21.94 11.29 14.70
CA CYS A 327 -20.68 11.35 15.46
C CYS A 327 -20.27 9.92 15.88
N THR A 328 -18.98 9.63 15.83
CA THR A 328 -18.44 8.35 16.27
C THR A 328 -17.69 8.51 17.61
N LEU A 329 -18.05 7.67 18.58
CA LEU A 329 -17.34 7.64 19.86
C LEU A 329 -15.96 6.97 19.69
N ALA A 330 -14.90 7.77 19.81
CA ALA A 330 -13.53 7.29 19.56
C ALA A 330 -12.63 8.45 19.93
N VAL A 331 -11.39 8.15 20.27
CA VAL A 331 -10.37 9.23 20.45
C VAL A 331 -9.81 9.62 19.07
N SER A 332 -8.87 10.58 19.09
CA SER A 332 -8.30 11.25 17.91
C SER A 332 -9.21 12.41 17.47
N LEU A 333 -8.77 13.13 16.45
CA LEU A 333 -9.48 14.37 16.04
C LEU A 333 -9.01 14.73 14.65
N GLY A 334 -9.73 15.67 14.02
CA GLY A 334 -9.17 16.27 12.80
C GLY A 334 -9.43 15.38 11.58
N CYS A 335 -10.36 14.43 11.73
CA CYS A 335 -10.75 13.53 10.64
CA CYS A 335 -10.72 13.54 10.63
C CYS A 335 -11.88 14.14 9.83
N VAL A 336 -12.08 13.65 8.58
CA VAL A 336 -13.20 14.16 7.78
C VAL A 336 -14.59 13.92 8.43
N ASP A 337 -14.71 12.85 9.23
CA ASP A 337 -15.97 12.55 9.92
C ASP A 337 -15.84 12.93 11.41
N THR A 338 -16.97 13.19 12.03
CA THR A 338 -17.03 13.80 13.37
C THR A 338 -16.80 12.76 14.45
N LEU A 339 -15.88 13.06 15.36
CA LEU A 339 -15.53 12.19 16.48
C LEU A 339 -15.93 12.84 17.80
N ILE A 340 -16.14 12.01 18.82
CA ILE A 340 -16.52 12.54 20.11
C ILE A 340 -15.91 11.64 21.21
N GLU A 341 -15.47 12.22 22.32
CA GLU A 341 -14.87 11.42 23.41
C GLU A 341 -15.01 12.11 24.74
N HIS A 342 -14.64 11.38 25.77
CA HIS A 342 -14.76 11.82 27.15
C HIS A 342 -13.35 11.97 27.77
N PRO A 343 -12.77 13.19 27.75
CA PRO A 343 -11.38 13.39 28.15
C PRO A 343 -11.07 12.78 29.52
N ALA A 344 -11.97 12.95 30.50
CA ALA A 344 -11.71 12.51 31.88
C ALA A 344 -11.35 11.02 31.94
N SER A 345 -12.05 10.20 31.15
CA SER A 345 -11.84 8.72 31.18
C SER A 345 -11.11 8.15 29.95
N MET A 346 -10.72 9.01 29.01
CA MET A 346 -10.05 8.55 27.79
C MET A 346 -8.69 9.26 27.49
N THR A 347 -8.65 10.33 26.69
CA THR A 347 -7.38 10.93 26.21
C THR A 347 -6.46 11.47 27.30
N HIS A 348 -7.07 11.75 28.44
CA HIS A 348 -6.41 12.41 29.58
C HIS A 348 -6.59 11.60 30.85
N ALA A 349 -7.08 10.37 30.72
CA ALA A 349 -7.25 9.49 31.91
C ALA A 349 -5.93 9.12 32.62
N ALA A 350 -4.79 9.21 31.92
CA ALA A 350 -3.47 8.92 32.52
C ALA A 350 -2.76 10.14 33.13
N VAL A 351 -3.39 11.31 33.01
CA VAL A 351 -2.85 12.57 33.53
C VAL A 351 -2.97 12.58 35.06
N PRO A 352 -1.80 12.69 35.77
CA PRO A 352 -1.78 12.80 37.24
C PRO A 352 -2.83 13.79 37.79
N GLU A 353 -3.49 13.41 38.89
CA GLU A 353 -4.63 14.15 39.47
C GLU A 353 -4.41 15.64 39.64
N ASN A 354 -3.20 16.01 40.11
CA ASN A 354 -2.84 17.43 40.32
C ASN A 354 -2.81 18.23 39.01
N ILE A 355 -2.34 17.56 37.94
CA ILE A 355 -2.29 18.16 36.61
C ILE A 355 -3.71 18.25 35.98
N MET A 356 -4.56 17.22 36.19
CA MET A 356 -5.99 17.24 35.75
C MET A 356 -6.73 18.47 36.26
N ARG A 357 -6.48 18.76 37.54
CA ARG A 357 -7.16 19.80 38.29
C ARG A 357 -6.63 21.15 37.81
N LYS A 358 -5.31 21.21 37.60
CA LYS A 358 -4.65 22.37 37.00
C LYS A 358 -5.21 22.60 35.57
N GLN A 359 -5.43 21.50 34.83
CA GLN A 359 -5.99 21.53 33.48
C GLN A 359 -7.50 21.79 33.42
N GLY A 360 -8.21 21.63 34.54
CA GLY A 360 -9.68 21.85 34.57
C GLY A 360 -10.51 20.76 33.85
N ILE A 361 -10.00 19.55 33.79
CA ILE A 361 -10.73 18.43 33.16
C ILE A 361 -11.61 17.71 34.19
N THR A 362 -12.93 17.69 33.96
CA THR A 362 -13.87 17.10 34.91
C THR A 362 -14.71 16.04 34.15
N PRO A 363 -15.43 15.16 34.88
CA PRO A 363 -16.25 14.13 34.23
C PRO A 363 -17.43 14.70 33.42
N GLU A 364 -17.74 15.99 33.58
CA GLU A 364 -18.85 16.60 32.86
C GLU A 364 -18.47 17.04 31.45
N LEU A 365 -17.17 17.01 31.12
CA LEU A 365 -16.71 17.54 29.84
C LEU A 365 -16.74 16.53 28.72
N VAL A 366 -17.16 16.99 27.54
CA VAL A 366 -17.14 16.15 26.33
C VAL A 366 -16.33 16.88 25.27
N ARG A 367 -15.44 16.17 24.55
CA ARG A 367 -14.70 16.83 23.47
C ARG A 367 -15.23 16.38 22.13
N ILE A 368 -15.51 17.34 21.24
CA ILE A 368 -15.99 16.99 19.89
C ILE A 368 -15.00 17.46 18.83
N SER A 369 -14.77 16.62 17.82
CA SER A 369 -13.95 17.01 16.71
C SER A 369 -14.86 17.05 15.50
N VAL A 370 -15.29 18.23 15.09
CA VAL A 370 -16.32 18.32 14.07
C VAL A 370 -15.70 18.05 12.70
N GLY A 371 -16.32 17.15 11.94
CA GLY A 371 -15.84 16.82 10.60
C GLY A 371 -16.43 17.72 9.53
N ILE A 372 -16.33 17.25 8.28
CA ILE A 372 -16.85 17.97 7.13
C ILE A 372 -18.23 17.53 6.58
N GLU A 373 -18.93 16.66 7.32
CA GLU A 373 -20.36 16.41 7.06
C GLU A 373 -21.14 17.73 6.94
N ASN A 374 -22.30 17.66 6.32
CA ASN A 374 -23.18 18.79 6.28
C ASN A 374 -23.47 19.18 7.72
N VAL A 375 -23.28 20.45 8.03
CA VAL A 375 -23.32 20.89 9.42
C VAL A 375 -24.73 20.71 10.02
N ASP A 376 -25.76 20.87 9.19
CA ASP A 376 -27.12 20.68 9.69
C ASP A 376 -27.41 19.22 10.11
N ASP A 377 -26.79 18.25 9.43
CA ASP A 377 -26.88 16.85 9.84
C ASP A 377 -26.17 16.64 11.17
N ILE A 378 -25.02 17.30 11.36
CA ILE A 378 -24.28 17.13 12.62
C ILE A 378 -25.10 17.74 13.76
N ILE A 379 -25.59 18.95 13.53
CA ILE A 379 -26.40 19.61 14.55
C ILE A 379 -27.68 18.83 14.88
N ALA A 380 -28.33 18.26 13.86
CA ALA A 380 -29.57 17.50 14.11
C ALA A 380 -29.29 16.23 14.93
N ASP A 381 -28.12 15.62 14.72
CA ASP A 381 -27.71 14.43 15.46
C ASP A 381 -27.51 14.79 16.94
N LEU A 382 -26.80 15.90 17.19
CA LEU A 382 -26.56 16.33 18.56
C LEU A 382 -27.89 16.71 19.23
N LYS A 383 -28.73 17.43 18.48
CA LYS A 383 -30.01 17.92 19.02
C LYS A 383 -30.92 16.75 19.42
N GLN A 384 -31.00 15.72 18.57
CA GLN A 384 -31.88 14.59 18.90
C GLN A 384 -31.39 13.84 20.16
N ALA A 385 -30.08 13.72 20.31
CA ALA A 385 -29.52 13.07 21.50
C ALA A 385 -29.74 13.92 22.75
N LEU A 386 -29.53 15.24 22.63
CA LEU A 386 -29.75 16.16 23.74
C LEU A 386 -31.19 16.19 24.18
N GLU A 387 -32.12 15.91 23.27
CA GLU A 387 -33.53 16.00 23.57
C GLU A 387 -34.20 14.64 23.89
N LEU A 388 -33.38 13.63 24.12
CA LEU A 388 -33.87 12.31 24.48
C LEU A 388 -34.73 12.27 25.71
N TRP A 389 -35.73 11.38 25.64
CA TRP A 389 -36.53 10.97 26.78
C TRP A 389 -35.62 10.65 27.97
N ALA B 3 25.72 -19.86 -17.98
CA ALA B 3 24.24 -19.87 -18.02
C ALA B 3 23.72 -19.40 -16.66
N GLN B 4 23.56 -18.08 -16.51
CA GLN B 4 23.08 -17.53 -15.24
C GLN B 4 21.82 -18.29 -14.80
N ASP B 5 21.74 -18.61 -13.51
CA ASP B 5 20.61 -19.37 -12.94
C ASP B 5 19.35 -18.51 -12.78
N ILE B 6 18.19 -19.15 -12.88
CA ILE B 6 16.90 -18.46 -12.80
C ILE B 6 16.72 -17.71 -11.48
N THR B 7 17.21 -18.29 -10.38
CA THR B 7 17.21 -17.57 -9.09
C THR B 7 17.89 -16.19 -9.23
N THR B 8 19.06 -16.17 -9.86
CA THR B 8 19.83 -14.94 -10.03
C THR B 8 19.12 -13.97 -10.97
N THR B 9 18.60 -14.52 -12.07
CA THR B 9 17.86 -13.74 -13.06
C THR B 9 16.65 -13.02 -12.43
N LEU B 10 15.84 -13.76 -11.68
CA LEU B 10 14.67 -13.14 -11.01
C LEU B 10 15.05 -12.04 -10.01
N LEU B 11 16.21 -12.21 -9.37
CA LEU B 11 16.67 -11.27 -8.35
C LEU B 11 17.37 -10.08 -9.01
N HIS B 12 17.76 -10.23 -10.27
CA HIS B 12 18.42 -9.16 -11.04
C HIS B 12 17.74 -8.79 -12.37
N PRO B 13 16.51 -8.27 -12.30
CA PRO B 13 15.76 -8.01 -13.53
C PRO B 13 16.48 -6.94 -14.38
N LYS B 14 16.34 -7.01 -15.71
CA LYS B 14 16.81 -5.92 -16.59
C LYS B 14 16.06 -4.63 -16.30
N GLY B 15 16.70 -3.51 -16.61
CA GLY B 15 16.07 -2.20 -16.42
C GLY B 15 16.94 -1.25 -15.61
N ASP B 16 16.70 0.04 -15.79
CA ASP B 16 17.39 1.04 -14.99
C ASP B 16 16.74 1.09 -13.61
N HIS B 17 17.54 1.39 -12.60
CA HIS B 17 17.02 1.78 -11.30
C HIS B 17 16.29 3.13 -11.48
N VAL B 18 15.32 3.40 -10.62
CA VAL B 18 14.62 4.70 -10.64
C VAL B 18 15.18 5.52 -9.48
N LEU B 19 15.79 6.66 -9.78
CA LEU B 19 16.33 7.53 -8.72
C LEU B 19 17.29 6.73 -7.77
N HIS B 20 18.03 5.78 -8.36
CA HIS B 20 18.96 4.91 -7.61
C HIS B 20 18.31 4.02 -6.57
N SER B 21 16.99 3.91 -6.58
CA SER B 21 16.32 3.07 -5.59
C SER B 21 16.69 1.62 -5.80
N HIS B 22 16.98 0.92 -4.69
CA HIS B 22 17.29 -0.52 -4.79
C HIS B 22 16.04 -1.33 -5.10
N ALA B 23 14.96 -1.16 -4.32
CA ALA B 23 13.69 -1.81 -4.64
C ALA B 23 13.04 -0.98 -5.74
N TYR B 24 12.31 -1.61 -6.65
CA TYR B 24 11.63 -0.85 -7.73
C TYR B 24 10.42 -0.13 -7.13
N PRO B 25 10.32 1.21 -7.32
CA PRO B 25 9.23 2.03 -6.75
C PRO B 25 7.85 1.59 -7.20
N ILE B 26 6.87 1.89 -6.37
CA ILE B 26 5.48 1.62 -6.69
C ILE B 26 4.93 2.86 -7.39
N PHE B 27 4.67 2.73 -8.68
CA PHE B 27 4.12 3.86 -9.45
C PHE B 27 2.64 3.92 -9.31
N GLN B 28 2.19 4.39 -8.13
CA GLN B 28 0.78 4.56 -7.84
C GLN B 28 0.30 5.87 -8.46
N THR B 29 0.15 5.80 -9.77
CA THR B 29 -0.26 6.97 -10.54
C THR B 29 -1.21 6.50 -11.64
N SER B 30 -2.08 7.39 -12.07
CA SER B 30 -2.86 7.09 -13.27
C SER B 30 -2.16 7.59 -14.52
N THR B 31 -1.69 8.84 -14.49
CA THR B 31 -1.19 9.47 -15.68
C THR B 31 0.30 9.87 -15.54
N PHE B 32 0.88 10.24 -16.70
CA PHE B 32 2.28 10.71 -16.85
C PHE B 32 2.28 12.07 -17.54
N CYS B 33 3.29 12.90 -17.24
CA CYS B 33 3.44 14.25 -17.79
C CYS B 33 4.20 14.21 -19.09
N PHE B 34 3.89 15.12 -20.01
CA PHE B 34 4.63 15.22 -21.26
C PHE B 34 5.57 16.43 -21.22
N ASP B 35 6.70 16.32 -21.91
CA ASP B 35 7.67 17.42 -22.03
C ASP B 35 7.16 18.47 -22.99
N SER B 36 6.34 18.07 -23.96
CA SER B 36 5.90 18.99 -25.02
C SER B 36 4.78 18.29 -25.75
N THR B 37 4.05 19.06 -26.55
CA THR B 37 3.03 18.48 -27.40
C THR B 37 3.61 17.33 -28.28
N GLN B 38 4.75 17.60 -28.91
CA GLN B 38 5.36 16.65 -29.84
C GLN B 38 5.72 15.35 -29.12
N GLN B 39 6.27 15.48 -27.93
CA GLN B 39 6.71 14.31 -27.17
C GLN B 39 5.52 13.41 -26.82
N GLY B 40 4.41 14.02 -26.39
CA GLY B 40 3.17 13.29 -26.08
C GLY B 40 2.59 12.66 -27.36
N ALA B 41 2.53 13.46 -28.43
CA ALA B 41 2.05 12.93 -29.73
C ALA B 41 2.90 11.74 -30.20
N ASP B 42 4.22 11.84 -30.05
CA ASP B 42 5.10 10.76 -30.48
C ASP B 42 4.82 9.51 -29.67
N LEU B 43 4.68 9.65 -28.34
CA LEU B 43 4.38 8.49 -27.51
C LEU B 43 3.09 7.80 -27.95
N PHE B 44 2.06 8.58 -28.22
CA PHE B 44 0.81 7.99 -28.71
C PHE B 44 0.95 7.21 -30.03
N MET B 45 1.97 7.55 -30.81
CA MET B 45 2.24 6.85 -32.06
C MET B 45 3.29 5.75 -31.88
N GLY B 46 3.69 5.53 -30.63
CA GLY B 46 4.65 4.46 -30.31
C GLY B 46 6.08 4.84 -30.67
N LYS B 47 6.36 6.14 -30.68
CA LYS B 47 7.69 6.64 -31.06
C LYS B 47 8.35 7.23 -29.82
N GLY B 48 9.61 6.83 -29.59
CA GLY B 48 10.37 7.27 -28.42
C GLY B 48 10.08 6.41 -27.21
N GLU B 49 10.67 6.74 -26.07
CA GLU B 49 10.55 5.95 -24.85
C GLU B 49 9.82 6.75 -23.81
N GLY B 50 8.98 6.10 -23.01
CA GLY B 50 8.24 6.82 -22.00
C GLY B 50 6.87 6.22 -21.77
N HIS B 51 6.11 6.91 -20.94
CA HIS B 51 4.81 6.43 -20.51
C HIS B 51 3.77 7.51 -20.70
N ILE B 52 2.51 7.08 -20.76
CA ILE B 52 1.40 7.97 -21.01
C ILE B 52 0.36 7.85 -19.89
N TYR B 53 -0.07 6.61 -19.60
CA TYR B 53 -1.24 6.43 -18.73
C TYR B 53 -1.22 4.97 -18.29
N SER B 54 -1.44 4.71 -17.01
CA SER B 54 -1.18 3.33 -16.47
C SER B 54 -1.94 2.21 -17.16
N ARG B 55 -3.16 2.45 -17.65
CA ARG B 55 -3.84 1.40 -18.45
C ARG B 55 -3.01 0.99 -19.69
N LEU B 56 -2.31 1.94 -20.31
CA LEU B 56 -1.44 1.63 -21.44
C LEU B 56 -0.13 0.98 -21.01
N GLY B 57 0.37 1.39 -19.84
CA GLY B 57 1.63 0.86 -19.38
C GLY B 57 2.05 1.60 -18.12
N ASN B 58 2.39 0.80 -17.12
CA ASN B 58 2.80 1.29 -15.80
C ASN B 58 4.19 0.70 -15.48
N PRO B 59 5.15 1.54 -15.08
CA PRO B 59 6.51 0.97 -14.95
C PRO B 59 6.60 -0.17 -13.92
N THR B 60 5.85 -0.10 -12.82
CA THR B 60 5.92 -1.18 -11.80
C THR B 60 5.34 -2.48 -12.35
N VAL B 61 4.24 -2.35 -13.07
CA VAL B 61 3.63 -3.51 -13.73
C VAL B 61 4.56 -4.10 -14.80
N GLU B 62 5.12 -3.23 -15.63
CA GLU B 62 6.09 -3.66 -16.65
C GLU B 62 7.30 -4.39 -16.07
N GLN B 63 7.78 -3.97 -14.89
CA GLN B 63 8.91 -4.69 -14.26
C GLN B 63 8.51 -6.15 -13.95
N PHE B 64 7.30 -6.33 -13.41
CA PHE B 64 6.79 -7.70 -13.19
C PHE B 64 6.58 -8.45 -14.51
N GLU B 65 6.02 -7.76 -15.52
CA GLU B 65 5.97 -8.38 -16.85
C GLU B 65 7.34 -8.87 -17.41
N GLU B 66 8.38 -8.07 -17.21
CA GLU B 66 9.72 -8.44 -17.70
C GLU B 66 10.22 -9.69 -17.00
N MET B 67 9.96 -9.79 -15.70
CA MET B 67 10.38 -10.96 -14.92
C MET B 67 9.77 -12.27 -15.43
N VAL B 68 8.47 -12.26 -15.67
CA VAL B 68 7.77 -13.41 -16.22
C VAL B 68 8.26 -13.71 -17.63
N CYS B 69 8.40 -12.69 -18.46
CA CYS B 69 8.87 -12.83 -19.82
C CYS B 69 10.24 -13.53 -19.88
N SER B 70 11.16 -13.16 -19.00
CA SER B 70 12.47 -13.84 -18.90
C SER B 70 12.34 -15.32 -18.59
N ILE B 71 11.49 -15.68 -17.63
CA ILE B 71 11.40 -17.11 -17.26
C ILE B 71 10.66 -17.94 -18.35
N GLU B 72 9.66 -17.34 -18.99
CA GLU B 72 8.91 -18.03 -20.05
C GLU B 72 9.69 -18.20 -21.38
N GLY B 73 10.73 -17.40 -21.58
CA GLY B 73 11.41 -17.30 -22.86
C GLY B 73 10.53 -16.70 -23.95
N ALA B 74 9.69 -15.73 -23.58
CA ALA B 74 8.66 -15.14 -24.46
C ALA B 74 9.14 -13.90 -25.21
N ALA B 75 8.39 -13.44 -26.21
CA ALA B 75 8.64 -12.11 -26.82
C ALA B 75 8.14 -10.98 -25.93
N GLY B 76 7.16 -11.25 -25.09
CA GLY B 76 6.62 -10.24 -24.19
C GLY B 76 5.55 -10.86 -23.31
N SER B 77 5.25 -10.18 -22.20
CA SER B 77 4.24 -10.63 -21.24
C SER B 77 3.31 -9.49 -20.88
N ALA B 78 2.07 -9.85 -20.59
CA ALA B 78 1.05 -8.85 -20.17
C ALA B 78 0.49 -9.28 -18.82
N ALA B 79 0.45 -8.37 -17.84
CA ALA B 79 -0.12 -8.67 -16.54
C ALA B 79 -1.60 -8.20 -16.50
N PHE B 80 -2.42 -8.87 -15.69
CA PHE B 80 -3.86 -8.60 -15.59
C PHE B 80 -4.32 -8.59 -14.15
N GLY B 81 -5.58 -8.20 -13.95
CA GLY B 81 -6.19 -8.15 -12.62
C GLY B 81 -6.50 -9.51 -12.04
N SER B 82 -6.42 -10.58 -12.85
CA SER B 82 -6.74 -11.94 -12.38
C SER B 82 -6.30 -12.94 -13.44
N GLY B 83 -6.15 -14.20 -13.04
CA GLY B 83 -5.94 -15.27 -14.04
C GLY B 83 -7.09 -15.26 -15.05
N MET B 84 -8.34 -15.00 -14.61
CA MET B 84 -9.44 -14.97 -15.57
C MET B 84 -9.28 -13.83 -16.59
N GLY B 85 -8.76 -12.68 -16.16
CA GLY B 85 -8.39 -11.60 -17.14
C GLY B 85 -7.36 -12.09 -18.17
N ALA B 86 -6.36 -12.82 -17.71
CA ALA B 86 -5.37 -13.34 -18.66
C ALA B 86 -6.01 -14.33 -19.64
N ILE B 87 -6.84 -15.22 -19.11
CA ILE B 87 -7.49 -16.24 -19.94
C ILE B 87 -8.40 -15.59 -20.99
N SER B 88 -9.25 -14.67 -20.55
CA SER B 88 -10.16 -13.91 -21.41
C SER B 88 -9.40 -13.20 -22.50
N SER B 89 -8.36 -12.47 -22.08
CA SER B 89 -7.55 -11.70 -22.98
C SER B 89 -6.68 -12.53 -23.91
N SER B 90 -6.38 -13.78 -23.57
CA SER B 90 -5.54 -14.61 -24.44
C SER B 90 -6.36 -15.42 -25.43
N THR B 91 -7.67 -15.42 -25.27
CA THR B 91 -8.53 -16.20 -26.14
C THR B 91 -9.39 -15.24 -26.99
N LEU B 92 -10.16 -14.38 -26.34
CA LEU B 92 -11.02 -13.42 -27.04
C LEU B 92 -10.26 -12.32 -27.78
N ALA B 93 -8.96 -12.17 -27.50
CA ALA B 93 -8.17 -11.25 -28.33
C ALA B 93 -7.96 -11.80 -29.75
N PHE B 94 -8.16 -13.11 -29.92
CA PHE B 94 -7.90 -13.76 -31.21
C PHE B 94 -9.13 -14.36 -31.85
N LEU B 95 -9.97 -15.00 -31.02
CA LEU B 95 -11.16 -15.69 -31.54
C LEU B 95 -12.28 -14.71 -31.85
N GLN B 96 -12.96 -14.94 -32.96
CA GLN B 96 -14.09 -14.11 -33.35
C GLN B 96 -15.21 -15.01 -33.91
N LYS B 97 -16.39 -14.43 -34.13
CA LYS B 97 -17.57 -15.13 -34.62
C LYS B 97 -17.21 -16.01 -35.83
N GLY B 98 -17.64 -17.28 -35.80
CA GLY B 98 -17.35 -18.22 -36.89
C GLY B 98 -16.10 -19.07 -36.65
N ASP B 99 -15.28 -18.67 -35.68
CA ASP B 99 -14.09 -19.45 -35.27
C ASP B 99 -14.50 -20.62 -34.37
N HIS B 100 -13.63 -21.64 -34.31
CA HIS B 100 -13.86 -22.82 -33.49
C HIS B 100 -12.67 -22.98 -32.55
N LEU B 101 -12.99 -23.28 -31.28
CA LEU B 101 -12.00 -23.51 -30.25
C LEU B 101 -12.11 -24.95 -29.74
N ILE B 102 -10.97 -25.64 -29.62
CA ILE B 102 -10.90 -26.96 -28.94
C ILE B 102 -10.27 -26.73 -27.57
N ALA B 103 -10.96 -27.11 -26.51
CA ALA B 103 -10.44 -26.92 -25.17
C ALA B 103 -10.43 -28.23 -24.39
N GLY B 104 -9.51 -28.35 -23.43
CA GLY B 104 -9.46 -29.53 -22.54
C GLY B 104 -10.79 -29.70 -21.83
N ASP B 105 -11.19 -30.94 -21.58
CA ASP B 105 -12.48 -31.18 -20.92
C ASP B 105 -12.43 -30.92 -19.41
N THR B 106 -11.21 -30.85 -18.87
CA THR B 106 -11.03 -30.65 -17.45
C THR B 106 -10.33 -29.33 -17.24
N LEU B 107 -11.09 -28.33 -16.83
CA LEU B 107 -10.59 -26.98 -16.68
C LEU B 107 -11.06 -26.42 -15.37
N TYR B 108 -10.32 -25.43 -14.88
CA TYR B 108 -10.79 -24.64 -13.77
C TYR B 108 -12.27 -24.24 -14.05
N GLY B 109 -13.11 -24.29 -13.01
CA GLY B 109 -14.54 -23.98 -13.11
C GLY B 109 -14.91 -22.70 -13.86
N CYS B 110 -14.34 -21.56 -13.50
CA CYS B 110 -14.69 -20.32 -14.23
C CYS B 110 -14.20 -20.31 -15.68
N THR B 111 -13.12 -21.02 -15.98
CA THR B 111 -12.70 -21.20 -17.36
C THR B 111 -13.79 -21.96 -18.12
N VAL B 112 -14.39 -22.94 -17.46
CA VAL B 112 -15.51 -23.67 -18.05
C VAL B 112 -16.68 -22.72 -18.32
N SER B 113 -17.03 -21.89 -17.34
CA SER B 113 -18.06 -20.91 -17.49
C SER B 113 -17.76 -19.95 -18.66
N LEU B 114 -16.52 -19.45 -18.74
CA LEU B 114 -16.15 -18.57 -19.83
C LEU B 114 -16.37 -19.22 -21.19
N PHE B 115 -15.88 -20.45 -21.35
CA PHE B 115 -15.91 -21.09 -22.67
C PHE B 115 -17.30 -21.59 -23.03
N THR B 116 -18.11 -21.80 -22.01
CA THR B 116 -19.33 -22.52 -22.18
C THR B 116 -20.53 -21.54 -22.17
N HIS B 117 -20.38 -20.42 -21.46
CA HIS B 117 -21.46 -19.42 -21.43
C HIS B 117 -21.18 -18.23 -22.33
N TRP B 118 -20.01 -17.61 -22.21
CA TRP B 118 -19.78 -16.33 -22.90
C TRP B 118 -19.30 -16.52 -24.36
N LEU B 119 -18.32 -17.40 -24.59
CA LEU B 119 -17.79 -17.54 -25.97
C LEU B 119 -18.89 -17.83 -26.98
N PRO B 120 -19.81 -18.75 -26.67
CA PRO B 120 -20.80 -19.00 -27.71
C PRO B 120 -21.76 -17.82 -27.94
N ARG B 121 -21.95 -16.97 -26.93
CA ARG B 121 -22.78 -15.77 -27.14
C ARG B 121 -22.09 -14.83 -28.13
N PHE B 122 -20.78 -14.99 -28.28
CA PHE B 122 -20.00 -14.20 -29.23
C PHE B 122 -19.79 -14.89 -30.58
N GLY B 123 -20.57 -15.95 -30.81
CA GLY B 123 -20.56 -16.65 -32.10
C GLY B 123 -19.36 -17.54 -32.28
N ILE B 124 -18.66 -17.84 -31.19
CA ILE B 124 -17.49 -18.75 -31.22
C ILE B 124 -17.91 -20.16 -30.85
N GLU B 125 -17.62 -21.14 -31.73
CA GLU B 125 -17.96 -22.54 -31.46
C GLU B 125 -16.88 -23.14 -30.58
N VAL B 126 -17.29 -23.90 -29.58
CA VAL B 126 -16.37 -24.44 -28.57
C VAL B 126 -16.68 -25.93 -28.35
N ASP B 127 -15.66 -26.79 -28.48
CA ASP B 127 -15.81 -28.19 -28.07
C ASP B 127 -14.85 -28.56 -26.95
N LEU B 128 -15.37 -29.12 -25.87
CA LEU B 128 -14.51 -29.56 -24.80
C LEU B 128 -14.20 -31.02 -25.07
N ILE B 129 -12.92 -31.35 -25.16
CA ILE B 129 -12.58 -32.74 -25.50
C ILE B 129 -11.40 -33.25 -24.66
N ASP B 130 -11.22 -34.57 -24.65
CA ASP B 130 -10.16 -35.19 -23.86
C ASP B 130 -8.81 -34.97 -24.54
N THR B 131 -8.07 -33.97 -24.07
CA THR B 131 -6.81 -33.60 -24.69
C THR B 131 -5.60 -34.45 -24.27
N SER B 132 -5.82 -35.42 -23.38
CA SER B 132 -4.78 -36.41 -23.05
C SER B 132 -4.55 -37.42 -24.21
N ASP B 133 -5.37 -37.34 -25.25
CA ASP B 133 -5.26 -38.22 -26.44
C ASP B 133 -5.24 -37.30 -27.67
N VAL B 134 -4.05 -37.16 -28.26
CA VAL B 134 -3.84 -36.28 -29.39
C VAL B 134 -4.74 -36.70 -30.56
N GLU B 135 -4.99 -38.00 -30.71
CA GLU B 135 -5.90 -38.49 -31.74
C GLU B 135 -7.32 -37.92 -31.62
N LYS B 136 -7.78 -37.72 -30.37
CA LYS B 136 -9.08 -37.10 -30.12
C LYS B 136 -9.13 -35.61 -30.48
N VAL B 137 -8.01 -34.90 -30.29
CA VAL B 137 -7.85 -33.53 -30.80
C VAL B 137 -7.90 -33.51 -32.35
N LYS B 138 -7.23 -34.47 -32.99
CA LYS B 138 -7.27 -34.56 -34.44
C LYS B 138 -8.70 -34.78 -34.99
N ALA B 139 -9.46 -35.67 -34.36
CA ALA B 139 -10.85 -35.99 -34.77
C ALA B 139 -11.82 -34.83 -34.55
N ALA B 140 -11.56 -34.02 -33.53
CA ALA B 140 -12.41 -32.90 -33.18
C ALA B 140 -12.14 -31.71 -34.12
N TRP B 141 -11.07 -31.81 -34.90
CA TRP B 141 -10.63 -30.69 -35.75
C TRP B 141 -11.66 -30.31 -36.84
N LYS B 142 -11.79 -29.01 -37.09
CA LYS B 142 -12.70 -28.52 -38.13
C LYS B 142 -11.97 -27.53 -39.03
N PRO B 143 -12.55 -27.17 -40.20
CA PRO B 143 -11.87 -26.21 -41.08
C PRO B 143 -11.72 -24.86 -40.43
N ASN B 144 -12.59 -24.53 -39.48
CA ASN B 144 -12.54 -23.22 -38.84
C ASN B 144 -11.88 -23.25 -37.44
N THR B 145 -11.17 -24.34 -37.13
CA THR B 145 -10.47 -24.44 -35.85
C THR B 145 -9.28 -23.46 -35.84
N LYS B 146 -9.26 -22.58 -34.85
CA LYS B 146 -8.25 -21.52 -34.74
C LYS B 146 -7.41 -21.60 -33.47
N MET B 147 -7.89 -22.36 -32.49
CA MET B 147 -7.21 -22.38 -31.23
C MET B 147 -7.44 -23.73 -30.53
N VAL B 148 -6.37 -24.24 -29.92
CA VAL B 148 -6.49 -25.27 -28.87
C VAL B 148 -6.10 -24.64 -27.51
N TYR B 149 -6.92 -24.85 -26.49
CA TYR B 149 -6.63 -24.29 -25.15
C TYR B 149 -6.51 -25.47 -24.17
N LEU B 150 -5.39 -25.54 -23.44
CA LEU B 150 -5.09 -26.71 -22.57
C LEU B 150 -4.69 -26.19 -21.19
N GLU B 151 -5.04 -26.97 -20.14
CA GLU B 151 -4.42 -26.87 -18.81
C GLU B 151 -3.76 -28.23 -18.58
N SER B 152 -2.50 -28.25 -18.19
CA SER B 152 -1.84 -29.52 -17.90
C SER B 152 -0.78 -29.29 -16.84
N PRO B 153 -0.84 -30.03 -15.71
CA PRO B 153 -1.91 -30.95 -15.32
C PRO B 153 -3.18 -30.17 -15.01
N ALA B 154 -4.33 -30.76 -15.31
CA ALA B 154 -5.59 -30.05 -15.27
C ALA B 154 -6.05 -29.81 -13.82
N ASN B 155 -6.83 -28.76 -13.63
CA ASN B 155 -7.44 -28.48 -12.33
C ASN B 155 -8.84 -29.10 -12.37
N PRO B 156 -9.14 -30.06 -11.47
CA PRO B 156 -8.35 -30.43 -10.30
C PRO B 156 -7.76 -31.85 -10.33
N THR B 157 -8.14 -32.65 -11.33
CA THR B 157 -7.79 -34.06 -11.42
C THR B 157 -6.35 -34.35 -11.81
N CYS B 158 -5.62 -33.30 -12.19
CA CYS B 158 -4.23 -33.40 -12.65
C CYS B 158 -4.05 -34.14 -13.99
N LYS B 159 -5.13 -34.29 -14.74
CA LYS B 159 -5.04 -34.96 -16.04
C LYS B 159 -4.00 -34.25 -16.93
N VAL B 160 -3.16 -35.05 -17.58
CA VAL B 160 -2.00 -34.54 -18.31
C VAL B 160 -2.26 -34.58 -19.83
N SER B 161 -1.93 -33.51 -20.54
CA SER B 161 -1.96 -33.56 -22.01
C SER B 161 -0.57 -33.51 -22.64
N ASP B 162 -0.44 -34.08 -23.84
CA ASP B 162 0.81 -34.06 -24.59
C ASP B 162 0.91 -32.71 -25.31
N ILE B 163 1.36 -31.69 -24.58
CA ILE B 163 1.48 -30.33 -25.09
C ILE B 163 2.31 -30.31 -26.38
N LYS B 164 3.40 -31.08 -26.36
CA LYS B 164 4.34 -31.14 -27.46
C LYS B 164 3.70 -31.73 -28.75
N GLY B 165 3.00 -32.86 -28.62
CA GLY B 165 2.30 -33.50 -29.74
C GLY B 165 1.19 -32.61 -30.28
N ILE B 166 0.43 -32.02 -29.38
CA ILE B 166 -0.64 -31.14 -29.75
C ILE B 166 -0.12 -29.88 -30.45
N ALA B 167 1.01 -29.33 -29.97
CA ALA B 167 1.62 -28.15 -30.62
C ALA B 167 2.00 -28.42 -32.08
N VAL B 168 2.48 -29.64 -32.37
CA VAL B 168 2.78 -30.07 -33.74
C VAL B 168 1.51 -30.00 -34.61
N VAL B 169 0.41 -30.53 -34.10
CA VAL B 169 -0.86 -30.50 -34.82
C VAL B 169 -1.35 -29.04 -35.06
N CYS B 170 -1.24 -28.19 -34.04
CA CYS B 170 -1.60 -26.78 -34.20
C CYS B 170 -0.72 -26.07 -35.24
N HIS B 171 0.59 -26.31 -35.17
CA HIS B 171 1.54 -25.78 -36.16
C HIS B 171 1.16 -26.21 -37.59
N GLU B 172 0.93 -27.52 -37.78
CA GLU B 172 0.56 -28.06 -39.08
C GLU B 172 -0.75 -27.49 -39.62
N ARG B 173 -1.71 -27.22 -38.73
CA ARG B 173 -3.06 -26.92 -39.18
C ARG B 173 -3.49 -25.46 -39.01
N GLY B 174 -2.53 -24.60 -38.64
CA GLY B 174 -2.76 -23.16 -38.52
C GLY B 174 -3.60 -22.70 -37.35
N ALA B 175 -3.39 -23.28 -36.17
CA ALA B 175 -4.12 -22.87 -34.98
C ALA B 175 -3.11 -22.45 -33.91
N ARG B 176 -3.50 -21.52 -33.06
CA ARG B 176 -2.71 -21.15 -31.87
C ARG B 176 -2.90 -22.15 -30.74
N LEU B 177 -1.82 -22.48 -30.05
CA LEU B 177 -1.92 -23.31 -28.85
C LEU B 177 -1.70 -22.41 -27.63
N VAL B 178 -2.66 -22.46 -26.70
CA VAL B 178 -2.65 -21.66 -25.49
C VAL B 178 -2.61 -22.62 -24.31
N VAL B 179 -1.64 -22.47 -23.41
CA VAL B 179 -1.53 -23.34 -22.25
C VAL B 179 -1.59 -22.53 -20.97
N ASP B 180 -2.51 -22.95 -20.11
CA ASP B 180 -2.61 -22.45 -18.76
C ASP B 180 -1.71 -23.32 -17.86
N ALA B 181 -0.59 -22.73 -17.43
CA ALA B 181 0.42 -23.48 -16.70
C ALA B 181 0.38 -23.16 -15.20
N THR B 182 -0.74 -22.58 -14.75
CA THR B 182 -0.93 -22.20 -13.34
C THR B 182 -0.50 -23.28 -12.33
N PHE B 183 -0.93 -24.54 -12.53
CA PHE B 183 -0.68 -25.61 -11.54
C PHE B 183 0.78 -26.00 -11.34
N THR B 184 1.64 -25.62 -12.27
CA THR B 184 3.01 -26.10 -12.24
C THR B 184 4.05 -25.01 -12.02
N SER B 185 3.68 -23.78 -12.41
CA SER B 185 4.55 -22.59 -12.39
C SER B 185 5.58 -22.63 -13.53
N PRO B 186 6.10 -21.43 -13.90
CA PRO B 186 7.07 -21.40 -15.00
C PRO B 186 8.47 -21.93 -14.62
N CYS B 187 8.68 -22.27 -13.35
CA CYS B 187 9.92 -22.93 -12.95
C CYS B 187 9.98 -24.33 -13.54
N PHE B 188 8.82 -24.98 -13.67
CA PHE B 188 8.81 -26.42 -14.01
C PHE B 188 8.15 -26.74 -15.35
N LEU B 189 7.32 -25.82 -15.84
CA LEU B 189 6.63 -25.98 -17.12
C LEU B 189 6.76 -24.69 -17.96
N LYS B 190 7.37 -24.83 -19.14
CA LYS B 190 7.57 -23.67 -20.03
C LYS B 190 6.93 -24.02 -21.38
N PRO B 191 5.62 -23.71 -21.51
CA PRO B 191 4.89 -24.15 -22.70
C PRO B 191 5.43 -23.64 -24.03
N LEU B 192 6.05 -22.46 -24.04
CA LEU B 192 6.62 -21.93 -25.28
C LEU B 192 7.83 -22.79 -25.73
N GLU B 193 8.51 -23.46 -24.81
CA GLU B 193 9.59 -24.41 -25.20
C GLU B 193 9.01 -25.71 -25.74
N LEU B 194 7.74 -25.96 -25.49
CA LEU B 194 7.09 -27.16 -26.01
C LEU B 194 6.40 -26.91 -27.36
N GLY B 195 6.38 -25.66 -27.80
CA GLY B 195 5.81 -25.31 -29.10
C GLY B 195 4.50 -24.57 -28.98
N ALA B 196 4.06 -24.29 -27.75
CA ALA B 196 2.86 -23.42 -27.58
C ALA B 196 3.08 -21.97 -28.01
N ASP B 197 1.99 -21.28 -28.30
CA ASP B 197 2.02 -19.90 -28.77
C ASP B 197 1.86 -18.93 -27.63
N ILE B 198 1.12 -19.35 -26.60
CA ILE B 198 0.82 -18.53 -25.43
C ILE B 198 0.88 -19.37 -24.17
N ALA B 199 1.52 -18.83 -23.14
CA ALA B 199 1.58 -19.47 -21.83
C ALA B 199 1.07 -18.50 -20.79
N LEU B 200 0.12 -18.94 -19.95
CA LEU B 200 -0.51 -17.99 -19.00
C LEU B 200 -0.65 -18.62 -17.62
N HIS B 201 -0.77 -17.77 -16.61
CA HIS B 201 -0.91 -18.20 -15.24
C HIS B 201 -1.90 -17.31 -14.51
N SER B 202 -2.63 -17.93 -13.59
CA SER B 202 -3.12 -17.21 -12.42
C SER B 202 -1.91 -16.92 -11.53
N VAL B 203 -1.46 -15.67 -11.56
CA VAL B 203 -0.38 -15.22 -10.69
C VAL B 203 -0.80 -15.30 -9.22
N SER B 204 -2.11 -15.30 -8.98
CA SER B 204 -2.73 -15.50 -7.65
C SER B 204 -2.20 -16.74 -6.94
N LYS B 205 -1.69 -17.71 -7.69
CA LYS B 205 -1.25 -18.99 -7.12
C LYS B 205 0.26 -18.99 -6.81
N TYR B 206 1.02 -19.90 -7.41
CA TYR B 206 2.44 -20.05 -7.07
C TYR B 206 3.32 -18.82 -7.30
N ILE B 207 3.09 -18.08 -8.40
CA ILE B 207 4.01 -17.02 -8.81
C ILE B 207 4.10 -15.99 -7.72
N ASN B 208 2.95 -15.48 -7.30
CA ASN B 208 2.96 -14.59 -6.13
C ASN B 208 3.24 -15.41 -4.85
N GLY B 209 2.51 -16.53 -4.70
CA GLY B 209 2.75 -17.52 -3.66
C GLY B 209 2.43 -17.18 -2.23
N HIS B 210 1.99 -15.94 -1.94
CA HIS B 210 1.74 -15.49 -0.56
C HIS B 210 0.24 -15.29 -0.20
N GLY B 211 -0.64 -15.68 -1.12
CA GLY B 211 -2.09 -15.66 -0.89
C GLY B 211 -2.67 -14.27 -0.61
N ASP B 212 -2.03 -13.23 -1.14
CA ASP B 212 -2.49 -11.88 -0.79
C ASP B 212 -2.72 -11.02 -2.01
N VAL B 213 -2.75 -11.64 -3.18
CA VAL B 213 -2.92 -10.94 -4.46
C VAL B 213 -3.74 -11.82 -5.41
N ILE B 214 -4.62 -11.19 -6.17
CA ILE B 214 -5.18 -11.85 -7.34
C ILE B 214 -4.63 -11.18 -8.58
N GLY B 215 -4.13 -11.97 -9.52
CA GLY B 215 -3.59 -11.42 -10.74
C GLY B 215 -3.37 -12.49 -11.77
N GLY B 216 -3.15 -12.06 -13.01
CA GLY B 216 -2.98 -12.96 -14.15
C GLY B 216 -1.78 -12.53 -14.95
N VAL B 217 -1.20 -13.46 -15.70
CA VAL B 217 -0.16 -13.06 -16.65
C VAL B 217 -0.27 -13.98 -17.87
N SER B 218 -0.05 -13.39 -19.04
CA SER B 218 0.05 -14.15 -20.30
C SER B 218 1.31 -13.73 -21.07
N SER B 219 1.99 -14.70 -21.65
CA SER B 219 3.24 -14.48 -22.41
C SER B 219 3.13 -15.12 -23.80
N ALA B 220 3.56 -14.41 -24.85
CA ALA B 220 3.42 -14.90 -26.22
C ALA B 220 4.77 -15.12 -26.86
N LYS B 221 4.81 -16.14 -27.73
CA LYS B 221 5.99 -16.45 -28.50
C LYS B 221 6.33 -15.28 -29.43
N THR B 222 5.34 -14.60 -29.98
CA THR B 222 5.65 -13.59 -30.97
C THR B 222 5.35 -12.19 -30.47
N ALA B 223 6.09 -11.22 -30.99
CA ALA B 223 5.81 -9.79 -30.70
C ALA B 223 4.41 -9.39 -31.16
N GLU B 224 3.95 -9.90 -32.30
CA GLU B 224 2.64 -9.51 -32.80
C GLU B 224 1.53 -10.03 -31.89
N ASP B 225 1.67 -11.26 -31.38
CA ASP B 225 0.67 -11.79 -30.48
C ASP B 225 0.60 -11.06 -29.13
N ILE B 226 1.75 -10.69 -28.55
CA ILE B 226 1.64 -9.96 -27.28
C ILE B 226 1.09 -8.56 -27.48
N ALA B 227 1.37 -7.93 -28.63
CA ALA B 227 0.78 -6.62 -28.98
C ALA B 227 -0.76 -6.70 -29.05
N THR B 228 -1.25 -7.73 -29.72
CA THR B 228 -2.70 -8.02 -29.77
C THR B 228 -3.30 -8.21 -28.40
N ILE B 229 -2.66 -9.03 -27.55
CA ILE B 229 -3.15 -9.25 -26.19
C ILE B 229 -3.27 -7.93 -25.44
N LYS B 230 -2.24 -7.08 -25.55
CA LYS B 230 -2.25 -5.77 -24.85
C LYS B 230 -3.24 -4.79 -25.47
N PHE B 231 -3.47 -4.91 -26.78
CA PHE B 231 -4.50 -4.10 -27.41
C PHE B 231 -5.89 -4.48 -26.88
N TYR B 232 -6.13 -5.79 -26.76
CA TYR B 232 -7.37 -6.25 -26.16
C TYR B 232 -7.48 -5.79 -24.70
N ARG B 233 -6.37 -5.90 -23.97
CA ARG B 233 -6.32 -5.47 -22.57
C ARG B 233 -6.67 -3.97 -22.40
N LYS B 234 -6.21 -3.14 -23.34
CA LYS B 234 -6.49 -1.69 -23.36
C LYS B 234 -8.00 -1.39 -23.32
N ASP B 235 -8.75 -2.23 -24.02
CA ASP B 235 -10.19 -2.03 -24.16
C ASP B 235 -11.03 -2.83 -23.18
N ALA B 236 -10.57 -4.03 -22.83
CA ALA B 236 -11.25 -4.90 -21.90
C ALA B 236 -11.01 -4.45 -20.44
N GLY B 237 -9.80 -4.01 -20.13
CA GLY B 237 -9.55 -3.29 -18.88
C GLY B 237 -9.25 -4.10 -17.62
N SER B 238 -8.82 -5.35 -17.80
CA SER B 238 -8.32 -6.16 -16.64
C SER B 238 -6.83 -5.84 -16.42
N LEU B 239 -6.57 -4.93 -15.48
CA LEU B 239 -5.22 -4.43 -15.22
C LEU B 239 -4.72 -4.93 -13.87
N MET B 240 -3.41 -5.19 -13.78
CA MET B 240 -2.78 -5.44 -12.48
C MET B 240 -2.49 -4.07 -11.84
N ALA B 241 -2.96 -3.87 -10.61
CA ALA B 241 -2.72 -2.59 -9.90
C ALA B 241 -1.23 -2.41 -9.57
N PRO B 242 -0.72 -1.15 -9.51
CA PRO B 242 0.70 -0.95 -9.20
C PRO B 242 1.15 -1.68 -7.90
N MET B 243 0.34 -1.62 -6.86
CA MET B 243 0.68 -2.24 -5.57
C MET B 243 0.73 -3.77 -5.70
N ASP B 244 -0.21 -4.35 -6.43
CA ASP B 244 -0.21 -5.81 -6.62
C ASP B 244 0.98 -6.27 -7.45
N ALA B 245 1.37 -5.46 -8.44
CA ALA B 245 2.58 -5.78 -9.24
C ALA B 245 3.81 -5.72 -8.37
N PHE B 246 3.88 -4.72 -7.49
CA PHE B 246 4.96 -4.63 -6.49
C PHE B 246 4.98 -5.93 -5.66
N LEU B 247 3.83 -6.37 -5.18
CA LEU B 247 3.74 -7.64 -4.37
C LEU B 247 4.01 -8.91 -5.16
N CYS B 248 3.62 -8.93 -6.43
CA CYS B 248 3.85 -10.11 -7.25
C CYS B 248 5.32 -10.25 -7.59
N ALA B 249 5.98 -9.12 -7.89
CA ALA B 249 7.43 -9.17 -8.20
C ALA B 249 8.20 -9.63 -6.96
N ARG B 250 7.80 -9.09 -5.81
CA ARG B 250 8.40 -9.42 -4.52
C ARG B 250 8.21 -10.92 -4.18
N GLY B 251 6.98 -11.42 -4.31
CA GLY B 251 6.75 -12.87 -4.14
C GLY B 251 7.57 -13.70 -5.12
N MET B 252 7.70 -13.22 -6.35
CA MET B 252 8.38 -14.04 -7.36
C MET B 252 9.89 -14.16 -7.10
N LYS B 253 10.40 -13.26 -6.26
CA LYS B 253 11.82 -13.31 -5.90
C LYS B 253 12.18 -14.63 -5.19
N THR B 254 11.23 -15.24 -4.51
CA THR B 254 11.48 -16.55 -3.89
C THR B 254 10.83 -17.70 -4.62
N LEU B 255 10.34 -17.45 -5.84
CA LEU B 255 9.65 -18.51 -6.55
C LEU B 255 10.47 -19.82 -6.71
N PRO B 256 11.77 -19.74 -7.12
CA PRO B 256 12.47 -21.03 -7.33
C PRO B 256 12.66 -21.88 -6.06
N ILE B 257 13.02 -21.26 -4.93
CA ILE B 257 13.13 -22.03 -3.69
C ILE B 257 11.75 -22.52 -3.21
N ARG B 258 10.73 -21.67 -3.26
CA ARG B 258 9.38 -22.10 -2.90
C ARG B 258 8.95 -23.31 -3.76
N MET B 259 9.15 -23.25 -5.07
CA MET B 259 8.74 -24.38 -5.92
C MET B 259 9.50 -25.65 -5.62
N GLN B 260 10.78 -25.57 -5.28
CA GLN B 260 11.58 -26.78 -4.96
C GLN B 260 10.95 -27.48 -3.75
N ILE B 261 10.60 -26.68 -2.75
CA ILE B 261 9.97 -27.19 -1.53
C ILE B 261 8.54 -27.71 -1.76
N HIS B 262 7.70 -26.91 -2.42
CA HIS B 262 6.37 -27.36 -2.84
C HIS B 262 6.49 -28.73 -3.56
N MET B 263 7.40 -28.83 -4.54
CA MET B 263 7.50 -30.06 -5.29
C MET B 263 7.82 -31.22 -4.36
N GLU B 264 8.86 -31.07 -3.54
CA GLU B 264 9.33 -32.19 -2.70
C GLU B 264 8.26 -32.48 -1.66
N ASN B 265 7.70 -31.44 -1.06
CA ASN B 265 6.62 -31.63 -0.09
C ASN B 265 5.38 -32.34 -0.63
N GLY B 266 4.89 -31.92 -1.80
CA GLY B 266 3.71 -32.51 -2.40
C GLY B 266 3.90 -33.99 -2.74
N LEU B 267 5.10 -34.34 -3.20
CA LEU B 267 5.38 -35.73 -3.56
C LEU B 267 5.37 -36.63 -2.32
N LYS B 268 5.99 -36.14 -1.24
CA LYS B 268 6.02 -36.86 0.04
C LYS B 268 4.61 -37.08 0.59
N VAL B 269 3.80 -36.02 0.61
CA VAL B 269 2.40 -36.11 1.01
C VAL B 269 1.57 -37.08 0.15
N ALA B 270 1.72 -37.00 -1.17
CA ALA B 270 1.01 -37.89 -2.08
C ALA B 270 1.36 -39.35 -1.82
N LYS B 271 2.64 -39.64 -1.60
CA LYS B 271 3.05 -41.02 -1.35
C LYS B 271 2.54 -41.53 -0.01
N PHE B 272 2.53 -40.66 0.99
CA PHE B 272 1.86 -41.00 2.26
C PHE B 272 0.39 -41.37 2.06
N LEU B 273 -0.34 -40.51 1.36
CA LEU B 273 -1.74 -40.78 1.10
C LEU B 273 -1.92 -42.02 0.22
N GLU B 274 -1.04 -42.23 -0.76
CA GLU B 274 -1.24 -43.35 -1.66
C GLU B 274 -1.12 -44.68 -0.93
N GLN B 275 -0.27 -44.74 0.10
CA GLN B 275 -0.08 -46.00 0.85
C GLN B 275 -1.04 -46.19 2.05
N HIS B 276 -1.86 -45.18 2.33
CA HIS B 276 -2.77 -45.19 3.49
C HIS B 276 -4.03 -45.97 3.19
N GLU B 277 -4.52 -46.73 4.17
CA GLU B 277 -5.66 -47.66 3.99
C GLU B 277 -6.99 -46.97 3.63
N LYS B 278 -7.13 -45.71 4.03
CA LYS B 278 -8.38 -44.96 3.82
C LYS B 278 -8.50 -44.29 2.45
N ILE B 279 -7.40 -44.24 1.71
CA ILE B 279 -7.36 -43.55 0.43
C ILE B 279 -7.48 -44.50 -0.77
N VAL B 280 -8.49 -44.27 -1.62
CA VAL B 280 -8.76 -45.09 -2.81
C VAL B 280 -7.73 -44.88 -3.93
N LYS B 281 -7.41 -43.63 -4.22
CA LYS B 281 -6.36 -43.31 -5.20
C LYS B 281 -5.87 -41.88 -5.01
N VAL B 282 -4.66 -41.60 -5.50
CA VAL B 282 -4.06 -40.27 -5.42
C VAL B 282 -3.63 -39.85 -6.82
N ASN B 283 -4.17 -38.73 -7.26
CA ASN B 283 -3.90 -38.15 -8.57
C ASN B 283 -2.81 -37.09 -8.53
N HIS B 284 -1.56 -37.51 -8.43
CA HIS B 284 -0.42 -36.64 -8.51
C HIS B 284 0.39 -37.07 -9.74
N PRO B 285 0.71 -36.13 -10.66
CA PRO B 285 1.38 -36.46 -11.93
C PRO B 285 2.79 -37.00 -11.74
N GLY B 286 3.36 -36.77 -10.56
CA GLY B 286 4.68 -37.28 -10.24
C GLY B 286 4.70 -38.67 -9.65
N LEU B 287 3.54 -39.31 -9.54
CA LEU B 287 3.50 -40.71 -9.06
C LEU B 287 3.54 -41.73 -10.20
N GLU B 288 4.34 -42.80 -10.04
CA GLU B 288 4.48 -43.83 -11.07
C GLU B 288 3.14 -44.45 -11.48
N SER B 289 2.21 -44.52 -10.53
CA SER B 289 0.89 -45.10 -10.73
C SER B 289 0.00 -44.22 -11.63
N PHE B 290 0.34 -42.94 -11.75
CA PHE B 290 -0.55 -42.00 -12.45
C PHE B 290 -0.46 -42.08 -13.97
N PRO B 291 -1.62 -42.25 -14.64
CA PRO B 291 -1.62 -42.25 -16.11
C PRO B 291 -1.26 -40.87 -16.58
N GLY B 292 -0.28 -40.77 -17.47
CA GLY B 292 0.20 -39.43 -17.81
C GLY B 292 1.51 -39.06 -17.13
N HIS B 293 1.94 -39.89 -16.18
CA HIS B 293 3.24 -39.67 -15.55
C HIS B 293 4.37 -39.61 -16.55
N ASP B 294 4.41 -40.55 -17.51
CA ASP B 294 5.51 -40.61 -18.47
C ASP B 294 5.62 -39.33 -19.31
N ILE B 295 4.48 -38.74 -19.67
CA ILE B 295 4.44 -37.50 -20.42
C ILE B 295 4.83 -36.29 -19.54
N ALA B 296 4.26 -36.22 -18.34
CA ALA B 296 4.57 -35.13 -17.41
C ALA B 296 6.05 -35.10 -17.05
N LYS B 297 6.67 -36.27 -16.86
CA LYS B 297 8.10 -36.34 -16.54
C LYS B 297 9.00 -35.85 -17.68
N LYS B 298 8.62 -36.16 -18.92
CA LYS B 298 9.39 -35.75 -20.10
C LYS B 298 9.15 -34.27 -20.45
N GLN B 299 7.94 -33.78 -20.29
CA GLN B 299 7.61 -32.39 -20.75
C GLN B 299 7.74 -31.30 -19.68
N MET B 300 7.91 -31.71 -18.43
CA MET B 300 8.07 -30.78 -17.32
C MET B 300 9.40 -31.05 -16.62
N THR B 301 9.87 -30.06 -15.84
CA THR B 301 11.13 -30.24 -15.11
C THR B 301 10.88 -30.32 -13.61
N GLY B 302 9.62 -30.49 -13.24
CA GLY B 302 9.22 -30.61 -11.85
C GLY B 302 7.71 -30.65 -11.82
N TYR B 303 7.13 -30.60 -10.61
CA TYR B 303 5.68 -30.67 -10.42
C TYR B 303 5.24 -29.64 -9.37
N GLY B 304 4.06 -29.03 -9.58
CA GLY B 304 3.36 -28.29 -8.51
C GLY B 304 2.95 -29.25 -7.41
N SER B 305 2.37 -28.73 -6.34
CA SER B 305 2.07 -29.55 -5.16
C SER B 305 0.56 -29.57 -4.87
N THR B 306 -0.23 -29.29 -5.90
CA THR B 306 -1.67 -29.31 -5.78
C THR B 306 -2.21 -30.54 -6.51
N PHE B 307 -2.98 -31.36 -5.81
CA PHE B 307 -3.44 -32.61 -6.36
C PHE B 307 -4.65 -33.12 -5.63
N LEU B 308 -5.22 -34.18 -6.16
CA LEU B 308 -6.50 -34.64 -5.73
C LEU B 308 -6.38 -36.10 -5.26
N PHE B 309 -7.12 -36.46 -4.22
CA PHE B 309 -7.20 -37.85 -3.80
C PHE B 309 -8.64 -38.27 -3.50
N GLU B 310 -8.91 -39.57 -3.55
CA GLU B 310 -10.27 -40.11 -3.39
C GLU B 310 -10.46 -40.79 -2.02
N MET B 311 -11.51 -40.39 -1.31
CA MET B 311 -11.93 -41.06 -0.08
C MET B 311 -12.97 -42.09 -0.45
N LYS B 312 -13.35 -42.93 0.52
CA LYS B 312 -14.32 -44.01 0.31
C LYS B 312 -15.77 -43.56 0.33
N SER B 313 -16.04 -42.42 0.94
CA SER B 313 -17.37 -41.82 0.91
C SER B 313 -17.28 -40.29 1.04
N PHE B 314 -18.41 -39.62 0.81
CA PHE B 314 -18.53 -38.18 1.03
C PHE B 314 -18.41 -37.85 2.51
N GLU B 315 -18.95 -38.73 3.35
CA GLU B 315 -18.89 -38.63 4.80
C GLU B 315 -17.44 -38.63 5.31
N ALA B 316 -16.63 -39.52 4.75
CA ALA B 316 -15.19 -39.64 5.04
C ALA B 316 -14.41 -38.38 4.64
N ALA B 317 -14.62 -37.92 3.40
CA ALA B 317 -13.99 -36.71 2.91
C ALA B 317 -14.32 -35.54 3.82
N LYS B 318 -15.58 -35.44 4.21
CA LYS B 318 -16.07 -34.38 5.09
C LYS B 318 -15.39 -34.49 6.47
N LYS B 319 -15.32 -35.70 7.04
CA LYS B 319 -14.61 -35.91 8.30
C LYS B 319 -13.17 -35.42 8.23
N LEU B 320 -12.47 -35.81 7.16
CA LEU B 320 -11.07 -35.46 6.97
C LEU B 320 -10.88 -33.97 6.81
N MET B 321 -11.68 -33.36 5.94
CA MET B 321 -11.55 -31.93 5.67
C MET B 321 -11.83 -31.05 6.89
N GLU B 322 -12.68 -31.52 7.78
CA GLU B 322 -13.11 -30.72 8.93
C GLU B 322 -12.39 -30.99 10.26
N HIS B 323 -11.43 -31.91 10.27
CA HIS B 323 -10.65 -32.18 11.49
C HIS B 323 -9.13 -31.97 11.35
N LEU B 324 -8.74 -31.17 10.36
CA LEU B 324 -7.35 -30.79 10.15
C LEU B 324 -7.04 -29.55 10.99
N LYS B 325 -5.86 -29.54 11.62
CA LYS B 325 -5.45 -28.39 12.46
C LYS B 325 -4.45 -27.46 11.76
N VAL B 326 -3.67 -27.98 10.83
CA VAL B 326 -2.64 -27.19 10.15
C VAL B 326 -3.17 -26.73 8.79
N CYS B 327 -3.51 -27.69 7.92
CA CYS B 327 -4.18 -27.40 6.66
C CYS B 327 -5.43 -26.56 6.89
N THR B 328 -5.71 -25.66 5.94
CA THR B 328 -6.84 -24.70 6.02
C THR B 328 -7.87 -25.01 4.95
N LEU B 329 -9.13 -25.15 5.36
CA LEU B 329 -10.25 -25.34 4.44
C LEU B 329 -10.56 -24.01 3.71
N ALA B 330 -10.27 -23.98 2.41
CA ALA B 330 -10.33 -22.76 1.60
C ALA B 330 -10.07 -23.15 0.14
N VAL B 331 -10.67 -22.41 -0.79
CA VAL B 331 -10.37 -22.61 -2.21
C VAL B 331 -9.05 -21.88 -2.48
N SER B 332 -8.57 -21.92 -3.72
CA SER B 332 -7.27 -21.39 -4.13
C SER B 332 -6.14 -22.41 -3.88
N LEU B 333 -4.93 -22.09 -4.33
CA LEU B 333 -3.82 -23.02 -4.23
C LEU B 333 -2.50 -22.28 -4.41
N GLY B 334 -1.39 -22.98 -4.20
CA GLY B 334 -0.07 -22.43 -4.50
C GLY B 334 0.39 -21.39 -3.51
N CYS B 335 -0.26 -21.34 -2.36
CA CYS B 335 0.12 -20.45 -1.28
CA CYS B 335 0.11 -20.45 -1.27
C CYS B 335 1.21 -21.10 -0.41
N VAL B 336 1.93 -20.27 0.37
CA VAL B 336 2.96 -20.80 1.27
C VAL B 336 2.41 -21.80 2.28
N ASP B 337 1.15 -21.63 2.67
CA ASP B 337 0.56 -22.60 3.59
C ASP B 337 -0.40 -23.57 2.92
N THR B 338 -0.60 -24.72 3.54
CA THR B 338 -1.44 -25.79 3.01
C THR B 338 -2.97 -25.51 3.03
N LEU B 339 -3.57 -25.63 1.85
CA LEU B 339 -4.99 -25.41 1.63
C LEU B 339 -5.63 -26.73 1.24
N ILE B 340 -6.90 -26.88 1.58
CA ILE B 340 -7.65 -28.07 1.20
C ILE B 340 -9.08 -27.64 0.84
N GLU B 341 -9.68 -28.34 -0.11
CA GLU B 341 -10.87 -27.91 -0.80
C GLU B 341 -11.72 -29.13 -1.23
N HIS B 342 -13.03 -28.96 -1.37
CA HIS B 342 -13.91 -30.03 -1.93
C HIS B 342 -14.43 -29.61 -3.30
N PRO B 343 -13.79 -30.09 -4.38
CA PRO B 343 -14.06 -29.58 -5.73
C PRO B 343 -15.52 -29.69 -6.16
N ALA B 344 -16.15 -30.82 -5.86
CA ALA B 344 -17.54 -31.06 -6.28
C ALA B 344 -18.48 -29.92 -5.90
N SER B 345 -18.28 -29.32 -4.73
CA SER B 345 -19.24 -28.37 -4.17
C SER B 345 -18.63 -26.96 -3.98
N MET B 346 -17.37 -26.81 -4.37
CA MET B 346 -16.65 -25.56 -4.27
C MET B 346 -16.12 -25.13 -5.64
N THR B 347 -14.85 -25.40 -5.96
CA THR B 347 -14.25 -24.83 -7.17
C THR B 347 -14.96 -25.22 -8.48
N HIS B 348 -15.59 -26.40 -8.47
CA HIS B 348 -16.26 -26.92 -9.64
C HIS B 348 -17.76 -27.11 -9.43
N ALA B 349 -18.30 -26.42 -8.40
CA ALA B 349 -19.75 -26.49 -8.08
C ALA B 349 -20.63 -26.10 -9.26
N ALA B 350 -20.21 -25.07 -10.00
CA ALA B 350 -21.02 -24.51 -11.11
C ALA B 350 -20.89 -25.25 -12.46
N VAL B 351 -19.93 -26.17 -12.59
CA VAL B 351 -19.82 -26.87 -13.87
C VAL B 351 -20.99 -27.86 -14.10
N PRO B 352 -21.64 -27.77 -15.30
CA PRO B 352 -22.78 -28.62 -15.69
C PRO B 352 -22.51 -30.12 -15.49
N GLU B 353 -23.54 -30.84 -15.05
CA GLU B 353 -23.45 -32.27 -14.73
C GLU B 353 -22.68 -33.08 -15.78
N ASN B 354 -23.03 -32.92 -17.06
CA ASN B 354 -22.40 -33.69 -18.15
C ASN B 354 -20.90 -33.42 -18.30
N ILE B 355 -20.49 -32.15 -18.11
CA ILE B 355 -19.08 -31.81 -18.12
C ILE B 355 -18.38 -32.39 -16.89
N MET B 356 -19.07 -32.35 -15.74
CA MET B 356 -18.55 -32.87 -14.46
C MET B 356 -18.28 -34.38 -14.51
N ARG B 357 -19.23 -35.10 -15.12
CA ARG B 357 -19.12 -36.53 -15.41
C ARG B 357 -17.88 -36.78 -16.27
N LYS B 358 -17.77 -36.03 -17.37
CA LYS B 358 -16.59 -36.11 -18.27
C LYS B 358 -15.29 -35.81 -17.55
N GLN B 359 -15.34 -34.91 -16.58
CA GLN B 359 -14.17 -34.58 -15.75
C GLN B 359 -13.80 -35.63 -14.70
N GLY B 360 -14.73 -36.54 -14.39
CA GLY B 360 -14.56 -37.53 -13.31
C GLY B 360 -14.52 -36.92 -11.91
N ILE B 361 -15.28 -35.85 -11.69
CA ILE B 361 -15.31 -35.21 -10.38
C ILE B 361 -16.51 -35.69 -9.60
N THR B 362 -16.26 -36.28 -8.42
CA THR B 362 -17.31 -36.89 -7.60
C THR B 362 -17.26 -36.32 -6.18
N PRO B 363 -18.31 -36.54 -5.36
CA PRO B 363 -18.30 -35.99 -3.99
C PRO B 363 -17.25 -36.62 -3.08
N GLU B 364 -16.63 -37.72 -3.51
CA GLU B 364 -15.59 -38.41 -2.71
C GLU B 364 -14.18 -37.83 -2.85
N LEU B 365 -13.97 -36.94 -3.82
CA LEU B 365 -12.64 -36.33 -4.10
C LEU B 365 -12.31 -35.12 -3.25
N VAL B 366 -11.06 -35.05 -2.79
CA VAL B 366 -10.55 -33.91 -2.00
C VAL B 366 -9.30 -33.38 -2.68
N ARG B 367 -9.21 -32.05 -2.85
CA ARG B 367 -8.03 -31.44 -3.46
C ARG B 367 -7.19 -30.77 -2.38
N ILE B 368 -5.92 -31.12 -2.33
CA ILE B 368 -4.98 -30.48 -1.38
C ILE B 368 -3.94 -29.69 -2.15
N SER B 369 -3.57 -28.53 -1.61
CA SER B 369 -2.48 -27.73 -2.17
C SER B 369 -1.38 -27.63 -1.11
N VAL B 370 -0.34 -28.45 -1.27
CA VAL B 370 0.65 -28.62 -0.18
C VAL B 370 1.57 -27.41 -0.13
N GLY B 371 1.67 -26.81 1.04
CA GLY B 371 2.48 -25.61 1.22
C GLY B 371 3.94 -25.92 1.49
N ILE B 372 4.65 -24.94 2.03
CA ILE B 372 6.06 -25.08 2.34
C ILE B 372 6.34 -25.29 3.83
N GLU B 373 5.31 -25.65 4.60
CA GLU B 373 5.50 -26.10 5.98
C GLU B 373 6.44 -27.30 5.99
N ASN B 374 7.10 -27.57 7.11
CA ASN B 374 7.74 -28.89 7.30
C ASN B 374 6.72 -29.97 6.89
N VAL B 375 7.05 -30.83 5.92
CA VAL B 375 6.12 -31.89 5.49
C VAL B 375 5.64 -32.78 6.64
N ASP B 376 6.52 -32.99 7.61
CA ASP B 376 6.19 -33.89 8.71
C ASP B 376 5.00 -33.36 9.48
N ASP B 377 4.85 -32.04 9.49
CA ASP B 377 3.68 -31.41 10.10
C ASP B 377 2.39 -31.64 9.31
N ILE B 378 2.46 -31.50 7.98
CA ILE B 378 1.32 -31.77 7.13
C ILE B 378 0.88 -33.24 7.19
N ILE B 379 1.84 -34.16 7.13
CA ILE B 379 1.53 -35.58 7.19
C ILE B 379 0.90 -35.94 8.54
N ALA B 380 1.48 -35.43 9.62
CA ALA B 380 0.98 -35.69 10.98
C ALA B 380 -0.42 -35.12 11.12
N ASP B 381 -0.66 -33.94 10.56
CA ASP B 381 -2.01 -33.35 10.54
C ASP B 381 -3.01 -34.28 9.84
N LEU B 382 -2.62 -34.81 8.68
CA LEU B 382 -3.46 -35.72 7.91
C LEU B 382 -3.61 -37.03 8.65
N LYS B 383 -2.52 -37.55 9.22
CA LYS B 383 -2.52 -38.85 9.90
C LYS B 383 -3.48 -38.78 11.09
N GLN B 384 -3.35 -37.67 11.83
CA GLN B 384 -4.19 -37.27 12.95
C GLN B 384 -5.68 -37.38 12.57
N ALA B 385 -6.07 -36.71 11.46
CA ALA B 385 -7.47 -36.65 11.01
C ALA B 385 -7.99 -38.00 10.50
N LEU B 386 -7.19 -38.69 9.70
CA LEU B 386 -7.55 -40.03 9.23
C LEU B 386 -7.74 -41.09 10.35
N GLU B 387 -7.22 -40.81 11.54
CA GLU B 387 -7.38 -41.71 12.68
C GLU B 387 -8.76 -41.60 13.38
N LEU B 388 -9.51 -40.53 13.13
CA LEU B 388 -10.76 -40.22 13.87
C LEU B 388 -12.00 -41.05 13.48
N ALA C 3 -33.78 15.02 4.96
CA ALA C 3 -32.91 14.06 4.21
C ALA C 3 -31.42 14.40 4.33
N GLN C 4 -30.65 13.42 4.82
CA GLN C 4 -29.23 13.57 5.09
C GLN C 4 -28.44 13.93 3.80
N ASP C 5 -27.50 14.87 3.91
CA ASP C 5 -26.73 15.33 2.75
C ASP C 5 -25.80 14.24 2.26
N ILE C 6 -25.53 14.27 0.94
CA ILE C 6 -24.59 13.28 0.37
C ILE C 6 -23.19 13.34 1.03
N THR C 7 -22.73 14.54 1.42
CA THR C 7 -21.46 14.62 2.16
C THR C 7 -21.51 13.69 3.37
N THR C 8 -22.61 13.76 4.13
CA THR C 8 -22.71 12.95 5.33
C THR C 8 -22.81 11.45 5.00
N THR C 9 -23.60 11.12 3.99
CA THR C 9 -23.79 9.73 3.55
C THR C 9 -22.47 9.03 3.18
N LEU C 10 -21.64 9.75 2.44
CA LEU C 10 -20.34 9.21 1.99
C LEU C 10 -19.35 9.03 3.13
N LEU C 11 -19.50 9.86 4.16
CA LEU C 11 -18.62 9.80 5.34
C LEU C 11 -19.13 8.77 6.33
N HIS C 12 -20.37 8.31 6.16
CA HIS C 12 -21.00 7.36 7.08
C HIS C 12 -21.62 6.16 6.35
N PRO C 13 -20.79 5.36 5.68
CA PRO C 13 -21.39 4.31 4.87
C PRO C 13 -21.95 3.17 5.72
N LYS C 14 -23.01 2.53 5.26
CA LYS C 14 -23.60 1.43 6.02
C LYS C 14 -22.59 0.28 6.10
N GLY C 15 -22.67 -0.51 7.16
CA GLY C 15 -21.81 -1.67 7.29
C GLY C 15 -21.25 -1.73 8.70
N ASP C 16 -20.94 -2.94 9.15
CA ASP C 16 -20.27 -3.09 10.44
C ASP C 16 -18.80 -2.61 10.33
N HIS C 17 -18.26 -2.09 11.42
CA HIS C 17 -16.82 -1.88 11.51
C HIS C 17 -16.15 -3.26 11.62
N VAL C 18 -14.90 -3.37 11.18
CA VAL C 18 -14.14 -4.62 11.29
C VAL C 18 -13.14 -4.46 12.46
N LEU C 19 -13.29 -5.34 13.47
CA LEU C 19 -12.49 -5.26 14.69
C LEU C 19 -12.49 -3.84 15.30
N HIS C 20 -13.66 -3.19 15.30
CA HIS C 20 -13.81 -1.78 15.75
C HIS C 20 -12.91 -0.75 15.04
N SER C 21 -12.28 -1.12 13.91
CA SER C 21 -11.45 -0.17 13.16
C SER C 21 -12.28 1.02 12.63
N HIS C 22 -11.83 2.25 12.90
CA HIS C 22 -12.52 3.42 12.38
C HIS C 22 -12.40 3.49 10.83
N ALA C 23 -11.19 3.36 10.28
CA ALA C 23 -11.07 3.26 8.81
C ALA C 23 -11.32 1.80 8.44
N TYR C 24 -11.90 1.55 7.27
CA TYR C 24 -12.20 0.20 6.85
C TYR C 24 -10.89 -0.48 6.40
N PRO C 25 -10.58 -1.66 6.95
CA PRO C 25 -9.29 -2.30 6.66
C PRO C 25 -9.10 -2.66 5.18
N ILE C 26 -7.86 -2.84 4.80
CA ILE C 26 -7.53 -3.29 3.45
C ILE C 26 -7.37 -4.81 3.49
N PHE C 27 -8.27 -5.50 2.78
CA PHE C 27 -8.27 -6.96 2.76
C PHE C 27 -7.43 -7.42 1.62
N GLN C 28 -6.12 -7.28 1.80
CA GLN C 28 -5.12 -7.75 0.86
C GLN C 28 -4.99 -9.24 1.01
N THR C 29 -5.95 -9.95 0.43
CA THR C 29 -6.07 -11.40 0.55
C THR C 29 -6.63 -11.91 -0.78
N SER C 30 -6.24 -13.12 -1.14
CA SER C 30 -6.86 -13.70 -2.31
C SER C 30 -8.04 -14.54 -1.84
N THR C 31 -7.83 -15.39 -0.84
CA THR C 31 -8.89 -16.31 -0.40
C THR C 31 -9.36 -16.07 1.05
N PHE C 32 -10.39 -16.81 1.43
CA PHE C 32 -11.07 -16.72 2.72
C PHE C 32 -11.28 -18.13 3.25
N CYS C 33 -11.31 -18.27 4.58
CA CYS C 33 -11.42 -19.57 5.25
C CYS C 33 -12.87 -20.00 5.47
N PHE C 34 -13.12 -21.31 5.42
CA PHE C 34 -14.44 -21.83 5.69
C PHE C 34 -14.46 -22.45 7.10
N ASP C 35 -15.62 -22.37 7.76
CA ASP C 35 -15.84 -23.00 9.05
C ASP C 35 -16.02 -24.51 8.89
N SER C 36 -16.57 -24.94 7.74
CA SER C 36 -16.99 -26.32 7.55
C SER C 36 -17.26 -26.49 6.08
N THR C 37 -17.28 -27.75 5.63
CA THR C 37 -17.61 -28.06 4.24
C THR C 37 -18.99 -27.45 3.83
N GLN C 38 -20.02 -27.65 4.66
CA GLN C 38 -21.37 -27.10 4.47
C GLN C 38 -21.36 -25.58 4.28
N GLN C 39 -20.72 -24.87 5.20
CA GLN C 39 -20.69 -23.40 5.17
C GLN C 39 -20.11 -22.91 3.85
N GLY C 40 -19.02 -23.53 3.42
CA GLY C 40 -18.35 -23.21 2.15
C GLY C 40 -19.19 -23.60 0.93
N ALA C 41 -19.74 -24.82 0.93
CA ALA C 41 -20.70 -25.25 -0.10
C ALA C 41 -21.85 -24.23 -0.23
N ASP C 42 -22.43 -23.85 0.91
CA ASP C 42 -23.56 -22.90 0.96
C ASP C 42 -23.23 -21.53 0.36
N LEU C 43 -22.05 -20.99 0.66
CA LEU C 43 -21.64 -19.71 0.10
C LEU C 43 -21.52 -19.80 -1.42
N PHE C 44 -21.03 -20.94 -1.91
CA PHE C 44 -20.94 -21.15 -3.36
C PHE C 44 -22.35 -21.18 -4.02
N MET C 45 -23.36 -21.65 -3.28
CA MET C 45 -24.78 -21.54 -3.71
C MET C 45 -25.45 -20.18 -3.41
N GLY C 46 -24.71 -19.23 -2.83
CA GLY C 46 -25.31 -17.93 -2.47
C GLY C 46 -26.16 -17.96 -1.20
N LYS C 47 -25.97 -18.99 -0.38
CA LYS C 47 -26.68 -19.17 0.88
C LYS C 47 -25.77 -18.72 2.03
N GLY C 48 -26.30 -17.87 2.92
CA GLY C 48 -25.56 -17.40 4.09
C GLY C 48 -24.77 -16.14 3.79
N GLU C 49 -24.16 -15.56 4.83
CA GLU C 49 -23.34 -14.34 4.68
C GLU C 49 -21.86 -14.68 4.81
N GLY C 50 -21.02 -14.01 4.03
CA GLY C 50 -19.60 -14.30 4.10
C GLY C 50 -18.90 -14.27 2.75
N HIS C 51 -17.61 -14.61 2.76
CA HIS C 51 -16.74 -14.43 1.61
C HIS C 51 -16.03 -15.72 1.24
N ILE C 52 -15.56 -15.78 -0.01
CA ILE C 52 -14.98 -17.00 -0.58
C ILE C 52 -13.61 -16.71 -1.14
N TYR C 53 -13.53 -15.66 -1.98
CA TYR C 53 -12.37 -15.44 -2.84
C TYR C 53 -12.54 -14.08 -3.44
N SER C 54 -11.47 -13.29 -3.46
CA SER C 54 -11.59 -11.87 -3.74
C SER C 54 -12.15 -11.56 -5.15
N ARG C 55 -11.89 -12.43 -6.12
CA ARG C 55 -12.49 -12.22 -7.45
C ARG C 55 -14.04 -12.23 -7.38
N LEU C 56 -14.59 -13.07 -6.49
CA LEU C 56 -16.03 -13.15 -6.32
C LEU C 56 -16.53 -12.02 -5.40
N GLY C 57 -15.72 -11.63 -4.42
CA GLY C 57 -16.08 -10.50 -3.59
C GLY C 57 -15.04 -10.27 -2.52
N ASN C 58 -14.63 -9.01 -2.36
CA ASN C 58 -13.62 -8.64 -1.41
C ASN C 58 -14.24 -7.57 -0.51
N PRO C 59 -14.12 -7.70 0.82
CA PRO C 59 -14.79 -6.70 1.69
C PRO C 59 -14.40 -5.25 1.43
N THR C 60 -13.13 -4.98 1.15
CA THR C 60 -12.75 -3.56 0.98
C THR C 60 -13.35 -3.01 -0.34
N VAL C 61 -13.37 -3.85 -1.37
CA VAL C 61 -13.91 -3.40 -2.64
C VAL C 61 -15.45 -3.22 -2.50
N GLU C 62 -16.11 -4.16 -1.81
CA GLU C 62 -17.57 -4.07 -1.54
C GLU C 62 -17.95 -2.77 -0.79
N GLN C 63 -17.09 -2.34 0.13
CA GLN C 63 -17.32 -1.10 0.85
C GLN C 63 -17.36 0.09 -0.13
N PHE C 64 -16.43 0.10 -1.06
CA PHE C 64 -16.40 1.16 -2.11
C PHE C 64 -17.66 1.07 -3.01
N GLU C 65 -18.02 -0.16 -3.39
CA GLU C 65 -19.24 -0.37 -4.19
C GLU C 65 -20.50 0.20 -3.51
N GLU C 66 -20.62 -0.04 -2.20
CA GLU C 66 -21.77 0.48 -1.46
C GLU C 66 -21.78 2.00 -1.46
N MET C 67 -20.62 2.64 -1.36
CA MET C 67 -20.62 4.11 -1.39
C MET C 67 -21.16 4.64 -2.75
N VAL C 68 -20.66 4.07 -3.83
CA VAL C 68 -21.14 4.47 -5.16
C VAL C 68 -22.66 4.14 -5.30
N CYS C 69 -23.05 2.95 -4.86
CA CYS C 69 -24.44 2.53 -4.96
C CYS C 69 -25.35 3.53 -4.24
N SER C 70 -24.91 3.99 -3.08
CA SER C 70 -25.66 4.96 -2.27
C SER C 70 -25.80 6.31 -2.99
N ILE C 71 -24.82 6.76 -3.75
CA ILE C 71 -25.00 8.07 -4.39
C ILE C 71 -25.75 7.96 -5.72
N GLU C 72 -25.59 6.82 -6.40
CA GLU C 72 -26.31 6.57 -7.68
C GLU C 72 -27.79 6.25 -7.48
N GLY C 73 -28.15 5.75 -6.29
CA GLY C 73 -29.53 5.30 -6.00
C GLY C 73 -29.81 3.98 -6.73
N ALA C 74 -28.81 3.12 -6.81
CA ALA C 74 -28.87 1.90 -7.60
C ALA C 74 -29.33 0.70 -6.75
N ALA C 75 -29.57 -0.42 -7.41
CA ALA C 75 -29.82 -1.68 -6.70
C ALA C 75 -28.48 -2.30 -6.25
N GLY C 76 -27.40 -1.99 -6.98
CA GLY C 76 -26.06 -2.53 -6.65
C GLY C 76 -24.98 -1.92 -7.53
N SER C 77 -23.73 -1.97 -7.10
CA SER C 77 -22.59 -1.48 -7.92
C SER C 77 -21.49 -2.54 -8.01
N ALA C 78 -20.72 -2.49 -9.08
CA ALA C 78 -19.59 -3.41 -9.28
C ALA C 78 -18.36 -2.56 -9.60
N ALA C 79 -17.28 -2.76 -8.84
CA ALA C 79 -16.02 -2.08 -9.11
C ALA C 79 -15.13 -2.88 -10.06
N PHE C 80 -14.30 -2.18 -10.82
CA PHE C 80 -13.45 -2.83 -11.87
C PHE C 80 -12.04 -2.25 -11.81
N GLY C 81 -11.12 -2.93 -12.50
CA GLY C 81 -9.72 -2.50 -12.67
C GLY C 81 -9.56 -1.20 -13.43
N SER C 82 -10.59 -0.78 -14.17
CA SER C 82 -10.51 0.46 -15.01
C SER C 82 -11.93 0.82 -15.47
N GLY C 83 -12.14 2.08 -15.85
CA GLY C 83 -13.39 2.46 -16.56
C GLY C 83 -13.62 1.55 -17.77
N MET C 84 -12.58 1.21 -18.52
CA MET C 84 -12.80 0.31 -19.68
C MET C 84 -13.33 -1.08 -19.23
N GLY C 85 -12.88 -1.55 -18.06
CA GLY C 85 -13.44 -2.76 -17.46
C GLY C 85 -14.92 -2.62 -17.18
N ALA C 86 -15.29 -1.48 -16.60
CA ALA C 86 -16.70 -1.23 -16.33
C ALA C 86 -17.52 -1.16 -17.63
N ILE C 87 -16.96 -0.51 -18.64
CA ILE C 87 -17.64 -0.33 -19.96
C ILE C 87 -17.80 -1.67 -20.70
N SER C 88 -16.72 -2.44 -20.82
CA SER C 88 -16.82 -3.79 -21.39
C SER C 88 -17.82 -4.66 -20.65
N SER C 89 -17.75 -4.58 -19.33
CA SER C 89 -18.61 -5.45 -18.52
C SER C 89 -20.06 -4.99 -18.49
N SER C 90 -20.33 -3.73 -18.83
CA SER C 90 -21.69 -3.22 -18.82
C SER C 90 -22.37 -3.35 -20.19
N THR C 91 -21.63 -3.78 -21.19
CA THR C 91 -22.15 -3.88 -22.54
C THR C 91 -22.13 -5.34 -22.92
N LEU C 92 -20.94 -5.94 -22.87
CA LEU C 92 -20.80 -7.32 -23.28
C LEU C 92 -21.41 -8.35 -22.29
N ALA C 93 -21.77 -7.90 -21.09
CA ALA C 93 -22.51 -8.84 -20.19
C ALA C 93 -23.94 -9.06 -20.70
N PHE C 94 -24.41 -8.16 -21.55
CA PHE C 94 -25.79 -8.21 -22.08
C PHE C 94 -25.90 -8.46 -23.57
N LEU C 95 -24.99 -7.92 -24.39
CA LEU C 95 -25.13 -7.95 -25.83
C LEU C 95 -24.55 -9.27 -26.33
N GLN C 96 -25.25 -9.93 -27.24
CA GLN C 96 -24.71 -11.13 -27.87
C GLN C 96 -24.84 -11.06 -29.37
N LYS C 97 -24.24 -12.04 -30.06
CA LYS C 97 -24.30 -12.10 -31.51
C LYS C 97 -25.75 -11.90 -32.00
N GLY C 98 -25.90 -11.05 -33.03
CA GLY C 98 -27.23 -10.78 -33.56
C GLY C 98 -27.95 -9.58 -32.91
N ASP C 99 -27.47 -9.11 -31.75
CA ASP C 99 -27.96 -7.87 -31.10
C ASP C 99 -27.44 -6.61 -31.76
N HIS C 100 -28.15 -5.51 -31.53
CA HIS C 100 -27.76 -4.23 -32.11
C HIS C 100 -27.60 -3.20 -31.00
N LEU C 101 -26.54 -2.43 -31.10
CA LEU C 101 -26.23 -1.38 -30.16
C LEU C 101 -26.21 -0.06 -30.90
N ILE C 102 -26.87 0.96 -30.33
CA ILE C 102 -26.72 2.33 -30.79
C ILE C 102 -25.87 3.06 -29.76
N ALA C 103 -24.80 3.71 -30.21
CA ALA C 103 -23.98 4.44 -29.24
C ALA C 103 -23.71 5.86 -29.79
N GLY C 104 -23.40 6.80 -28.91
CA GLY C 104 -23.07 8.15 -29.33
C GLY C 104 -21.88 8.15 -30.28
N ASP C 105 -21.84 9.13 -31.18
CA ASP C 105 -20.75 9.24 -32.10
C ASP C 105 -19.55 10.00 -31.53
N THR C 106 -19.66 10.55 -30.32
CA THR C 106 -18.58 11.27 -29.68
C THR C 106 -18.38 10.58 -28.38
N LEU C 107 -17.36 9.74 -28.31
CA LEU C 107 -17.10 8.93 -27.12
C LEU C 107 -15.62 8.98 -26.86
N TYR C 108 -15.24 8.72 -25.61
CA TYR C 108 -13.88 8.44 -25.25
C TYR C 108 -13.24 7.47 -26.28
N GLY C 109 -12.01 7.76 -26.71
CA GLY C 109 -11.32 6.99 -27.80
C GLY C 109 -11.34 5.47 -27.65
N CYS C 110 -11.03 4.97 -26.45
CA CYS C 110 -10.96 3.50 -26.25
C CYS C 110 -12.35 2.87 -26.22
N THR C 111 -13.37 3.65 -25.87
CA THR C 111 -14.74 3.19 -26.04
C THR C 111 -15.06 3.03 -27.54
N VAL C 112 -14.67 3.99 -28.38
CA VAL C 112 -14.86 3.83 -29.82
C VAL C 112 -14.10 2.57 -30.28
N SER C 113 -12.90 2.36 -29.75
CA SER C 113 -12.10 1.20 -30.11
C SER C 113 -12.86 -0.09 -29.76
N LEU C 114 -13.37 -0.17 -28.54
CA LEU C 114 -14.12 -1.35 -28.07
C LEU C 114 -15.32 -1.65 -28.95
N PHE C 115 -16.09 -0.59 -29.26
CA PHE C 115 -17.36 -0.71 -29.97
C PHE C 115 -17.14 -0.97 -31.47
N THR C 116 -16.08 -0.41 -32.03
CA THR C 116 -15.88 -0.54 -33.49
C THR C 116 -14.94 -1.67 -33.82
N HIS C 117 -14.00 -2.01 -32.93
CA HIS C 117 -13.12 -3.15 -33.24
C HIS C 117 -13.57 -4.50 -32.65
N TRP C 118 -13.82 -4.54 -31.34
CA TRP C 118 -14.12 -5.80 -30.67
C TRP C 118 -15.59 -6.26 -30.79
N LEU C 119 -16.57 -5.38 -30.56
CA LEU C 119 -17.98 -5.83 -30.61
C LEU C 119 -18.39 -6.50 -31.95
N PRO C 120 -18.05 -5.88 -33.11
CA PRO C 120 -18.38 -6.52 -34.38
C PRO C 120 -17.72 -7.86 -34.57
N ARG C 121 -16.54 -8.07 -33.97
CA ARG C 121 -15.92 -9.41 -34.04
C ARG C 121 -16.72 -10.48 -33.28
N PHE C 122 -17.57 -10.04 -32.36
CA PHE C 122 -18.41 -10.96 -31.58
C PHE C 122 -19.83 -11.03 -32.13
N GLY C 123 -20.04 -10.49 -33.33
CA GLY C 123 -21.32 -10.62 -34.05
C GLY C 123 -22.34 -9.58 -33.61
N ILE C 124 -21.87 -8.55 -32.90
CA ILE C 124 -22.76 -7.51 -32.41
C ILE C 124 -22.76 -6.34 -33.41
N GLU C 125 -23.94 -5.89 -33.79
CA GLU C 125 -24.07 -4.79 -34.73
C GLU C 125 -24.02 -3.47 -33.99
N VAL C 126 -23.27 -2.51 -34.51
CA VAL C 126 -23.03 -1.26 -33.81
C VAL C 126 -23.23 -0.09 -34.74
N ASP C 127 -24.06 0.88 -34.36
CA ASP C 127 -24.06 2.16 -35.06
C ASP C 127 -23.68 3.29 -34.13
N LEU C 128 -22.79 4.17 -34.57
CA LEU C 128 -22.45 5.38 -33.80
C LEU C 128 -23.30 6.51 -34.35
N ILE C 129 -24.10 7.13 -33.50
CA ILE C 129 -25.19 8.02 -33.95
C ILE C 129 -25.06 9.33 -33.20
N ASP C 130 -25.53 10.43 -33.79
CA ASP C 130 -25.53 11.69 -33.06
C ASP C 130 -26.68 11.69 -32.06
N THR C 131 -26.38 11.38 -30.81
CA THR C 131 -27.45 11.20 -29.81
C THR C 131 -27.91 12.51 -29.19
N SER C 132 -27.36 13.64 -29.65
CA SER C 132 -27.93 14.93 -29.25
C SER C 132 -29.27 15.15 -29.93
N ASP C 133 -29.63 14.28 -30.88
CA ASP C 133 -30.89 14.44 -31.58
C ASP C 133 -31.70 13.14 -31.43
N VAL C 134 -32.74 13.16 -30.60
CA VAL C 134 -33.55 11.96 -30.37
C VAL C 134 -34.13 11.34 -31.68
N GLU C 135 -34.43 12.18 -32.68
CA GLU C 135 -34.99 11.68 -33.95
C GLU C 135 -33.99 10.80 -34.73
N LYS C 136 -32.72 11.15 -34.63
CA LYS C 136 -31.67 10.35 -35.23
C LYS C 136 -31.52 9.00 -34.51
N VAL C 137 -31.73 9.01 -33.21
CA VAL C 137 -31.72 7.74 -32.42
C VAL C 137 -32.86 6.83 -32.86
N LYS C 138 -34.04 7.41 -32.98
CA LYS C 138 -35.23 6.67 -33.43
C LYS C 138 -35.03 6.15 -34.86
N ALA C 139 -34.41 6.96 -35.70
CA ALA C 139 -34.25 6.56 -37.11
C ALA C 139 -33.27 5.40 -37.26
N ALA C 140 -32.33 5.32 -36.32
CA ALA C 140 -31.29 4.26 -36.33
C ALA C 140 -31.78 2.99 -35.65
N TRP C 141 -32.98 3.05 -35.05
CA TRP C 141 -33.54 1.91 -34.29
C TRP C 141 -33.92 0.74 -35.18
N LYS C 142 -33.67 -0.50 -34.74
CA LYS C 142 -33.99 -1.70 -35.50
C LYS C 142 -34.75 -2.71 -34.63
N PRO C 143 -35.40 -3.73 -35.24
CA PRO C 143 -36.10 -4.74 -34.43
C PRO C 143 -35.21 -5.40 -33.38
N ASN C 144 -33.91 -5.54 -33.67
CA ASN C 144 -32.94 -6.20 -32.75
C ASN C 144 -32.10 -5.22 -31.88
N THR C 145 -32.47 -3.95 -31.84
CA THR C 145 -31.76 -2.99 -30.98
C THR C 145 -31.96 -3.38 -29.51
N LYS C 146 -30.89 -3.64 -28.77
CA LYS C 146 -30.98 -4.11 -27.37
C LYS C 146 -30.44 -3.11 -26.39
N MET C 147 -29.67 -2.15 -26.91
CA MET C 147 -28.96 -1.22 -26.03
C MET C 147 -28.70 0.12 -26.72
N VAL C 148 -28.84 1.18 -25.95
CA VAL C 148 -28.29 2.50 -26.29
C VAL C 148 -27.25 2.88 -25.25
N TYR C 149 -26.07 3.30 -25.72
CA TYR C 149 -24.97 3.67 -24.84
C TYR C 149 -24.65 5.17 -25.08
N LEU C 150 -24.68 5.97 -24.01
CA LEU C 150 -24.44 7.44 -24.10
C LEU C 150 -23.34 7.91 -23.18
N GLU C 151 -22.55 8.89 -23.62
CA GLU C 151 -21.68 9.72 -22.75
C GLU C 151 -22.21 11.10 -22.88
N SER C 152 -22.59 11.75 -21.80
CA SER C 152 -23.05 13.12 -21.92
C SER C 152 -22.69 13.84 -20.62
N PRO C 153 -22.00 15.02 -20.69
CA PRO C 153 -21.41 15.64 -21.88
C PRO C 153 -20.28 14.73 -22.36
N ALA C 154 -20.10 14.65 -23.68
CA ALA C 154 -19.19 13.69 -24.28
C ALA C 154 -17.73 14.14 -24.13
N ASN C 155 -16.82 13.17 -24.08
CA ASN C 155 -15.39 13.43 -24.00
C ASN C 155 -14.86 13.41 -25.46
N PRO C 156 -14.32 14.54 -25.97
CA PRO C 156 -13.96 15.73 -25.22
C PRO C 156 -14.79 16.99 -25.51
N THR C 157 -15.73 16.94 -26.46
CA THR C 157 -16.38 18.15 -26.99
C THR C 157 -17.52 18.65 -26.09
N CYS C 158 -17.86 17.86 -25.09
CA CYS C 158 -18.95 18.19 -24.17
C CYS C 158 -20.35 18.13 -24.79
N LYS C 159 -20.47 17.57 -26.00
CA LYS C 159 -21.78 17.45 -26.64
C LYS C 159 -22.80 16.83 -25.68
N VAL C 160 -23.94 17.50 -25.57
CA VAL C 160 -25.02 17.04 -24.67
C VAL C 160 -26.03 16.14 -25.41
N SER C 161 -26.38 15.01 -24.80
CA SER C 161 -27.53 14.20 -25.23
C SER C 161 -28.73 14.35 -24.31
N ASP C 162 -29.93 14.16 -24.85
CA ASP C 162 -31.15 14.21 -24.06
C ASP C 162 -31.36 12.80 -23.50
N ILE C 163 -30.79 12.60 -22.30
CA ILE C 163 -30.82 11.29 -21.66
C ILE C 163 -32.27 10.89 -21.36
N LYS C 164 -33.06 11.80 -20.82
CA LYS C 164 -34.46 11.51 -20.47
C LYS C 164 -35.29 11.14 -21.68
N GLY C 165 -35.17 11.93 -22.75
CA GLY C 165 -35.85 11.66 -24.01
C GLY C 165 -35.48 10.32 -24.64
N ILE C 166 -34.20 9.99 -24.63
CA ILE C 166 -33.75 8.74 -25.20
C ILE C 166 -34.22 7.58 -24.31
N ALA C 167 -34.22 7.77 -22.98
CA ALA C 167 -34.67 6.74 -22.06
C ALA C 167 -36.12 6.32 -22.33
N VAL C 168 -36.98 7.30 -22.63
CA VAL C 168 -38.37 6.97 -23.00
C VAL C 168 -38.43 5.95 -24.15
N VAL C 169 -37.67 6.21 -25.23
CA VAL C 169 -37.68 5.30 -26.37
C VAL C 169 -37.13 3.92 -25.94
N CYS C 170 -36.00 3.89 -25.21
CA CYS C 170 -35.49 2.59 -24.70
C CYS C 170 -36.55 1.84 -23.89
N HIS C 171 -37.26 2.54 -23.01
CA HIS C 171 -38.24 1.90 -22.14
C HIS C 171 -39.41 1.38 -22.94
N GLU C 172 -39.85 2.13 -23.95
CA GLU C 172 -40.94 1.67 -24.82
C GLU C 172 -40.57 0.46 -25.67
N ARG C 173 -39.28 0.30 -25.99
CA ARG C 173 -38.90 -0.68 -27.00
C ARG C 173 -38.07 -1.86 -26.45
N GLY C 174 -37.87 -1.89 -25.15
CA GLY C 174 -37.19 -3.01 -24.53
C GLY C 174 -35.67 -2.98 -24.70
N ALA C 175 -35.08 -1.78 -24.73
CA ALA C 175 -33.61 -1.64 -24.84
C ALA C 175 -33.03 -1.11 -23.51
N ARG C 176 -31.86 -1.61 -23.10
CA ARG C 176 -31.18 -1.04 -21.93
C ARG C 176 -30.52 0.29 -22.30
N LEU C 177 -30.58 1.26 -21.40
CA LEU C 177 -29.90 2.51 -21.58
C LEU C 177 -28.74 2.55 -20.62
N VAL C 178 -27.54 2.69 -21.17
CA VAL C 178 -26.31 2.71 -20.39
C VAL C 178 -25.68 4.11 -20.54
N VAL C 179 -25.34 4.74 -19.41
CA VAL C 179 -24.77 6.08 -19.43
C VAL C 179 -23.40 6.12 -18.71
N ASP C 180 -22.41 6.59 -19.44
CA ASP C 180 -21.09 6.89 -18.89
C ASP C 180 -21.12 8.33 -18.38
N ALA C 181 -21.16 8.49 -17.06
CA ALA C 181 -21.26 9.83 -16.42
C ALA C 181 -19.93 10.31 -15.84
N THR C 182 -18.82 9.68 -16.26
CA THR C 182 -17.47 10.04 -15.85
C THR C 182 -17.22 11.58 -15.81
N PHE C 183 -17.59 12.29 -16.87
CA PHE C 183 -17.22 13.73 -17.02
C PHE C 183 -17.90 14.64 -15.99
N THR C 184 -18.95 14.14 -15.37
CA THR C 184 -19.76 14.99 -14.51
C THR C 184 -19.73 14.60 -13.05
N SER C 185 -19.51 13.29 -12.79
CA SER C 185 -19.52 12.70 -11.45
C SER C 185 -20.96 12.50 -10.96
N PRO C 186 -21.14 11.55 -10.04
CA PRO C 186 -22.46 11.25 -9.55
C PRO C 186 -22.99 12.32 -8.58
N CYS C 187 -22.19 13.32 -8.22
CA CYS C 187 -22.74 14.46 -7.48
C CYS C 187 -23.71 15.27 -8.34
N PHE C 188 -23.43 15.33 -9.63
CA PHE C 188 -24.15 16.23 -10.52
C PHE C 188 -25.00 15.57 -11.61
N LEU C 189 -24.69 14.32 -11.95
CA LEU C 189 -25.46 13.58 -12.94
C LEU C 189 -25.76 12.23 -12.36
N LYS C 190 -27.06 11.93 -12.26
CA LYS C 190 -27.49 10.61 -11.74
C LYS C 190 -28.37 9.96 -12.78
N PRO C 191 -27.74 9.23 -13.70
CA PRO C 191 -28.50 8.71 -14.85
C PRO C 191 -29.67 7.81 -14.47
N LEU C 192 -29.55 7.05 -13.38
CA LEU C 192 -30.67 6.21 -12.95
C LEU C 192 -31.91 7.04 -12.57
N GLU C 193 -31.74 8.30 -12.18
CA GLU C 193 -32.89 9.18 -11.94
C GLU C 193 -33.48 9.71 -13.24
N LEU C 194 -32.72 9.63 -14.33
CA LEU C 194 -33.18 10.18 -15.62
C LEU C 194 -33.77 9.08 -16.52
N GLY C 195 -33.74 7.84 -16.05
CA GLY C 195 -34.30 6.73 -16.82
C GLY C 195 -33.27 5.72 -17.31
N ALA C 196 -31.98 5.95 -17.07
CA ALA C 196 -30.97 4.92 -17.47
C ALA C 196 -31.13 3.64 -16.67
N ASP C 197 -30.71 2.53 -17.26
CA ASP C 197 -30.66 1.25 -16.56
C ASP C 197 -29.35 1.01 -15.87
N ILE C 198 -28.30 1.59 -16.43
CA ILE C 198 -26.94 1.42 -15.93
C ILE C 198 -26.22 2.75 -16.00
N ALA C 199 -25.55 3.11 -14.90
CA ALA C 199 -24.74 4.33 -14.83
C ALA C 199 -23.31 3.89 -14.51
N LEU C 200 -22.33 4.36 -15.27
CA LEU C 200 -20.96 3.92 -15.00
C LEU C 200 -19.98 5.08 -15.02
N HIS C 201 -18.81 4.86 -14.43
CA HIS C 201 -17.75 5.87 -14.37
C HIS C 201 -16.40 5.22 -14.51
N SER C 202 -15.51 5.95 -15.15
CA SER C 202 -14.09 5.79 -14.84
C SER C 202 -13.87 6.45 -13.49
N VAL C 203 -13.60 5.64 -12.46
CA VAL C 203 -13.32 6.12 -11.12
C VAL C 203 -11.93 6.78 -11.09
N SER C 204 -11.11 6.46 -12.09
CA SER C 204 -9.80 7.08 -12.30
C SER C 204 -9.85 8.62 -12.36
N LYS C 205 -11.01 9.16 -12.65
CA LYS C 205 -11.12 10.61 -12.85
C LYS C 205 -11.65 11.24 -11.56
N TYR C 206 -12.84 11.87 -11.61
CA TYR C 206 -13.35 12.59 -10.40
C TYR C 206 -13.59 11.77 -9.14
N ILE C 207 -14.19 10.58 -9.27
CA ILE C 207 -14.60 9.87 -8.06
C ILE C 207 -13.41 9.67 -7.11
N ASN C 208 -12.30 9.09 -7.61
CA ASN C 208 -11.10 9.00 -6.83
C ASN C 208 -10.46 10.38 -6.65
N GLY C 209 -10.29 11.12 -7.76
CA GLY C 209 -9.93 12.54 -7.73
C GLY C 209 -8.46 12.87 -7.53
N HIS C 210 -7.62 11.87 -7.23
CA HIS C 210 -6.27 12.18 -6.75
C HIS C 210 -5.18 11.69 -7.75
N GLY C 211 -5.62 11.23 -8.93
CA GLY C 211 -4.69 10.93 -10.04
C GLY C 211 -3.78 9.76 -9.72
N ASP C 212 -4.22 8.86 -8.85
CA ASP C 212 -3.29 7.83 -8.41
C ASP C 212 -3.84 6.43 -8.45
N VAL C 213 -5.00 6.26 -9.08
CA VAL C 213 -5.64 4.93 -9.21
C VAL C 213 -6.31 4.89 -10.57
N ILE C 214 -6.25 3.74 -11.23
CA ILE C 214 -7.13 3.45 -12.36
C ILE C 214 -8.22 2.52 -11.86
N GLY C 215 -9.46 2.84 -12.11
CA GLY C 215 -10.53 1.94 -11.74
C GLY C 215 -11.82 2.34 -12.39
N GLY C 216 -12.79 1.44 -12.32
CA GLY C 216 -14.11 1.71 -12.87
C GLY C 216 -15.21 1.23 -11.95
N VAL C 217 -16.41 1.71 -12.21
CA VAL C 217 -17.55 1.27 -11.46
C VAL C 217 -18.77 1.31 -12.36
N SER C 218 -19.65 0.32 -12.16
CA SER C 218 -20.95 0.35 -12.82
C SER C 218 -22.07 0.04 -11.83
N SER C 219 -23.18 0.79 -11.96
CA SER C 219 -24.33 0.63 -11.05
C SER C 219 -25.59 0.37 -11.86
N ALA C 220 -26.40 -0.60 -11.42
CA ALA C 220 -27.60 -0.97 -12.15
C ALA C 220 -28.82 -0.68 -11.33
N LYS C 221 -29.88 -0.30 -12.03
CA LYS C 221 -31.18 -0.06 -11.44
C LYS C 221 -31.82 -1.36 -10.85
N THR C 222 -31.54 -2.53 -11.40
CA THR C 222 -32.15 -3.79 -10.89
C THR C 222 -31.12 -4.77 -10.33
N ALA C 223 -31.55 -5.58 -9.35
CA ALA C 223 -30.71 -6.60 -8.75
C ALA C 223 -30.27 -7.59 -9.84
N GLU C 224 -31.18 -7.91 -10.76
CA GLU C 224 -30.84 -8.83 -11.79
C GLU C 224 -29.68 -8.33 -12.68
N ASP C 225 -29.72 -7.06 -13.05
CA ASP C 225 -28.70 -6.51 -13.93
C ASP C 225 -27.36 -6.42 -13.25
N ILE C 226 -27.33 -5.97 -11.99
CA ILE C 226 -26.02 -5.91 -11.34
C ILE C 226 -25.46 -7.35 -11.12
N ALA C 227 -26.35 -8.33 -10.87
CA ALA C 227 -25.90 -9.72 -10.75
C ALA C 227 -25.25 -10.23 -12.04
N THR C 228 -25.85 -9.89 -13.18
CA THR C 228 -25.34 -10.34 -14.48
C THR C 228 -23.97 -9.70 -14.74
N ILE C 229 -23.87 -8.42 -14.41
CA ILE C 229 -22.58 -7.70 -14.56
C ILE C 229 -21.47 -8.35 -13.74
N LYS C 230 -21.75 -8.65 -12.48
CA LYS C 230 -20.81 -9.35 -11.61
C LYS C 230 -20.51 -10.76 -12.09
N PHE C 231 -21.49 -11.40 -12.70
CA PHE C 231 -21.26 -12.73 -13.29
C PHE C 231 -20.26 -12.63 -14.44
N TYR C 232 -20.44 -11.62 -15.29
CA TYR C 232 -19.49 -11.36 -16.38
C TYR C 232 -18.07 -11.05 -15.83
N ARG C 233 -18.02 -10.19 -14.80
CA ARG C 233 -16.77 -9.79 -14.17
C ARG C 233 -15.98 -11.00 -13.64
N LYS C 234 -16.70 -11.97 -13.08
CA LYS C 234 -16.09 -13.15 -12.48
C LYS C 234 -15.28 -13.94 -13.54
N ASP C 235 -15.77 -13.95 -14.78
CA ASP C 235 -15.14 -14.65 -15.90
C ASP C 235 -14.22 -13.77 -16.73
N ALA C 236 -14.53 -12.48 -16.85
CA ALA C 236 -13.70 -11.55 -17.64
C ALA C 236 -12.54 -11.00 -16.83
N GLY C 237 -12.74 -10.89 -15.52
CA GLY C 237 -11.66 -10.65 -14.59
C GLY C 237 -11.07 -9.25 -14.41
N SER C 238 -11.81 -8.20 -14.75
CA SER C 238 -11.38 -6.81 -14.47
C SER C 238 -11.77 -6.48 -13.04
N LEU C 239 -10.82 -6.63 -12.13
CA LEU C 239 -11.07 -6.40 -10.71
C LEU C 239 -10.45 -5.13 -10.18
N MET C 240 -11.10 -4.52 -9.21
CA MET C 240 -10.43 -3.43 -8.47
C MET C 240 -9.59 -4.09 -7.37
N ALA C 241 -8.29 -3.79 -7.28
CA ALA C 241 -7.45 -4.35 -6.21
C ALA C 241 -7.85 -3.78 -4.85
N PRO C 242 -7.64 -4.54 -3.76
CA PRO C 242 -8.00 -4.03 -2.43
C PRO C 242 -7.37 -2.68 -2.12
N MET C 243 -6.08 -2.52 -2.43
CA MET C 243 -5.44 -1.23 -2.11
C MET C 243 -6.08 -0.09 -2.94
N ASP C 244 -6.40 -0.37 -4.19
CA ASP C 244 -7.04 0.67 -5.01
C ASP C 244 -8.44 1.00 -4.51
N ALA C 245 -9.17 0.00 -4.02
CA ALA C 245 -10.49 0.29 -3.42
C ALA C 245 -10.40 1.13 -2.16
N PHE C 246 -9.40 0.85 -1.32
CA PHE C 246 -9.15 1.69 -0.13
C PHE C 246 -8.88 3.14 -0.60
N LEU C 247 -8.06 3.28 -1.64
CA LEU C 247 -7.73 4.63 -2.13
C LEU C 247 -8.94 5.32 -2.76
N CYS C 248 -9.74 4.61 -3.56
CA CYS C 248 -10.98 5.17 -4.14
C CYS C 248 -12.00 5.54 -3.08
N ALA C 249 -12.19 4.69 -2.06
CA ALA C 249 -13.16 5.07 -1.00
C ALA C 249 -12.67 6.35 -0.31
N ARG C 250 -11.37 6.42 -0.06
CA ARG C 250 -10.75 7.55 0.63
C ARG C 250 -10.90 8.83 -0.22
N GLY C 251 -10.60 8.74 -1.50
CA GLY C 251 -10.79 9.94 -2.40
C GLY C 251 -12.25 10.37 -2.40
N MET C 252 -13.15 9.41 -2.46
CA MET C 252 -14.58 9.72 -2.51
C MET C 252 -15.11 10.42 -1.25
N LYS C 253 -14.43 10.25 -0.13
CA LYS C 253 -14.83 10.97 1.10
C LYS C 253 -14.88 12.48 0.89
N THR C 254 -14.08 13.01 -0.05
CA THR C 254 -14.10 14.46 -0.35
C THR C 254 -14.73 14.77 -1.69
N LEU C 255 -15.42 13.80 -2.27
CA LEU C 255 -16.00 14.03 -3.62
C LEU C 255 -16.98 15.25 -3.66
N PRO C 256 -17.96 15.35 -2.71
CA PRO C 256 -18.88 16.48 -2.87
C PRO C 256 -18.19 17.85 -2.81
N ILE C 257 -17.29 18.06 -1.85
CA ILE C 257 -16.64 19.37 -1.77
C ILE C 257 -15.67 19.60 -2.94
N ARG C 258 -14.92 18.57 -3.36
CA ARG C 258 -14.08 18.75 -4.56
C ARG C 258 -14.92 19.14 -5.78
N MET C 259 -16.04 18.43 -6.01
CA MET C 259 -16.89 18.74 -7.16
C MET C 259 -17.45 20.16 -7.11
N GLN C 260 -17.75 20.67 -5.92
CA GLN C 260 -18.26 22.05 -5.80
C GLN C 260 -17.19 23.04 -6.30
N ILE C 261 -15.96 22.80 -5.85
CA ILE C 261 -14.83 23.64 -6.26
C ILE C 261 -14.52 23.46 -7.75
N HIS C 262 -14.45 22.21 -8.23
CA HIS C 262 -14.26 22.00 -9.67
C HIS C 262 -15.35 22.75 -10.45
N MET C 263 -16.62 22.57 -10.07
CA MET C 263 -17.66 23.15 -10.88
C MET C 263 -17.48 24.67 -10.97
N GLU C 264 -17.21 25.29 -9.84
CA GLU C 264 -17.14 26.74 -9.83
C GLU C 264 -15.86 27.24 -10.53
N ASN C 265 -14.74 26.58 -10.31
CA ASN C 265 -13.49 26.93 -10.99
C ASN C 265 -13.65 26.78 -12.50
N GLY C 266 -14.28 25.68 -12.91
CA GLY C 266 -14.43 25.37 -14.33
C GLY C 266 -15.22 26.44 -15.03
N LEU C 267 -16.30 26.91 -14.41
CA LEU C 267 -17.17 27.89 -15.03
C LEU C 267 -16.45 29.23 -15.13
N LYS C 268 -15.70 29.58 -14.10
CA LYS C 268 -15.00 30.86 -14.06
C LYS C 268 -13.86 30.86 -15.14
N VAL C 269 -13.19 29.72 -15.26
CA VAL C 269 -12.13 29.60 -16.29
C VAL C 269 -12.75 29.64 -17.67
N ALA C 270 -13.88 28.97 -17.87
CA ALA C 270 -14.55 29.02 -19.18
C ALA C 270 -14.99 30.43 -19.56
N LYS C 271 -15.51 31.20 -18.59
CA LYS C 271 -15.92 32.59 -18.87
C LYS C 271 -14.74 33.49 -19.20
N PHE C 272 -13.65 33.30 -18.47
CA PHE C 272 -12.40 34.01 -18.76
C PHE C 272 -11.93 33.67 -20.20
N LEU C 273 -11.89 32.40 -20.54
CA LEU C 273 -11.50 32.01 -21.89
C LEU C 273 -12.47 32.55 -22.96
N GLU C 274 -13.77 32.53 -22.67
CA GLU C 274 -14.75 32.94 -23.66
C GLU C 274 -14.65 34.42 -24.01
N GLN C 275 -14.19 35.25 -23.07
CA GLN C 275 -14.05 36.67 -23.32
C GLN C 275 -12.63 37.03 -23.83
N HIS C 276 -11.73 36.05 -23.93
CA HIS C 276 -10.34 36.35 -24.32
C HIS C 276 -10.16 36.40 -25.87
N GLU C 277 -9.48 37.42 -26.35
CA GLU C 277 -9.37 37.63 -27.81
C GLU C 277 -8.67 36.47 -28.55
N LYS C 278 -7.80 35.71 -27.87
CA LYS C 278 -7.13 34.58 -28.53
C LYS C 278 -8.05 33.36 -28.71
N ILE C 279 -9.16 33.32 -27.98
CA ILE C 279 -9.98 32.11 -27.94
C ILE C 279 -11.16 32.28 -28.89
N VAL C 280 -11.36 31.32 -29.79
CA VAL C 280 -12.41 31.40 -30.80
C VAL C 280 -13.77 31.01 -30.23
N LYS C 281 -13.79 29.93 -29.43
CA LYS C 281 -15.01 29.30 -28.95
C LYS C 281 -14.66 28.50 -27.70
N VAL C 282 -15.61 28.36 -26.76
CA VAL C 282 -15.44 27.55 -25.55
C VAL C 282 -16.62 26.57 -25.44
N ASN C 283 -16.33 25.28 -25.40
CA ASN C 283 -17.36 24.26 -25.29
C ASN C 283 -17.52 23.79 -23.84
N HIS C 284 -18.17 24.59 -23.00
CA HIS C 284 -18.45 24.21 -21.63
C HIS C 284 -19.96 24.18 -21.52
N PRO C 285 -20.53 23.06 -21.06
CA PRO C 285 -22.00 22.94 -21.16
C PRO C 285 -22.76 23.84 -20.22
N GLY C 286 -22.05 24.48 -19.27
CA GLY C 286 -22.64 25.50 -18.38
C GLY C 286 -22.72 26.91 -18.94
N LEU C 287 -22.17 27.16 -20.13
CA LEU C 287 -22.26 28.49 -20.76
C LEU C 287 -23.54 28.68 -21.54
N GLU C 288 -24.17 29.84 -21.45
CA GLU C 288 -25.38 30.06 -22.23
C GLU C 288 -25.16 29.95 -23.74
N SER C 289 -23.96 30.25 -24.21
CA SER C 289 -23.64 30.16 -25.64
C SER C 289 -23.61 28.70 -26.13
N PHE C 290 -23.53 27.73 -25.21
CA PHE C 290 -23.31 26.34 -25.64
C PHE C 290 -24.60 25.61 -26.11
N PRO C 291 -24.60 25.01 -27.33
CA PRO C 291 -25.81 24.32 -27.79
C PRO C 291 -26.04 23.12 -26.89
N GLY C 292 -27.25 22.93 -26.40
CA GLY C 292 -27.44 21.84 -25.41
C GLY C 292 -27.27 22.28 -23.96
N HIS C 293 -26.87 23.55 -23.73
CA HIS C 293 -26.89 24.07 -22.37
C HIS C 293 -28.27 23.90 -21.69
N ASP C 294 -29.34 24.14 -22.44
CA ASP C 294 -30.69 24.07 -21.86
C ASP C 294 -30.99 22.65 -21.33
N ILE C 295 -30.57 21.62 -22.07
CA ILE C 295 -30.76 20.21 -21.63
C ILE C 295 -29.87 19.88 -20.42
N ALA C 296 -28.58 20.23 -20.48
CA ALA C 296 -27.64 19.96 -19.39
C ALA C 296 -28.15 20.59 -18.08
N LYS C 297 -28.65 21.82 -18.17
CA LYS C 297 -29.12 22.57 -17.02
C LYS C 297 -30.33 21.88 -16.36
N LYS C 298 -31.19 21.28 -17.16
CA LYS C 298 -32.37 20.58 -16.66
C LYS C 298 -32.05 19.19 -16.12
N GLN C 299 -31.13 18.47 -16.76
CA GLN C 299 -30.90 17.07 -16.42
C GLN C 299 -29.76 16.80 -15.43
N MET C 300 -28.95 17.83 -15.18
CA MET C 300 -27.84 17.72 -14.22
C MET C 300 -27.99 18.75 -13.11
N THR C 301 -27.34 18.52 -11.99
CA THR C 301 -27.46 19.46 -10.89
C THR C 301 -26.14 20.24 -10.73
N GLY C 302 -25.21 20.03 -11.67
CA GLY C 302 -23.99 20.84 -11.72
C GLY C 302 -23.24 20.50 -12.98
N TYR C 303 -22.00 20.96 -13.08
CA TYR C 303 -21.13 20.61 -14.21
C TYR C 303 -19.81 20.11 -13.71
N GLY C 304 -19.22 19.15 -14.43
CA GLY C 304 -17.80 18.87 -14.26
C GLY C 304 -16.94 20.05 -14.73
N SER C 305 -15.63 19.92 -14.61
CA SER C 305 -14.75 21.03 -14.97
C SER C 305 -13.76 20.71 -16.10
N THR C 306 -14.09 19.69 -16.91
CA THR C 306 -13.29 19.32 -18.06
C THR C 306 -14.01 19.75 -19.31
N PHE C 307 -13.34 20.54 -20.14
CA PHE C 307 -14.01 21.05 -21.32
C PHE C 307 -13.01 21.46 -22.36
N LEU C 308 -13.50 21.86 -23.51
CA LEU C 308 -12.65 22.05 -24.62
C LEU C 308 -12.80 23.51 -25.11
N PHE C 309 -11.72 24.06 -25.64
CA PHE C 309 -11.79 25.38 -26.29
C PHE C 309 -11.01 25.40 -27.57
N GLU C 310 -11.38 26.34 -28.43
CA GLU C 310 -10.80 26.49 -29.75
C GLU C 310 -9.86 27.69 -29.84
N MET C 311 -8.59 27.41 -30.17
CA MET C 311 -7.61 28.44 -30.48
C MET C 311 -7.67 28.81 -31.98
N LYS C 312 -6.94 29.86 -32.37
CA LYS C 312 -6.91 30.29 -33.78
C LYS C 312 -6.08 29.39 -34.71
N SER C 313 -5.22 28.57 -34.15
CA SER C 313 -4.38 27.69 -34.94
C SER C 313 -3.80 26.60 -34.08
N PHE C 314 -3.27 25.57 -34.74
CA PHE C 314 -2.49 24.55 -34.05
C PHE C 314 -1.27 25.14 -33.33
N GLU C 315 -0.58 26.05 -33.99
CA GLU C 315 0.59 26.70 -33.40
C GLU C 315 0.24 27.49 -32.14
N ALA C 316 -0.88 28.23 -32.17
CA ALA C 316 -1.37 28.92 -30.95
C ALA C 316 -1.71 27.95 -29.83
N ALA C 317 -2.32 26.82 -30.18
CA ALA C 317 -2.66 25.80 -29.19
C ALA C 317 -1.37 25.28 -28.52
N LYS C 318 -0.38 24.91 -29.34
CA LYS C 318 0.89 24.40 -28.83
C LYS C 318 1.59 25.44 -27.96
N LYS C 319 1.64 26.68 -28.41
CA LYS C 319 2.28 27.73 -27.62
C LYS C 319 1.61 27.91 -26.25
N LEU C 320 0.28 27.84 -26.22
CA LEU C 320 -0.43 27.89 -24.93
C LEU C 320 -0.06 26.68 -24.05
N MET C 321 -0.24 25.49 -24.60
CA MET C 321 -0.08 24.28 -23.79
C MET C 321 1.31 24.09 -23.24
N GLU C 322 2.30 24.62 -23.94
CA GLU C 322 3.71 24.41 -23.54
C GLU C 322 4.29 25.51 -22.65
N HIS C 323 3.49 26.50 -22.24
CA HIS C 323 4.08 27.61 -21.47
C HIS C 323 3.28 27.90 -20.22
N LEU C 324 2.63 26.87 -19.71
CA LEU C 324 1.90 26.94 -18.46
C LEU C 324 2.77 26.47 -17.30
N LYS C 325 2.58 27.08 -16.14
CA LYS C 325 3.39 26.75 -14.96
C LYS C 325 2.57 26.02 -13.92
N VAL C 326 1.25 26.19 -13.97
CA VAL C 326 0.40 25.57 -13.01
C VAL C 326 -0.26 24.36 -13.67
N CYS C 327 -0.87 24.51 -14.83
CA CYS C 327 -1.48 23.40 -15.55
C CYS C 327 -0.39 22.43 -15.98
N THR C 328 -0.69 21.13 -15.93
CA THR C 328 0.27 20.09 -16.34
C THR C 328 -0.19 19.47 -17.67
N LEU C 329 0.73 19.39 -18.63
CA LEU C 329 0.45 18.79 -19.92
C LEU C 329 0.46 17.27 -19.72
N ALA C 330 -0.70 16.63 -19.86
CA ALA C 330 -0.85 15.18 -19.62
C ALA C 330 -2.28 14.85 -20.00
N VAL C 331 -2.53 13.59 -20.33
CA VAL C 331 -3.91 13.13 -20.52
C VAL C 331 -4.53 12.79 -19.14
N SER C 332 -5.78 12.31 -19.14
CA SER C 332 -6.64 12.13 -17.95
C SER C 332 -7.31 13.44 -17.54
N LEU C 333 -8.14 13.36 -16.51
CA LEU C 333 -8.95 14.52 -16.10
C LEU C 333 -9.50 14.21 -14.71
N GLY C 334 -10.14 15.20 -14.09
CA GLY C 334 -10.82 14.96 -12.81
C GLY C 334 -9.91 14.87 -11.59
N CYS C 335 -8.66 15.31 -11.74
CA CYS C 335 -7.67 15.28 -10.66
CA CYS C 335 -7.65 15.30 -10.68
C CYS C 335 -7.76 16.58 -9.88
N VAL C 336 -7.24 16.59 -8.64
CA VAL C 336 -7.25 17.81 -7.85
C VAL C 336 -6.47 18.98 -8.51
N ASP C 337 -5.47 18.66 -9.32
CA ASP C 337 -4.65 19.67 -10.00
C ASP C 337 -5.04 19.75 -11.49
N THR C 338 -4.82 20.91 -12.10
CA THR C 338 -5.28 21.15 -13.46
C THR C 338 -4.41 20.45 -14.53
N LEU C 339 -5.06 19.76 -15.47
CA LEU C 339 -4.41 19.06 -16.57
C LEU C 339 -4.85 19.67 -17.88
N ILE C 340 -4.01 19.54 -18.90
CA ILE C 340 -4.34 20.09 -20.20
C ILE C 340 -3.76 19.15 -21.26
N GLU C 341 -4.46 18.98 -22.40
CA GLU C 341 -3.97 18.09 -23.46
C GLU C 341 -4.55 18.52 -24.81
N HIS C 342 -4.05 17.86 -25.85
CA HIS C 342 -4.40 18.18 -27.25
C HIS C 342 -5.09 16.95 -27.84
N PRO C 343 -6.43 16.95 -27.85
CA PRO C 343 -7.14 15.73 -28.25
C PRO C 343 -6.72 15.19 -29.62
N ALA C 344 -6.50 16.07 -30.58
CA ALA C 344 -6.31 15.63 -31.97
C ALA C 344 -5.10 14.72 -32.06
N SER C 345 -4.07 15.03 -31.25
CA SER C 345 -2.83 14.25 -31.30
C SER C 345 -2.59 13.37 -30.06
N MET C 346 -3.54 13.39 -29.11
CA MET C 346 -3.42 12.61 -27.88
C MET C 346 -4.62 11.65 -27.61
N THR C 347 -5.58 12.02 -26.76
CA THR C 347 -6.65 11.10 -26.31
C THR C 347 -7.55 10.52 -27.41
N HIS C 348 -7.50 11.14 -28.59
CA HIS C 348 -8.40 10.89 -29.69
C HIS C 348 -7.63 10.70 -30.99
N ALA C 349 -6.29 10.65 -30.89
CA ALA C 349 -5.43 10.39 -32.07
C ALA C 349 -5.61 8.99 -32.72
N ALA C 350 -6.18 8.02 -31.98
CA ALA C 350 -6.43 6.64 -32.50
C ALA C 350 -7.83 6.48 -33.14
N VAL C 351 -8.66 7.52 -32.99
CA VAL C 351 -10.01 7.53 -33.55
C VAL C 351 -9.96 7.68 -35.09
N PRO C 352 -10.62 6.73 -35.83
CA PRO C 352 -10.73 6.79 -37.31
C PRO C 352 -11.19 8.17 -37.83
N GLU C 353 -10.49 8.67 -38.86
CA GLU C 353 -10.77 9.97 -39.48
C GLU C 353 -12.26 10.24 -39.69
N ASN C 354 -12.96 9.24 -40.25
CA ASN C 354 -14.43 9.21 -40.38
C ASN C 354 -15.13 9.73 -39.10
N ILE C 355 -14.74 9.16 -37.96
CA ILE C 355 -15.40 9.44 -36.68
C ILE C 355 -14.85 10.75 -36.09
N MET C 356 -13.54 11.00 -36.26
CA MET C 356 -12.87 12.30 -35.94
C MET C 356 -13.56 13.53 -36.53
N ARG C 357 -13.98 13.41 -37.79
CA ARG C 357 -14.64 14.49 -38.53
C ARG C 357 -16.04 14.72 -37.98
N LYS C 358 -16.76 13.62 -37.73
CA LYS C 358 -18.08 13.73 -37.13
C LYS C 358 -18.03 14.16 -35.65
N GLN C 359 -16.96 13.79 -34.94
CA GLN C 359 -16.75 14.21 -33.56
C GLN C 359 -16.43 15.72 -33.47
N GLY C 360 -16.01 16.31 -34.58
CA GLY C 360 -15.67 17.74 -34.59
C GLY C 360 -14.34 18.06 -33.95
N ILE C 361 -13.41 17.12 -33.99
CA ILE C 361 -12.12 17.30 -33.32
C ILE C 361 -11.08 17.79 -34.35
N THR C 362 -10.44 18.93 -34.06
CA THR C 362 -9.48 19.56 -34.99
C THR C 362 -8.19 19.91 -34.23
N PRO C 363 -7.07 20.19 -34.97
CA PRO C 363 -5.79 20.60 -34.35
C PRO C 363 -5.85 21.88 -33.51
N GLU C 364 -6.90 22.70 -33.69
CA GLU C 364 -7.00 23.95 -32.93
C GLU C 364 -7.58 23.78 -31.52
N LEU C 365 -8.06 22.57 -31.19
CA LEU C 365 -8.76 22.37 -29.93
C LEU C 365 -7.82 21.97 -28.81
N VAL C 366 -8.05 22.52 -27.62
CA VAL C 366 -7.30 22.17 -26.41
C VAL C 366 -8.33 21.74 -25.36
N ARG C 367 -8.06 20.66 -24.65
CA ARG C 367 -8.96 20.29 -23.54
C ARG C 367 -8.29 20.57 -22.21
N ILE C 368 -9.02 21.22 -21.31
CA ILE C 368 -8.49 21.53 -19.99
C ILE C 368 -9.36 20.83 -18.94
N SER C 369 -8.72 20.22 -17.94
CA SER C 369 -9.44 19.63 -16.83
C SER C 369 -9.13 20.50 -15.61
N VAL C 370 -10.06 21.39 -15.25
CA VAL C 370 -9.74 22.39 -14.22
C VAL C 370 -9.75 21.73 -12.83
N GLY C 371 -8.67 21.90 -12.08
CA GLY C 371 -8.57 21.34 -10.71
C GLY C 371 -9.12 22.27 -9.64
N ILE C 372 -8.74 21.99 -8.39
CA ILE C 372 -9.18 22.78 -7.23
C ILE C 372 -8.20 23.83 -6.71
N GLU C 373 -7.14 24.11 -7.48
CA GLU C 373 -6.30 25.28 -7.20
C GLU C 373 -7.15 26.58 -7.10
N ASN C 374 -6.59 27.59 -6.47
CA ASN C 374 -7.27 28.86 -6.44
C ASN C 374 -7.50 29.29 -7.90
N VAL C 375 -8.74 29.61 -8.21
CA VAL C 375 -9.12 29.88 -9.58
C VAL C 375 -8.36 31.10 -10.18
N ASP C 376 -8.04 32.08 -9.34
CA ASP C 376 -7.29 33.23 -9.86
C ASP C 376 -5.88 32.86 -10.28
N ASP C 377 -5.29 31.88 -9.58
CA ASP C 377 -3.97 31.40 -9.94
C ASP C 377 -4.03 30.66 -11.28
N ILE C 378 -5.10 29.88 -11.48
CA ILE C 378 -5.26 29.13 -12.74
C ILE C 378 -5.46 30.10 -13.90
N ILE C 379 -6.32 31.08 -13.69
CA ILE C 379 -6.56 32.10 -14.72
C ILE C 379 -5.30 32.91 -15.02
N ALA C 380 -4.54 33.31 -14.00
CA ALA C 380 -3.31 34.06 -14.26
C ALA C 380 -2.28 33.24 -15.06
N ASP C 381 -2.28 31.91 -14.87
CA ASP C 381 -1.34 31.04 -15.59
C ASP C 381 -1.73 31.02 -17.07
N LEU C 382 -3.01 30.81 -17.34
CA LEU C 382 -3.51 30.81 -18.71
C LEU C 382 -3.29 32.18 -19.35
N LYS C 383 -3.57 33.24 -18.62
CA LYS C 383 -3.43 34.59 -19.14
C LYS C 383 -1.98 34.91 -19.56
N GLN C 384 -1.00 34.53 -18.74
CA GLN C 384 0.39 34.86 -19.05
C GLN C 384 0.86 34.08 -20.29
N ALA C 385 0.42 32.84 -20.42
CA ALA C 385 0.79 32.03 -21.61
C ALA C 385 0.11 32.59 -22.87
N LEU C 386 -1.18 32.93 -22.76
CA LEU C 386 -1.94 33.55 -23.85
C LEU C 386 -1.36 34.92 -24.29
N GLU C 387 -0.75 35.65 -23.37
CA GLU C 387 -0.19 36.94 -23.70
C GLU C 387 1.34 36.91 -23.97
N LEU C 388 1.88 35.74 -24.27
CA LEU C 388 3.30 35.60 -24.51
C LEU C 388 3.79 36.32 -25.77
N TRP C 389 5.00 36.88 -25.68
CA TRP C 389 5.69 37.42 -26.85
C TRP C 389 5.65 36.44 -28.03
N ASP D 5 9.01 -27.63 12.31
CA ASP D 5 10.11 -26.64 12.32
C ASP D 5 9.57 -25.21 12.36
N ILE D 6 10.51 -24.24 12.36
CA ILE D 6 10.17 -22.84 12.47
C ILE D 6 9.20 -22.38 11.35
N THR D 7 9.32 -22.95 10.14
CA THR D 7 8.47 -22.49 9.03
C THR D 7 6.99 -22.70 9.33
N THR D 8 6.65 -23.90 9.81
CA THR D 8 5.26 -24.20 10.16
C THR D 8 4.70 -23.20 11.17
N THR D 9 5.47 -22.89 12.22
CA THR D 9 5.05 -21.93 13.23
C THR D 9 4.80 -20.52 12.65
N LEU D 10 5.72 -20.06 11.80
CA LEU D 10 5.55 -18.72 11.17
C LEU D 10 4.37 -18.67 10.17
N LEU D 11 4.09 -19.79 9.51
CA LEU D 11 2.96 -19.88 8.57
C LEU D 11 1.62 -20.05 9.28
N HIS D 12 1.63 -20.51 10.54
CA HIS D 12 0.38 -20.74 11.24
C HIS D 12 0.34 -19.98 12.58
N PRO D 13 0.43 -18.65 12.52
CA PRO D 13 0.44 -17.92 13.78
C PRO D 13 -0.88 -18.08 14.52
N LYS D 14 -0.81 -17.91 15.85
CA LYS D 14 -1.96 -17.94 16.74
C LYS D 14 -2.80 -16.68 16.53
N GLY D 15 -4.09 -16.78 16.86
CA GLY D 15 -5.02 -15.66 16.69
C GLY D 15 -6.21 -16.05 15.83
N ASP D 16 -7.22 -15.19 15.84
CA ASP D 16 -8.37 -15.45 14.98
C ASP D 16 -8.21 -14.73 13.64
N HIS D 17 -8.80 -15.34 12.62
CA HIS D 17 -8.96 -14.66 11.33
C HIS D 17 -9.93 -13.50 11.52
N VAL D 18 -9.72 -12.47 10.70
CA VAL D 18 -10.59 -11.31 10.69
C VAL D 18 -11.52 -11.46 9.50
N LEU D 19 -12.82 -11.54 9.76
CA LEU D 19 -13.82 -11.70 8.69
C LEU D 19 -13.50 -12.90 7.80
N HIS D 20 -12.93 -13.96 8.38
CA HIS D 20 -12.57 -15.17 7.66
C HIS D 20 -11.46 -14.99 6.62
N SER D 21 -10.82 -13.84 6.63
CA SER D 21 -9.76 -13.60 5.67
C SER D 21 -8.58 -14.50 5.89
N HIS D 22 -8.08 -15.08 4.81
CA HIS D 22 -6.89 -15.96 4.95
C HIS D 22 -5.62 -15.14 5.24
N ALA D 23 -5.31 -14.14 4.43
CA ALA D 23 -4.21 -13.20 4.77
C ALA D 23 -4.70 -12.26 5.87
N TYR D 24 -3.83 -11.91 6.81
CA TYR D 24 -4.23 -11.01 7.88
C TYR D 24 -4.37 -9.60 7.30
N PRO D 25 -5.55 -8.92 7.50
CA PRO D 25 -5.75 -7.62 6.86
C PRO D 25 -4.81 -6.54 7.31
N ILE D 26 -4.73 -5.48 6.50
CA ILE D 26 -3.87 -4.34 6.82
C ILE D 26 -4.76 -3.32 7.48
N PHE D 27 -4.56 -3.12 8.79
CA PHE D 27 -5.36 -2.12 9.49
C PHE D 27 -4.79 -0.74 9.32
N GLN D 28 -4.99 -0.19 8.13
CA GLN D 28 -4.54 1.16 7.83
C GLN D 28 -5.50 2.20 8.46
N THR D 29 -5.37 2.34 9.78
CA THR D 29 -6.28 3.18 10.53
C THR D 29 -5.49 3.86 11.63
N SER D 30 -5.92 5.04 12.03
CA SER D 30 -5.30 5.64 13.21
C SER D 30 -6.07 5.23 14.46
N THR D 31 -7.41 5.34 14.40
CA THR D 31 -8.22 5.13 15.59
C THR D 31 -9.24 3.97 15.50
N PHE D 32 -9.82 3.63 16.66
CA PHE D 32 -10.81 2.53 16.81
C PHE D 32 -12.05 3.10 17.52
N CYS D 33 -13.22 2.53 17.27
CA CYS D 33 -14.50 3.03 17.78
C CYS D 33 -14.81 2.30 19.09
N PHE D 34 -15.51 2.97 19.98
CA PHE D 34 -15.92 2.34 21.22
C PHE D 34 -17.41 2.02 21.17
N ASP D 35 -17.80 0.94 21.83
CA ASP D 35 -19.21 0.56 21.93
C ASP D 35 -19.94 1.44 22.92
N SER D 36 -19.23 2.00 23.89
CA SER D 36 -19.86 2.82 24.95
C SER D 36 -18.76 3.56 25.68
N THR D 37 -19.12 4.55 26.49
CA THR D 37 -18.12 5.24 27.32
C THR D 37 -17.34 4.23 28.19
N GLN D 38 -18.09 3.33 28.84
CA GLN D 38 -17.52 2.37 29.77
C GLN D 38 -16.53 1.47 29.08
N GLN D 39 -16.86 1.00 27.87
CA GLN D 39 -15.94 0.13 27.16
C GLN D 39 -14.62 0.84 26.80
N GLY D 40 -14.71 2.10 26.34
CA GLY D 40 -13.51 2.90 26.06
C GLY D 40 -12.72 3.18 27.34
N ALA D 41 -13.42 3.60 28.40
CA ALA D 41 -12.75 3.78 29.70
C ALA D 41 -12.03 2.51 30.18
N ASP D 42 -12.68 1.36 30.06
CA ASP D 42 -12.08 0.10 30.45
C ASP D 42 -10.80 -0.18 29.65
N LEU D 43 -10.83 0.00 28.32
CA LEU D 43 -9.64 -0.28 27.52
C LEU D 43 -8.48 0.62 27.94
N PHE D 44 -8.78 1.89 28.22
CA PHE D 44 -7.73 2.82 28.71
C PHE D 44 -7.15 2.39 30.08
N MET D 45 -7.87 1.55 30.80
CA MET D 45 -7.43 1.06 32.11
C MET D 45 -6.83 -0.34 31.96
N GLY D 46 -6.74 -0.82 30.72
CA GLY D 46 -6.21 -2.14 30.43
C GLY D 46 -7.17 -3.28 30.74
N LYS D 47 -8.46 -2.98 30.80
CA LYS D 47 -9.46 -3.98 31.15
C LYS D 47 -10.24 -4.33 29.89
N GLY D 48 -10.45 -5.62 29.67
CA GLY D 48 -11.17 -6.12 28.51
C GLY D 48 -10.26 -6.23 27.30
N GLU D 49 -10.84 -6.56 26.16
CA GLU D 49 -10.06 -6.87 24.97
C GLU D 49 -10.50 -5.89 23.87
N GLY D 50 -9.57 -5.45 23.04
CA GLY D 50 -9.90 -4.43 22.01
C GLY D 50 -8.77 -3.46 21.79
N HIS D 51 -9.03 -2.46 20.96
CA HIS D 51 -8.01 -1.49 20.52
C HIS D 51 -8.56 -0.10 20.72
N ILE D 52 -7.64 0.86 20.76
CA ILE D 52 -7.99 2.24 21.02
C ILE D 52 -7.44 3.14 19.90
N TYR D 53 -6.15 2.99 19.58
CA TYR D 53 -5.45 3.96 18.74
C TYR D 53 -4.16 3.29 18.31
N SER D 54 -3.79 3.40 17.04
CA SER D 54 -2.67 2.57 16.51
C SER D 54 -1.33 2.76 17.21
N ARG D 55 -1.03 3.98 17.68
CA ARG D 55 0.22 4.16 18.48
C ARG D 55 0.25 3.25 19.75
N LEU D 56 -0.89 3.04 20.39
CA LEU D 56 -1.00 2.12 21.54
C LEU D 56 -1.06 0.66 21.09
N GLY D 57 -1.67 0.43 19.93
CA GLY D 57 -1.78 -0.92 19.44
C GLY D 57 -2.55 -1.02 18.14
N ASN D 58 -1.93 -1.69 17.18
CA ASN D 58 -2.51 -1.93 15.87
C ASN D 58 -2.53 -3.43 15.57
N PRO D 59 -3.67 -3.97 15.16
CA PRO D 59 -3.75 -5.44 14.98
C PRO D 59 -2.74 -6.02 13.98
N THR D 60 -2.48 -5.34 12.87
CA THR D 60 -1.54 -5.85 11.87
C THR D 60 -0.12 -5.87 12.45
N VAL D 61 0.22 -4.81 13.18
CA VAL D 61 1.54 -4.73 13.81
C VAL D 61 1.65 -5.80 14.92
N GLU D 62 0.59 -5.99 15.69
CA GLU D 62 0.60 -6.96 16.80
C GLU D 62 0.78 -8.40 16.28
N GLN D 63 0.21 -8.70 15.10
CA GLN D 63 0.38 -10.01 14.49
C GLN D 63 1.87 -10.25 14.17
N PHE D 64 2.55 -9.24 13.62
CA PHE D 64 3.99 -9.34 13.39
C PHE D 64 4.78 -9.46 14.71
N GLU D 65 4.40 -8.66 15.72
CA GLU D 65 5.03 -8.79 17.03
C GLU D 65 4.93 -10.24 17.56
N GLU D 66 3.75 -10.83 17.42
CA GLU D 66 3.52 -12.16 17.96
C GLU D 66 4.38 -13.20 17.26
N MET D 67 4.57 -13.03 15.96
CA MET D 67 5.45 -13.93 15.17
C MET D 67 6.89 -13.91 15.67
N VAL D 68 7.44 -12.72 15.91
CA VAL D 68 8.79 -12.58 16.42
C VAL D 68 8.86 -13.11 17.85
N CYS D 69 7.89 -12.73 18.68
CA CYS D 69 7.82 -13.22 20.03
C CYS D 69 7.89 -14.76 20.12
N SER D 70 7.15 -15.46 19.26
CA SER D 70 7.12 -16.91 19.26
C SER D 70 8.51 -17.47 18.95
N ILE D 71 9.20 -16.86 17.98
CA ILE D 71 10.49 -17.39 17.56
C ILE D 71 11.64 -17.08 18.57
N GLU D 72 11.54 -15.92 19.23
CA GLU D 72 12.52 -15.52 20.25
C GLU D 72 12.35 -16.22 21.60
N GLY D 73 11.21 -16.89 21.79
CA GLY D 73 10.80 -17.39 23.09
C GLY D 73 10.66 -16.31 24.17
N ALA D 74 10.02 -15.19 23.83
CA ALA D 74 9.92 -14.01 24.69
C ALA D 74 8.62 -13.97 25.45
N ALA D 75 8.52 -13.09 26.44
CA ALA D 75 7.22 -12.75 27.05
C ALA D 75 6.42 -11.78 26.15
N GLY D 76 7.11 -10.99 25.35
CA GLY D 76 6.42 -10.19 24.34
C GLY D 76 7.40 -9.45 23.44
N SER D 77 6.90 -8.94 22.31
CA SER D 77 7.72 -8.19 21.39
C SER D 77 7.06 -6.84 21.03
N ALA D 78 7.89 -5.87 20.71
CA ALA D 78 7.45 -4.55 20.28
C ALA D 78 8.10 -4.25 18.93
N ALA D 79 7.29 -3.81 17.97
CA ALA D 79 7.77 -3.38 16.66
C ALA D 79 7.94 -1.87 16.63
N PHE D 80 8.86 -1.42 15.80
CA PHE D 80 9.28 0.00 15.71
C PHE D 80 9.48 0.39 14.24
N GLY D 81 9.63 1.68 14.01
CA GLY D 81 9.83 2.20 12.67
C GLY D 81 11.23 1.96 12.10
N SER D 82 12.17 1.50 12.92
CA SER D 82 13.54 1.19 12.47
C SER D 82 14.23 0.41 13.53
N GLY D 83 15.30 -0.31 13.15
CA GLY D 83 16.21 -0.86 14.15
C GLY D 83 16.70 0.18 15.14
N MET D 84 17.02 1.40 14.69
CA MET D 84 17.43 2.43 15.66
C MET D 84 16.33 2.73 16.70
N GLY D 85 15.07 2.70 16.27
CA GLY D 85 13.96 2.86 17.22
C GLY D 85 13.87 1.73 18.24
N ALA D 86 14.18 0.50 17.82
CA ALA D 86 14.21 -0.59 18.79
C ALA D 86 15.38 -0.42 19.75
N ILE D 87 16.53 0.01 19.21
CA ILE D 87 17.72 0.17 20.04
C ILE D 87 17.55 1.27 21.10
N SER D 88 17.08 2.45 20.68
CA SER D 88 16.98 3.56 21.60
C SER D 88 15.87 3.25 22.62
N SER D 89 14.82 2.52 22.20
CA SER D 89 13.74 2.11 23.09
C SER D 89 14.11 0.96 24.04
N SER D 90 15.10 0.15 23.69
CA SER D 90 15.48 -0.97 24.55
C SER D 90 16.55 -0.56 25.53
N THR D 91 17.07 0.66 25.37
CA THR D 91 18.13 1.15 26.24
C THR D 91 17.63 2.34 27.09
N LEU D 92 17.13 3.39 26.44
CA LEU D 92 16.64 4.59 27.14
C LEU D 92 15.30 4.38 27.87
N ALA D 93 14.66 3.24 27.65
CA ALA D 93 13.48 2.92 28.45
C ALA D 93 13.91 2.51 29.88
N PHE D 94 15.19 2.16 30.05
CA PHE D 94 15.68 1.64 31.32
C PHE D 94 16.74 2.51 31.94
N LEU D 95 17.64 3.07 31.12
CA LEU D 95 18.78 3.79 31.66
C LEU D 95 18.33 5.22 32.00
N GLN D 96 18.87 5.75 33.09
CA GLN D 96 18.60 7.16 33.50
C GLN D 96 19.89 7.82 34.01
N LYS D 97 19.84 9.14 34.21
CA LYS D 97 20.93 9.94 34.73
C LYS D 97 21.54 9.23 35.94
N GLY D 98 22.85 9.02 35.91
CA GLY D 98 23.56 8.39 37.02
C GLY D 98 23.88 6.94 36.78
N ASP D 99 23.24 6.34 35.78
CA ASP D 99 23.51 4.97 35.38
C ASP D 99 24.72 4.86 34.48
N HIS D 100 25.26 3.65 34.40
CA HIS D 100 26.43 3.36 33.60
C HIS D 100 26.04 2.22 32.66
N LEU D 101 26.46 2.32 31.40
CA LEU D 101 26.25 1.28 30.39
C LEU D 101 27.60 0.75 29.90
N ILE D 102 27.76 -0.58 29.83
CA ILE D 102 28.89 -1.16 29.11
C ILE D 102 28.41 -1.62 27.72
N ALA D 103 29.06 -1.15 26.66
CA ALA D 103 28.67 -1.57 25.31
C ALA D 103 29.87 -2.16 24.59
N GLY D 104 29.60 -3.12 23.69
CA GLY D 104 30.63 -3.62 22.78
C GLY D 104 31.35 -2.46 22.12
N ASP D 105 32.65 -2.63 21.87
CA ASP D 105 33.42 -1.57 21.24
C ASP D 105 33.19 -1.52 19.74
N THR D 106 32.67 -2.60 19.16
CA THR D 106 32.30 -2.57 17.74
C THR D 106 30.81 -2.79 17.49
N LEU D 107 30.19 -1.73 16.98
CA LEU D 107 28.76 -1.66 16.79
C LEU D 107 28.48 -0.95 15.50
N TYR D 108 27.24 -1.12 15.03
CA TYR D 108 26.75 -0.40 13.89
C TYR D 108 26.99 1.11 14.15
N GLY D 109 27.37 1.85 13.11
CA GLY D 109 27.73 3.27 13.20
C GLY D 109 26.73 4.11 13.97
N CYS D 110 25.43 3.97 13.66
CA CYS D 110 24.45 4.83 14.33
C CYS D 110 24.22 4.46 15.81
N THR D 111 24.46 3.19 16.16
CA THR D 111 24.46 2.80 17.57
C THR D 111 25.61 3.49 18.32
N VAL D 112 26.78 3.53 17.69
CA VAL D 112 27.89 4.30 18.22
C VAL D 112 27.50 5.76 18.43
N SER D 113 26.86 6.35 17.44
CA SER D 113 26.37 7.74 17.54
C SER D 113 25.38 7.91 18.73
N LEU D 114 24.41 6.99 18.85
CA LEU D 114 23.44 7.01 19.95
C LEU D 114 24.15 7.00 21.32
N PHE D 115 25.04 6.04 21.50
CA PHE D 115 25.67 5.78 22.79
C PHE D 115 26.70 6.84 23.13
N THR D 116 27.28 7.43 22.09
CA THR D 116 28.42 8.34 22.20
C THR D 116 28.02 9.83 22.24
N HIS D 117 26.97 10.15 21.49
CA HIS D 117 26.50 11.53 21.48
C HIS D 117 25.30 11.72 22.38
N TRP D 118 24.25 10.92 22.22
CA TRP D 118 22.99 11.22 22.93
C TRP D 118 22.95 10.77 24.41
N LEU D 119 23.30 9.52 24.66
CA LEU D 119 23.27 8.99 26.02
C LEU D 119 23.99 9.85 27.05
N PRO D 120 25.21 10.32 26.73
CA PRO D 120 25.89 11.18 27.71
C PRO D 120 25.22 12.53 27.94
N ARG D 121 24.50 13.05 26.96
CA ARG D 121 23.74 14.28 27.15
C ARG D 121 22.59 14.08 28.17
N PHE D 122 22.21 12.83 28.35
CA PHE D 122 21.12 12.49 29.26
C PHE D 122 21.67 11.97 30.61
N GLY D 123 22.96 12.22 30.86
CA GLY D 123 23.62 11.92 32.13
C GLY D 123 23.95 10.44 32.32
N ILE D 124 23.97 9.69 31.23
CA ILE D 124 24.27 8.26 31.26
C ILE D 124 25.73 8.01 30.89
N GLU D 125 26.48 7.40 31.80
CA GLU D 125 27.90 7.11 31.57
C GLU D 125 27.99 5.90 30.67
N VAL D 126 28.84 5.98 29.65
CA VAL D 126 29.00 4.89 28.70
C VAL D 126 30.47 4.55 28.47
N ASP D 127 30.82 3.26 28.59
CA ASP D 127 32.15 2.80 28.16
C ASP D 127 31.97 1.78 27.07
N LEU D 128 32.71 1.96 25.97
CA LEU D 128 32.77 0.96 24.93
C LEU D 128 33.97 0.14 25.24
N ILE D 129 33.81 -1.18 25.28
CA ILE D 129 34.90 -2.03 25.61
C ILE D 129 34.86 -3.34 24.80
N ASP D 130 35.94 -4.11 24.87
CA ASP D 130 36.07 -5.34 24.07
C ASP D 130 35.31 -6.48 24.73
N THR D 131 34.08 -6.70 24.28
CA THR D 131 33.23 -7.71 24.91
C THR D 131 33.51 -9.13 24.47
N SER D 132 34.51 -9.33 23.60
CA SER D 132 34.94 -10.68 23.25
C SER D 132 35.73 -11.33 24.39
N ASP D 133 36.02 -10.54 25.41
CA ASP D 133 36.75 -11.02 26.58
C ASP D 133 35.96 -10.64 27.84
N VAL D 134 35.43 -11.66 28.51
CA VAL D 134 34.54 -11.48 29.65
C VAL D 134 35.19 -10.75 30.86
N GLU D 135 36.49 -10.97 31.08
CA GLU D 135 37.21 -10.30 32.17
C GLU D 135 37.29 -8.79 31.97
N LYS D 136 37.34 -8.37 30.71
CA LYS D 136 37.30 -6.94 30.38
C LYS D 136 35.95 -6.32 30.76
N VAL D 137 34.88 -7.12 30.65
CA VAL D 137 33.53 -6.70 31.08
C VAL D 137 33.52 -6.54 32.61
N LYS D 138 34.00 -7.57 33.30
CA LYS D 138 34.15 -7.53 34.75
C LYS D 138 35.02 -6.34 35.24
N ALA D 139 36.14 -6.06 34.54
CA ALA D 139 37.04 -4.95 34.90
C ALA D 139 36.42 -3.56 34.72
N ALA D 140 35.53 -3.41 33.73
CA ALA D 140 34.85 -2.15 33.44
C ALA D 140 33.67 -1.90 34.39
N TRP D 141 33.27 -2.94 35.11
CA TRP D 141 32.12 -2.86 36.00
C TRP D 141 32.24 -1.82 37.09
N LYS D 142 31.12 -1.15 37.38
CA LYS D 142 31.03 -0.12 38.41
C LYS D 142 29.79 -0.40 39.26
N PRO D 143 29.72 0.20 40.45
CA PRO D 143 28.54 0.01 41.29
C PRO D 143 27.26 0.54 40.66
N ASN D 144 27.39 1.46 39.71
CA ASN D 144 26.20 1.98 39.01
C ASN D 144 25.95 1.36 37.63
N THR D 145 26.65 0.27 37.30
CA THR D 145 26.46 -0.41 36.02
C THR D 145 25.09 -1.12 36.02
N LYS D 146 24.25 -0.77 35.04
CA LYS D 146 22.87 -1.30 34.94
C LYS D 146 22.60 -2.05 33.65
N MET D 147 23.50 -1.95 32.68
CA MET D 147 23.26 -2.61 31.41
C MET D 147 24.55 -2.94 30.71
N VAL D 148 24.54 -4.09 30.04
CA VAL D 148 25.52 -4.40 29.02
C VAL D 148 24.77 -4.51 27.70
N TYR D 149 25.33 -3.93 26.64
CA TYR D 149 24.74 -3.92 25.32
C TYR D 149 25.72 -4.54 24.33
N LEU D 150 25.32 -5.64 23.68
CA LEU D 150 26.22 -6.40 22.77
C LEU D 150 25.60 -6.47 21.37
N GLU D 151 26.46 -6.49 20.35
CA GLU D 151 26.13 -6.98 19.00
C GLU D 151 27.07 -8.12 18.75
N SER D 152 26.54 -9.29 18.41
CA SER D 152 27.40 -10.42 18.15
C SER D 152 26.74 -11.33 17.11
N PRO D 153 27.46 -11.65 16.01
CA PRO D 153 28.74 -11.04 15.62
C PRO D 153 28.52 -9.57 15.33
N ALA D 154 29.56 -8.75 15.53
CA ALA D 154 29.41 -7.31 15.45
C ALA D 154 29.41 -6.81 14.00
N ASN D 155 28.78 -5.65 13.77
CA ASN D 155 28.79 -4.99 12.48
C ASN D 155 29.94 -3.96 12.51
N PRO D 156 30.94 -4.11 11.61
CA PRO D 156 31.01 -4.99 10.44
C PRO D 156 32.02 -6.13 10.54
N THR D 157 32.83 -6.16 11.58
CA THR D 157 33.99 -7.08 11.66
C THR D 157 33.65 -8.51 12.02
N CYS D 158 32.42 -8.73 12.44
CA CYS D 158 31.91 -10.00 12.95
C CYS D 158 32.53 -10.45 14.28
N LYS D 159 33.07 -9.50 15.04
CA LYS D 159 33.64 -9.86 16.34
C LYS D 159 32.60 -10.54 17.24
N VAL D 160 32.99 -11.66 17.84
CA VAL D 160 32.09 -12.52 18.60
C VAL D 160 32.25 -12.31 20.11
N SER D 161 31.16 -11.99 20.80
CA SER D 161 31.16 -11.92 22.27
C SER D 161 30.54 -13.18 22.87
N ASP D 162 31.02 -13.57 24.06
CA ASP D 162 30.45 -14.71 24.81
C ASP D 162 29.21 -14.20 25.54
N ILE D 163 28.05 -14.37 24.90
CA ILE D 163 26.79 -13.83 25.38
C ILE D 163 26.43 -14.51 26.71
N LYS D 164 26.54 -15.82 26.73
CA LYS D 164 26.19 -16.63 27.87
C LYS D 164 27.02 -16.27 29.12
N GLY D 165 28.34 -16.15 28.95
CA GLY D 165 29.23 -15.77 30.04
C GLY D 165 28.93 -14.37 30.56
N ILE D 166 28.71 -13.46 29.64
CA ILE D 166 28.37 -12.10 30.01
C ILE D 166 27.00 -12.08 30.72
N ALA D 167 26.04 -12.88 30.24
CA ALA D 167 24.74 -13.01 30.91
C ALA D 167 24.87 -13.44 32.38
N VAL D 168 25.77 -14.38 32.64
CA VAL D 168 26.03 -14.82 34.02
C VAL D 168 26.53 -13.64 34.86
N VAL D 169 27.49 -12.89 34.35
CA VAL D 169 27.98 -11.69 35.02
C VAL D 169 26.83 -10.71 35.26
N CYS D 170 25.97 -10.53 34.26
CA CYS D 170 24.86 -9.59 34.37
C CYS D 170 23.81 -10.01 35.40
N HIS D 171 23.42 -11.28 35.39
CA HIS D 171 22.50 -11.82 36.38
C HIS D 171 23.05 -11.65 37.81
N GLU D 172 24.30 -12.04 38.04
CA GLU D 172 24.92 -11.96 39.37
C GLU D 172 24.98 -10.52 39.90
N ARG D 173 25.05 -9.55 38.99
CA ARG D 173 25.41 -8.19 39.38
C ARG D 173 24.28 -7.17 39.25
N GLY D 174 23.09 -7.63 38.89
CA GLY D 174 21.90 -6.77 38.81
C GLY D 174 21.87 -5.85 37.58
N ALA D 175 22.21 -6.39 36.42
CA ALA D 175 22.22 -5.56 35.21
C ALA D 175 21.48 -6.27 34.11
N ARG D 176 20.88 -5.49 33.21
CA ARG D 176 20.23 -6.05 32.02
C ARG D 176 21.23 -6.30 30.90
N LEU D 177 21.05 -7.43 30.21
CA LEU D 177 21.85 -7.73 29.04
C LEU D 177 20.96 -7.57 27.81
N VAL D 178 21.36 -6.71 26.89
CA VAL D 178 20.62 -6.43 25.67
C VAL D 178 21.49 -6.86 24.49
N VAL D 179 20.91 -7.63 23.58
CA VAL D 179 21.66 -8.18 22.46
C VAL D 179 20.99 -7.84 21.13
N ASP D 180 21.76 -7.20 20.26
CA ASP D 180 21.32 -6.90 18.88
C ASP D 180 21.77 -8.10 18.05
N ALA D 181 20.81 -8.89 17.59
CA ALA D 181 21.10 -10.11 16.86
C ALA D 181 20.76 -9.97 15.36
N THR D 182 20.71 -8.71 14.91
CA THR D 182 20.44 -8.36 13.52
C THR D 182 21.18 -9.23 12.49
N PHE D 183 22.50 -9.35 12.66
CA PHE D 183 23.38 -10.01 11.69
C PHE D 183 23.12 -11.50 11.51
N THR D 184 22.44 -12.11 12.47
CA THR D 184 22.31 -13.56 12.48
C THR D 184 20.86 -14.06 12.30
N SER D 185 19.88 -13.21 12.61
CA SER D 185 18.45 -13.53 12.61
C SER D 185 18.07 -14.47 13.76
N PRO D 186 16.77 -14.45 14.17
CA PRO D 186 16.33 -15.38 15.24
C PRO D 186 16.24 -16.86 14.85
N CYS D 187 16.45 -17.20 13.58
CA CYS D 187 16.58 -18.61 13.22
C CYS D 187 17.83 -19.23 13.80
N PHE D 188 18.85 -18.42 14.00
CA PHE D 188 20.18 -18.94 14.33
C PHE D 188 20.71 -18.43 15.66
N LEU D 189 20.26 -17.24 16.07
CA LEU D 189 20.69 -16.67 17.34
C LEU D 189 19.45 -16.28 18.15
N LYS D 190 19.31 -16.89 19.34
CA LYS D 190 18.20 -16.62 20.23
C LYS D 190 18.74 -16.14 21.59
N PRO D 191 19.10 -14.85 21.69
CA PRO D 191 19.78 -14.36 22.91
C PRO D 191 19.04 -14.61 24.24
N LEU D 192 17.70 -14.54 24.23
CA LEU D 192 16.94 -14.80 25.47
C LEU D 192 17.19 -16.22 25.97
N GLU D 193 17.42 -17.12 25.03
CA GLU D 193 17.80 -18.50 25.34
C GLU D 193 19.21 -18.62 25.91
N LEU D 194 20.05 -17.60 25.70
CA LEU D 194 21.41 -17.61 26.22
C LEU D 194 21.56 -16.86 27.55
N GLY D 195 20.45 -16.32 28.05
CA GLY D 195 20.45 -15.57 29.32
C GLY D 195 20.16 -14.09 29.18
N ALA D 196 20.12 -13.58 27.95
CA ALA D 196 19.85 -12.15 27.74
C ALA D 196 18.47 -11.75 28.21
N ASP D 197 18.32 -10.48 28.57
CA ASP D 197 17.05 -9.92 29.01
C ASP D 197 16.23 -9.39 27.86
N ILE D 198 16.91 -8.93 26.83
CA ILE D 198 16.27 -8.33 25.67
C ILE D 198 17.04 -8.71 24.41
N ALA D 199 16.31 -9.08 23.37
CA ALA D 199 16.91 -9.39 22.07
C ALA D 199 16.26 -8.53 20.99
N LEU D 200 17.08 -7.88 20.16
CA LEU D 200 16.50 -6.94 19.20
C LEU D 200 17.08 -7.11 17.80
N HIS D 201 16.38 -6.55 16.80
CA HIS D 201 16.79 -6.67 15.41
C HIS D 201 16.38 -5.43 14.69
N SER D 202 17.23 -5.03 13.74
CA SER D 202 16.81 -4.28 12.57
C SER D 202 16.04 -5.26 11.67
N VAL D 203 14.71 -5.15 11.69
CA VAL D 203 13.88 -5.96 10.80
C VAL D 203 14.13 -5.58 9.34
N SER D 204 14.67 -4.40 9.11
CA SER D 204 15.06 -3.93 7.78
C SER D 204 15.98 -4.95 7.08
N LYS D 205 16.63 -5.81 7.85
CA LYS D 205 17.61 -6.73 7.27
C LYS D 205 17.00 -8.09 6.97
N TYR D 206 17.46 -9.13 7.64
CA TYR D 206 17.06 -10.49 7.31
C TYR D 206 15.57 -10.78 7.51
N ILE D 207 15.00 -10.26 8.60
CA ILE D 207 13.65 -10.68 9.00
C ILE D 207 12.67 -10.31 7.91
N ASN D 208 12.66 -9.04 7.50
CA ASN D 208 11.91 -8.69 6.31
C ASN D 208 12.54 -9.33 5.04
N GLY D 209 13.85 -9.10 4.86
CA GLY D 209 14.60 -9.82 3.84
C GLY D 209 14.47 -9.37 2.42
N HIS D 210 13.54 -8.43 2.14
CA HIS D 210 13.24 -8.07 0.73
C HIS D 210 13.66 -6.63 0.35
N GLY D 211 14.35 -5.96 1.26
CA GLY D 211 14.97 -4.66 1.02
C GLY D 211 13.98 -3.52 0.75
N ASP D 212 12.76 -3.64 1.26
CA ASP D 212 11.71 -2.70 0.89
C ASP D 212 11.00 -2.14 2.09
N VAL D 213 11.55 -2.39 3.28
CA VAL D 213 11.00 -1.90 4.55
C VAL D 213 12.16 -1.53 5.50
N ILE D 214 11.98 -0.44 6.23
CA ILE D 214 12.78 -0.19 7.40
C ILE D 214 11.94 -0.41 8.66
N GLY D 215 12.45 -1.24 9.59
CA GLY D 215 11.71 -1.58 10.78
C GLY D 215 12.62 -2.10 11.88
N GLY D 216 12.11 -2.08 13.10
CA GLY D 216 12.84 -2.62 14.25
C GLY D 216 11.96 -3.55 15.03
N VAL D 217 12.56 -4.46 15.81
CA VAL D 217 11.77 -5.22 16.76
C VAL D 217 12.61 -5.45 18.00
N SER D 218 11.97 -5.39 19.17
CA SER D 218 12.61 -5.75 20.44
C SER D 218 11.75 -6.75 21.22
N SER D 219 12.39 -7.77 21.80
CA SER D 219 11.67 -8.82 22.55
C SER D 219 12.24 -8.95 23.94
N ALA D 220 11.38 -9.03 24.94
CA ALA D 220 11.86 -9.06 26.33
C ALA D 220 11.55 -10.38 27.00
N LYS D 221 12.47 -10.85 27.82
CA LYS D 221 12.25 -12.09 28.59
C LYS D 221 11.08 -11.93 29.58
N THR D 222 10.90 -10.74 30.16
CA THR D 222 9.84 -10.59 31.17
C THR D 222 8.68 -9.74 30.65
N ALA D 223 7.47 -10.02 31.16
CA ALA D 223 6.29 -9.21 30.86
C ALA D 223 6.47 -7.74 31.31
N GLU D 224 7.13 -7.52 32.45
CA GLU D 224 7.32 -6.17 32.95
C GLU D 224 8.24 -5.33 32.05
N ASP D 225 9.30 -5.96 31.52
CA ASP D 225 10.24 -5.29 30.64
C ASP D 225 9.65 -4.94 29.26
N ILE D 226 8.86 -5.83 28.68
CA ILE D 226 8.20 -5.46 27.44
C ILE D 226 7.14 -4.39 27.66
N ALA D 227 6.49 -4.39 28.83
CA ALA D 227 5.54 -3.31 29.13
C ALA D 227 6.25 -1.97 29.19
N THR D 228 7.45 -1.95 29.79
CA THR D 228 8.24 -0.71 29.93
C THR D 228 8.67 -0.20 28.55
N ILE D 229 9.13 -1.12 27.70
CA ILE D 229 9.52 -0.80 26.33
C ILE D 229 8.36 -0.19 25.53
N LYS D 230 7.19 -0.81 25.58
CA LYS D 230 6.01 -0.25 24.90
C LYS D 230 5.55 1.07 25.51
N PHE D 231 5.78 1.23 26.81
CA PHE D 231 5.45 2.51 27.48
C PHE D 231 6.36 3.62 26.98
N TYR D 232 7.63 3.28 26.79
CA TYR D 232 8.58 4.24 26.23
C TYR D 232 8.18 4.58 24.77
N ARG D 233 7.86 3.53 24.00
CA ARG D 233 7.48 3.67 22.58
C ARG D 233 6.24 4.60 22.45
N LYS D 234 5.29 4.46 23.37
CA LYS D 234 4.07 5.30 23.37
C LYS D 234 4.44 6.80 23.34
N ASP D 235 5.48 7.16 24.08
CA ASP D 235 5.93 8.57 24.18
C ASP D 235 7.07 8.97 23.20
N ALA D 236 7.97 8.03 22.85
CA ALA D 236 9.06 8.28 21.90
C ALA D 236 8.56 8.24 20.45
N GLY D 237 7.64 7.33 20.18
CA GLY D 237 6.88 7.40 18.91
C GLY D 237 7.45 6.74 17.65
N SER D 238 8.41 5.83 17.82
CA SER D 238 8.92 5.04 16.68
C SER D 238 8.04 3.83 16.48
N LEU D 239 7.09 3.96 15.55
CA LEU D 239 6.09 2.90 15.29
C LEU D 239 6.36 2.25 13.94
N MET D 240 6.01 0.96 13.85
CA MET D 240 5.92 0.29 12.56
C MET D 240 4.56 0.59 11.93
N ALA D 241 4.59 1.10 10.69
CA ALA D 241 3.37 1.37 9.94
C ALA D 241 2.64 0.06 9.60
N PRO D 242 1.28 0.08 9.60
CA PRO D 242 0.54 -1.14 9.31
C PRO D 242 0.96 -1.76 7.98
N MET D 243 1.21 -0.96 6.95
CA MET D 243 1.63 -1.52 5.65
C MET D 243 2.99 -2.23 5.78
N ASP D 244 3.92 -1.59 6.49
CA ASP D 244 5.24 -2.19 6.74
C ASP D 244 5.16 -3.48 7.55
N ALA D 245 4.26 -3.53 8.52
CA ALA D 245 4.06 -4.77 9.31
C ALA D 245 3.46 -5.87 8.45
N PHE D 246 2.53 -5.52 7.57
CA PHE D 246 2.02 -6.48 6.59
C PHE D 246 3.21 -7.00 5.76
N LEU D 247 4.07 -6.10 5.30
CA LEU D 247 5.23 -6.54 4.48
C LEU D 247 6.24 -7.35 5.28
N CYS D 248 6.47 -6.96 6.54
CA CYS D 248 7.41 -7.69 7.38
C CYS D 248 6.93 -9.09 7.70
N ALA D 249 5.65 -9.19 8.10
CA ALA D 249 5.06 -10.52 8.36
C ALA D 249 5.13 -11.35 7.10
N ARG D 250 4.89 -10.72 5.95
CA ARG D 250 4.93 -11.45 4.67
C ARG D 250 6.35 -11.97 4.38
N GLY D 251 7.34 -11.11 4.58
CA GLY D 251 8.73 -11.51 4.32
C GLY D 251 9.16 -12.61 5.27
N MET D 252 8.65 -12.54 6.50
CA MET D 252 9.03 -13.50 7.53
C MET D 252 8.57 -14.93 7.21
N LYS D 253 7.54 -15.06 6.38
CA LYS D 253 7.05 -16.39 5.98
C LYS D 253 8.10 -17.23 5.28
N THR D 254 9.08 -16.58 4.65
CA THR D 254 10.15 -17.32 4.00
C THR D 254 11.46 -17.23 4.79
N LEU D 255 11.43 -16.62 5.98
CA LEU D 255 12.67 -16.40 6.72
C LEU D 255 13.52 -17.69 6.92
N PRO D 256 12.91 -18.78 7.41
CA PRO D 256 13.78 -19.92 7.70
C PRO D 256 14.43 -20.44 6.44
N ILE D 257 13.68 -20.44 5.34
CA ILE D 257 14.20 -20.98 4.11
C ILE D 257 15.28 -20.08 3.49
N ARG D 258 15.07 -18.76 3.56
CA ARG D 258 16.08 -17.82 3.11
C ARG D 258 17.35 -17.93 3.95
N MET D 259 17.20 -18.05 5.26
CA MET D 259 18.36 -18.11 6.14
C MET D 259 19.23 -19.34 5.82
N GLN D 260 18.61 -20.49 5.58
CA GLN D 260 19.37 -21.69 5.23
C GLN D 260 20.25 -21.40 4.01
N ILE D 261 19.70 -20.68 3.02
CA ILE D 261 20.41 -20.35 1.78
C ILE D 261 21.51 -19.27 1.98
N HIS D 262 21.15 -18.20 2.68
CA HIS D 262 22.13 -17.20 3.10
C HIS D 262 23.33 -17.86 3.77
N MET D 263 23.05 -18.69 4.78
CA MET D 263 24.11 -19.34 5.55
C MET D 263 25.02 -20.14 4.62
N GLU D 264 24.43 -20.96 3.78
CA GLU D 264 25.22 -21.82 2.92
C GLU D 264 26.01 -21.08 1.83
N ASN D 265 25.34 -20.16 1.13
CA ASN D 265 26.00 -19.20 0.23
C ASN D 265 27.14 -18.41 0.86
N GLY D 266 26.88 -17.82 2.02
CA GLY D 266 27.87 -17.01 2.73
C GLY D 266 29.13 -17.80 3.07
N LEU D 267 28.97 -19.04 3.54
CA LEU D 267 30.12 -19.87 3.87
C LEU D 267 30.93 -20.24 2.62
N LYS D 268 30.22 -20.58 1.55
CA LYS D 268 30.90 -20.95 0.29
C LYS D 268 31.65 -19.74 -0.25
N VAL D 269 31.02 -18.57 -0.23
CA VAL D 269 31.67 -17.36 -0.67
C VAL D 269 32.88 -16.98 0.22
N ALA D 270 32.74 -17.08 1.54
CA ALA D 270 33.86 -16.76 2.44
C ALA D 270 35.07 -17.65 2.17
N LYS D 271 34.79 -18.93 1.90
CA LYS D 271 35.82 -19.92 1.65
C LYS D 271 36.55 -19.66 0.34
N PHE D 272 35.79 -19.35 -0.71
CA PHE D 272 36.35 -18.85 -1.97
C PHE D 272 37.30 -17.67 -1.74
N LEU D 273 36.82 -16.65 -1.04
CA LEU D 273 37.61 -15.45 -0.77
C LEU D 273 38.84 -15.77 0.07
N GLU D 274 38.72 -16.74 0.96
CA GLU D 274 39.80 -16.98 1.89
C GLU D 274 41.00 -17.64 1.24
N GLN D 275 40.74 -18.42 0.19
CA GLN D 275 41.82 -18.99 -0.61
C GLN D 275 42.20 -18.16 -1.83
N HIS D 276 41.59 -16.99 -2.02
CA HIS D 276 41.98 -16.15 -3.15
C HIS D 276 43.22 -15.32 -2.84
N GLU D 277 44.16 -15.29 -3.79
CA GLU D 277 45.46 -14.64 -3.61
C GLU D 277 45.33 -13.13 -3.37
N LYS D 278 44.24 -12.55 -3.86
CA LYS D 278 44.01 -11.11 -3.74
C LYS D 278 43.46 -10.71 -2.38
N ILE D 279 43.05 -11.69 -1.59
CA ILE D 279 42.36 -11.45 -0.32
C ILE D 279 43.30 -11.73 0.84
N VAL D 280 43.48 -10.72 1.70
CA VAL D 280 44.40 -10.86 2.84
C VAL D 280 43.83 -11.76 3.93
N LYS D 281 42.52 -11.65 4.15
CA LYS D 281 41.86 -12.20 5.34
C LYS D 281 40.33 -12.07 5.21
N VAL D 282 39.60 -13.10 5.66
CA VAL D 282 38.15 -13.13 5.67
C VAL D 282 37.64 -13.27 7.11
N ASN D 283 36.80 -12.34 7.50
CA ASN D 283 36.16 -12.32 8.81
C ASN D 283 34.74 -12.91 8.75
N HIS D 284 34.63 -14.23 8.65
CA HIS D 284 33.37 -14.93 8.73
C HIS D 284 33.39 -15.88 9.95
N PRO D 285 32.41 -15.73 10.86
CA PRO D 285 32.35 -16.43 12.15
C PRO D 285 32.30 -17.95 12.03
N GLY D 286 31.85 -18.46 10.88
CA GLY D 286 31.76 -19.88 10.60
C GLY D 286 33.04 -20.51 10.08
N LEU D 287 34.05 -19.69 9.82
CA LEU D 287 35.36 -20.21 9.39
C LEU D 287 36.21 -20.62 10.58
N GLU D 288 36.90 -21.74 10.43
CA GLU D 288 37.78 -22.30 11.47
C GLU D 288 38.90 -21.34 11.83
N SER D 289 39.35 -20.59 10.82
CA SER D 289 40.40 -19.58 10.98
C SER D 289 39.95 -18.36 11.80
N PHE D 290 38.66 -18.09 11.88
CA PHE D 290 38.19 -16.89 12.56
C PHE D 290 38.28 -16.99 14.09
N PRO D 291 38.95 -16.02 14.74
CA PRO D 291 39.01 -16.01 16.22
C PRO D 291 37.61 -15.82 16.80
N GLY D 292 37.22 -16.67 17.74
CA GLY D 292 35.83 -16.61 18.23
C GLY D 292 34.84 -17.52 17.49
N HIS D 293 35.35 -18.30 16.53
CA HIS D 293 34.56 -19.33 15.87
C HIS D 293 33.97 -20.33 16.86
N ASP D 294 34.75 -20.70 17.90
CA ASP D 294 34.32 -21.74 18.84
C ASP D 294 33.15 -21.34 19.73
N ILE D 295 33.12 -20.06 20.10
CA ILE D 295 31.99 -19.51 20.83
C ILE D 295 30.77 -19.44 19.91
N ALA D 296 30.94 -18.83 18.74
CA ALA D 296 29.86 -18.70 17.75
C ALA D 296 29.23 -20.04 17.37
N LYS D 297 30.06 -21.08 17.22
CA LYS D 297 29.59 -22.43 16.91
C LYS D 297 28.76 -23.00 18.07
N LYS D 298 29.13 -22.66 19.30
CA LYS D 298 28.41 -23.17 20.45
C LYS D 298 27.17 -22.36 20.87
N GLN D 299 27.15 -21.07 20.58
CA GLN D 299 26.06 -20.23 21.07
C GLN D 299 25.02 -19.90 19.99
N MET D 300 25.30 -20.32 18.77
CA MET D 300 24.42 -20.07 17.65
C MET D 300 24.19 -21.37 16.88
N THR D 301 23.04 -21.46 16.21
CA THR D 301 22.71 -22.66 15.43
C THR D 301 22.95 -22.50 13.91
N GLY D 302 23.54 -21.36 13.55
CA GLY D 302 23.86 -21.07 12.15
C GLY D 302 24.56 -19.74 12.02
N TYR D 303 24.68 -19.25 10.80
CA TYR D 303 25.37 -17.98 10.55
C TYR D 303 24.63 -17.17 9.54
N GLY D 304 24.64 -15.85 9.74
CA GLY D 304 24.20 -14.92 8.70
C GLY D 304 25.22 -14.92 7.58
N SER D 305 24.98 -14.09 6.57
CA SER D 305 25.80 -14.12 5.37
C SER D 305 26.41 -12.75 5.10
N THR D 306 26.49 -11.91 6.13
CA THR D 306 27.15 -10.65 6.02
C THR D 306 28.48 -10.74 6.75
N PHE D 307 29.55 -10.34 6.07
CA PHE D 307 30.88 -10.44 6.66
C PHE D 307 31.86 -9.55 5.91
N LEU D 308 33.04 -9.40 6.52
CA LEU D 308 34.03 -8.47 6.07
C LEU D 308 35.27 -9.22 5.58
N PHE D 309 35.93 -8.70 4.55
CA PHE D 309 37.22 -9.23 4.12
C PHE D 309 38.21 -8.12 3.81
N GLU D 310 39.51 -8.44 3.82
CA GLU D 310 40.56 -7.43 3.67
C GLU D 310 41.25 -7.50 2.29
N MET D 311 41.27 -6.38 1.57
CA MET D 311 42.01 -6.29 0.29
C MET D 311 43.44 -5.89 0.58
N LYS D 312 44.31 -5.87 -0.44
CA LYS D 312 45.70 -5.47 -0.26
C LYS D 312 45.90 -3.96 -0.31
N SER D 313 44.90 -3.21 -0.76
CA SER D 313 44.99 -1.74 -0.69
C SER D 313 43.60 -1.12 -0.83
N PHE D 314 43.50 0.19 -0.63
CA PHE D 314 42.24 0.87 -0.96
C PHE D 314 41.92 0.77 -2.46
N GLU D 315 42.92 0.98 -3.32
CA GLU D 315 42.73 0.95 -4.79
C GLU D 315 42.15 -0.38 -5.27
N ALA D 316 42.65 -1.46 -4.68
CA ALA D 316 42.19 -2.82 -4.96
C ALA D 316 40.74 -3.03 -4.51
N ALA D 317 40.38 -2.49 -3.35
CA ALA D 317 39.00 -2.60 -2.87
C ALA D 317 38.07 -1.83 -3.80
N LYS D 318 38.49 -0.64 -4.21
CA LYS D 318 37.71 0.21 -5.10
C LYS D 318 37.51 -0.48 -6.44
N LYS D 319 38.58 -1.07 -6.96
CA LYS D 319 38.48 -1.81 -8.21
C LYS D 319 37.49 -2.98 -8.10
N LEU D 320 37.56 -3.72 -7.00
CA LEU D 320 36.65 -4.84 -6.82
C LEU D 320 35.20 -4.37 -6.72
N MET D 321 34.94 -3.40 -5.85
CA MET D 321 33.58 -2.92 -5.60
C MET D 321 32.95 -2.21 -6.79
N GLU D 322 33.77 -1.77 -7.74
CA GLU D 322 33.27 -0.99 -8.86
C GLU D 322 33.16 -1.76 -10.18
N HIS D 323 33.49 -3.06 -10.16
CA HIS D 323 33.39 -3.91 -11.37
C HIS D 323 32.53 -5.18 -11.22
N LEU D 324 31.61 -5.15 -10.26
CA LEU D 324 30.68 -6.25 -10.04
C LEU D 324 29.43 -6.00 -10.86
N LYS D 325 28.92 -7.05 -11.48
CA LYS D 325 27.77 -6.96 -12.37
C LYS D 325 26.51 -7.55 -11.75
N VAL D 326 26.67 -8.37 -10.71
CA VAL D 326 25.54 -8.99 -10.03
C VAL D 326 25.35 -8.37 -8.63
N CYS D 327 26.42 -8.39 -7.82
CA CYS D 327 26.48 -7.65 -6.56
C CYS D 327 26.21 -6.15 -6.78
N THR D 328 25.48 -5.55 -5.84
CA THR D 328 25.15 -4.14 -5.94
C THR D 328 25.89 -3.37 -4.86
N LEU D 329 26.46 -2.24 -5.27
CA LEU D 329 27.13 -1.36 -4.34
C LEU D 329 26.05 -0.51 -3.61
N ALA D 330 25.85 -0.80 -2.34
CA ALA D 330 24.82 -0.13 -1.53
C ALA D 330 25.06 -0.51 -0.06
N VAL D 331 24.62 0.33 0.87
CA VAL D 331 24.67 -0.05 2.28
C VAL D 331 23.47 -0.95 2.58
N SER D 332 23.32 -1.38 3.83
CA SER D 332 22.30 -2.35 4.24
C SER D 332 22.77 -3.78 3.97
N LEU D 333 21.96 -4.76 4.39
CA LEU D 333 22.38 -6.17 4.37
C LEU D 333 21.15 -7.07 4.55
N GLY D 334 21.31 -8.37 4.34
CA GLY D 334 20.23 -9.30 4.66
C GLY D 334 19.09 -9.32 3.65
N CYS D 335 19.32 -8.69 2.50
CA CYS D 335 18.37 -8.69 1.41
CA CYS D 335 18.37 -8.69 1.39
C CYS D 335 18.54 -9.97 0.56
N VAL D 336 17.52 -10.32 -0.21
CA VAL D 336 17.60 -11.51 -1.07
C VAL D 336 18.70 -11.43 -2.14
N ASP D 337 19.14 -10.22 -2.50
CA ASP D 337 20.19 -10.07 -3.47
C ASP D 337 21.44 -9.54 -2.77
N THR D 338 22.59 -9.85 -3.34
CA THR D 338 23.89 -9.54 -2.77
C THR D 338 24.27 -8.08 -2.82
N LEU D 339 24.70 -7.58 -1.67
CA LEU D 339 25.06 -6.19 -1.46
C LEU D 339 26.53 -6.12 -1.03
N ILE D 340 27.21 -5.05 -1.41
CA ILE D 340 28.59 -4.87 -1.03
C ILE D 340 28.83 -3.40 -0.65
N GLU D 341 29.62 -3.17 0.39
CA GLU D 341 29.93 -1.80 0.82
C GLU D 341 31.33 -1.62 1.41
N HIS D 342 31.71 -0.35 1.60
CA HIS D 342 33.02 0.04 2.13
C HIS D 342 32.80 0.72 3.47
N PRO D 343 32.90 -0.05 4.57
CA PRO D 343 32.62 0.43 5.92
C PRO D 343 33.32 1.71 6.33
N ALA D 344 34.58 1.89 5.93
CA ALA D 344 35.37 3.04 6.38
C ALA D 344 34.83 4.36 5.87
N SER D 345 34.23 4.37 4.68
CA SER D 345 33.71 5.61 4.07
C SER D 345 32.18 5.64 3.94
N MET D 346 31.54 4.58 4.44
CA MET D 346 30.08 4.45 4.35
C MET D 346 29.43 4.17 5.74
N THR D 347 29.09 2.92 6.05
CA THR D 347 28.36 2.63 7.31
C THR D 347 29.01 3.14 8.60
N HIS D 348 30.34 3.22 8.58
CA HIS D 348 31.12 3.55 9.75
C HIS D 348 31.93 4.83 9.55
N ALA D 349 31.49 5.68 8.62
CA ALA D 349 32.24 6.90 8.29
C ALA D 349 32.24 7.94 9.42
N ALA D 350 31.16 7.97 10.21
CA ALA D 350 30.99 8.97 11.31
C ALA D 350 31.53 8.51 12.68
N VAL D 351 32.00 7.27 12.74
CA VAL D 351 32.63 6.70 13.94
C VAL D 351 33.94 7.46 14.26
N PRO D 352 34.04 8.03 15.49
CA PRO D 352 35.29 8.72 15.89
C PRO D 352 36.55 7.88 15.64
N GLU D 353 37.58 8.55 15.16
CA GLU D 353 38.88 7.98 14.84
C GLU D 353 39.34 6.91 15.84
N ASN D 354 39.29 7.25 17.14
CA ASN D 354 39.77 6.37 18.23
C ASN D 354 38.91 5.11 18.40
N ILE D 355 37.59 5.27 18.27
CA ILE D 355 36.68 4.10 18.29
C ILE D 355 36.90 3.26 17.04
N MET D 356 37.19 3.92 15.92
CA MET D 356 37.49 3.28 14.65
C MET D 356 38.71 2.34 14.70
N ARG D 357 39.80 2.85 15.28
CA ARG D 357 41.00 2.05 15.51
C ARG D 357 40.72 0.88 16.44
N LYS D 358 40.05 1.16 17.56
CA LYS D 358 39.64 0.09 18.49
C LYS D 358 38.81 -1.00 17.78
N GLN D 359 38.00 -0.59 16.81
CA GLN D 359 37.21 -1.51 15.98
C GLN D 359 38.01 -2.28 14.93
N GLY D 360 39.17 -1.74 14.52
CA GLY D 360 39.98 -2.29 13.44
C GLY D 360 39.41 -2.08 12.04
N ILE D 361 38.75 -0.95 11.81
CA ILE D 361 38.15 -0.65 10.51
C ILE D 361 39.09 0.22 9.69
N THR D 362 39.58 -0.31 8.58
CA THR D 362 40.59 0.35 7.74
C THR D 362 40.06 0.53 6.30
N PRO D 363 40.72 1.37 5.49
CA PRO D 363 40.21 1.53 4.12
C PRO D 363 40.40 0.29 3.22
N GLU D 364 41.11 -0.73 3.72
CA GLU D 364 41.31 -1.99 2.95
C GLU D 364 40.15 -2.98 3.06
N LEU D 365 39.20 -2.71 3.97
CA LEU D 365 38.08 -3.65 4.22
C LEU D 365 36.87 -3.40 3.33
N VAL D 366 36.32 -4.51 2.80
CA VAL D 366 35.06 -4.53 2.06
C VAL D 366 34.05 -5.41 2.83
N ARG D 367 32.80 -4.96 2.97
CA ARG D 367 31.79 -5.82 3.62
C ARG D 367 30.82 -6.35 2.57
N ILE D 368 30.60 -7.66 2.58
CA ILE D 368 29.64 -8.26 1.66
C ILE D 368 28.45 -8.87 2.40
N SER D 369 27.26 -8.71 1.82
CA SER D 369 26.06 -9.35 2.35
C SER D 369 25.53 -10.30 1.27
N VAL D 370 25.85 -11.59 1.41
CA VAL D 370 25.56 -12.57 0.34
C VAL D 370 24.07 -12.93 0.29
N GLY D 371 23.45 -12.69 -0.86
CA GLY D 371 22.02 -12.95 -1.04
C GLY D 371 21.70 -14.43 -1.27
N ILE D 372 20.52 -14.70 -1.83
CA ILE D 372 20.11 -16.09 -2.15
C ILE D 372 20.20 -16.44 -3.64
N GLU D 373 20.91 -15.62 -4.43
CA GLU D 373 21.25 -15.98 -5.82
C GLU D 373 22.03 -17.30 -5.84
N ASN D 374 22.09 -17.93 -7.01
CA ASN D 374 22.91 -19.13 -7.13
C ASN D 374 24.34 -18.73 -6.80
N VAL D 375 24.93 -19.43 -5.82
CA VAL D 375 26.27 -19.10 -5.30
C VAL D 375 27.32 -19.08 -6.40
N ASP D 376 27.17 -19.98 -7.35
CA ASP D 376 28.15 -20.08 -8.43
C ASP D 376 28.16 -18.82 -9.27
N ASP D 377 27.00 -18.19 -9.41
CA ASP D 377 26.88 -16.93 -10.14
C ASP D 377 27.52 -15.81 -9.37
N ILE D 378 27.35 -15.82 -8.05
CA ILE D 378 27.93 -14.74 -7.25
C ILE D 378 29.48 -14.92 -7.11
N ILE D 379 29.92 -16.16 -7.05
CA ILE D 379 31.36 -16.42 -7.06
C ILE D 379 32.01 -16.00 -8.39
N ALA D 380 31.37 -16.36 -9.52
CA ALA D 380 31.84 -15.91 -10.85
C ALA D 380 31.88 -14.38 -11.02
N ASP D 381 30.99 -13.66 -10.35
CA ASP D 381 30.97 -12.19 -10.38
C ASP D 381 32.16 -11.65 -9.61
N LEU D 382 32.39 -12.21 -8.42
CA LEU D 382 33.53 -11.81 -7.61
C LEU D 382 34.81 -12.16 -8.33
N LYS D 383 34.84 -13.36 -8.95
CA LYS D 383 36.00 -13.86 -9.66
C LYS D 383 36.42 -12.94 -10.81
N GLN D 384 35.49 -12.57 -11.69
CA GLN D 384 35.83 -11.66 -12.79
C GLN D 384 36.27 -10.26 -12.29
N ALA D 385 35.63 -9.78 -11.22
CA ALA D 385 35.94 -8.48 -10.61
C ALA D 385 37.28 -8.46 -9.86
N LEU D 386 37.82 -9.62 -9.52
CA LEU D 386 39.08 -9.70 -8.79
C LEU D 386 40.23 -9.95 -9.75
N GLU D 387 39.89 -10.38 -10.96
CA GLU D 387 40.91 -10.90 -11.86
C GLU D 387 41.03 -10.11 -13.17
N LEU D 388 40.08 -9.22 -13.42
CA LEU D 388 40.04 -8.48 -14.69
C LEU D 388 40.00 -6.96 -14.47
C 4LM E . -6.21 12.77 21.11
N 4LM E . -3.96 13.39 20.32
O1 4LM E . -7.19 12.15 20.83
P 4LM E . 0.37 11.11 17.61
P 4LM E . 0.37 11.11 17.61
N1 4LM E . -0.17 16.72 19.94
N1 4LM E . -0.17 16.72 19.94
C2 4LM E . -1.50 16.89 20.04
C2 4LM E . -1.50 16.88 20.04
C3 4LM E . -2.35 15.79 19.98
C3 4LM E . -2.35 15.78 19.98
O3 4LM E . -3.67 16.02 20.09
O3 4LM E . -3.67 16.02 20.09
C4 4LM E . -1.87 14.50 19.75
C4 4LM E . -1.87 14.49 19.75
C5 4LM E . -0.49 14.36 19.67
C5 4LM E . -0.49 14.34 19.67
C6 4LM E . 0.32 15.49 19.75
C6 4LM E . 0.33 15.48 19.75
CA 4LM E . -4.91 12.41 20.47
CA 4LM E . -4.93 12.43 20.48
CB 4LM E . -4.58 11.16 20.06
CB 4LM E . -4.76 11.15 20.15
CG 4LM E . -5.47 9.95 20.14
CG 4LM E . -3.48 10.69 19.52
C2A 4LM E . -2.10 18.25 20.26
C2A 4LM E . -2.10 18.25 20.26
C4A 4LM E . -2.79 13.31 19.76
C4A 4LM E . -2.79 13.30 19.77
C5A 4LM E . 0.18 13.00 19.47
C5A 4LM E . 0.18 13.00 19.47
OP1 4LM E . 0.38 11.22 16.11
OP2 4LM E . -0.89 10.50 18.16
OP3 4LM E . 1.62 10.58 18.20
OP3 4LM E . 1.63 10.58 18.19
OP4 4LM E . 0.22 12.67 18.08
OP4 4LM E . 0.22 12.67 18.08
O2 4LM E . -6.30 13.72 21.92
O2 4LM E . -6.31 13.72 21.93
C MEE F . -3.55 7.76 23.47
S MEE F . -4.97 8.85 23.23
S SO4 G . 22.03 24.71 21.37
O1 SO4 G . 20.96 23.88 21.92
O2 SO4 G . 23.30 24.18 21.87
O3 SO4 G . 22.06 24.63 19.91
O4 SO4 G . 21.84 26.09 21.79
C1 GOL H . -28.50 19.62 36.94
O1 GOL H . -29.64 20.40 37.27
C2 GOL H . -28.97 18.18 36.76
O2 GOL H . -27.88 17.35 36.51
C3 GOL H . -30.01 18.02 35.65
O3 GOL H . -31.06 18.93 35.88
C 2LM I . -8.99 -22.69 -7.47
N 2LM I . -8.30 -21.39 -9.38
O1 2LM I . -9.03 -22.77 -6.23
P 2LM I . -7.79 -16.06 -10.91
N1 2LM I . -6.35 -21.18 -14.04
C2 2LM I . -6.31 -22.16 -13.11
C3 2LM I . -6.87 -21.90 -11.87
O3 2LM I . -6.82 -22.88 -10.92
C4 2LM I . -7.46 -20.65 -11.55
C5 2LM I . -7.54 -19.68 -12.56
C6 2LM I . -6.96 -19.97 -13.81
CA 2LM I . -8.94 -21.39 -8.17
CB 2LM I . -9.62 -20.13 -7.61
SD 2LM I . -12.39 -20.08 -6.81
CE 2LM I . -13.50 -21.31 -7.43
CG 2LM I . -10.66 -20.45 -6.51
C2A 2LM I . -5.65 -23.53 -13.39
C4A 2LM I . -8.12 -20.43 -10.23
C5A 2LM I . -8.18 -18.29 -12.32
OP1 2LM I . -6.49 -15.42 -10.52
OP2 2LM I . -8.58 -16.70 -9.82
OP3 2LM I . -8.71 -15.37 -11.87
OP4 2LM I . -7.23 -17.36 -11.79
O2 2LM I . -9.01 -23.77 -8.14
S SO4 J . -4.91 -14.14 -36.63
O1 SO4 J . -4.69 -15.26 -37.54
O2 SO4 J . -3.63 -13.71 -36.07
O3 SO4 J . -5.51 -13.02 -37.35
O4 SO4 J . -5.81 -14.57 -35.55
C 2LM K . -8.79 10.80 -21.15
N 2LM K . -10.32 9.08 -20.32
O1 2LM K . -7.86 11.48 -20.89
P 2LM K . -10.20 4.25 -17.61
N1 2LM K . -15.00 6.95 -19.99
C2 2LM K . -14.61 8.24 -20.08
C3 2LM K . -13.27 8.57 -19.97
O3 2LM K . -12.96 9.91 -20.08
C4 2LM K . -12.29 7.60 -19.71
C5 2LM K . -12.73 6.26 -19.68
C6 2LM K . -14.09 5.98 -19.78
CA 2LM K . -8.98 9.48 -20.52
CB 2LM K . -7.75 8.58 -20.23
SD 2LM K . -5.73 7.87 -22.43
CE 2LM K . -6.23 8.09 -24.11
CG 2LM K . -6.52 8.92 -21.14
C2A 2LM K . -15.62 9.34 -20.32
C4A 2LM K . -10.81 7.96 -19.75
C5A 2LM K . -11.82 5.08 -19.47
OP1 2LM K . -10.28 4.25 -16.09
OP2 2LM K . -9.07 5.07 -18.18
OP3 2LM K . -10.23 2.84 -18.18
OP4 2LM K . -11.53 4.97 -18.07
O2 2LM K . -9.55 11.30 -21.98
S SO4 L . -31.69 -9.57 -21.42
O1 SO4 L . -31.67 -10.96 -21.89
O2 SO4 L . -30.34 -9.03 -21.49
O3 SO4 L . -32.56 -8.75 -22.27
O4 SO4 L . -32.14 -9.54 -20.02
C1 GOL M . -3.49 34.85 -36.24
O1 GOL M . -4.06 36.06 -35.77
C2 GOL M . -4.58 33.79 -36.45
O2 GOL M . -3.94 32.57 -36.71
C3 GOL M . -5.48 34.19 -37.61
O3 GOL M . -5.87 35.56 -37.52
C 2LM N . 24.25 -1.22 7.67
N 2LM N . 22.75 -1.29 9.52
O1 2LM N . 24.38 -1.28 6.44
P 2LM N . 17.73 0.40 10.98
N1 2LM N . 21.64 -2.98 14.19
C2 2LM N . 22.51 -3.45 13.26
C3 2LM N . 22.55 -2.86 12.01
O3 2LM N . 23.43 -3.32 11.07
C4 2LM N . 21.70 -1.77 11.67
C5 2LM N . 20.84 -1.30 12.67
C6 2LM N . 20.82 -1.94 13.92
CA 2LM N . 23.02 -0.72 8.31
CB 2LM N . 22.15 0.41 7.68
SD 2LM N . 23.17 3.03 7.00
CE 2LM N . 24.75 3.52 7.63
CG 2LM N . 22.90 1.28 6.65
C2A 2LM N . 23.43 -4.63 13.64
C4A 2LM N . 21.77 -1.08 10.35
C5A 2LM N . 19.90 -0.14 12.43
OP1 2LM N . 16.58 -0.50 10.59
OP2 2LM N . 18.59 0.84 9.88
OP3 2LM N . 17.43 1.52 11.97
OP4 2LM N . 18.66 -0.63 11.83
O2 2LM N . 25.23 -1.53 8.40
S SO4 O . 14.76 -1.38 36.85
O1 SO4 O . 13.48 -1.46 36.15
O2 SO4 O . 14.66 -0.36 37.90
O3 SO4 O . 15.84 -1.03 35.92
O4 SO4 O . 15.05 -2.67 37.46
#